data_5FAG
#
_entry.id   5FAG
#
_cell.length_a   79.950
_cell.length_b   88.580
_cell.length_c   108.880
_cell.angle_alpha   90.00
_cell.angle_beta   102.60
_cell.angle_gamma   90.00
#
_symmetry.space_group_name_H-M   'P 1 21 1'
#
loop_
_entity.id
_entity.type
_entity.pdbx_description
1 polymer 'Alanine racemase'
2 non-polymer "PYRIDOXAL-5'-PHOSPHATE"
3 non-polymer 'PROPANOIC ACID'
4 non-polymer 'SODIUM ION'
5 non-polymer 'NITRATE ION'
6 water water
#
_entity_poly.entity_id   1
_entity_poly.type   'polypeptide(L)'
_entity_poly.pdbx_seq_one_letter_code
;MGSHHHHHHSSGLVPRGSHMSETTARRDADAVLRARAEIDLAALRANVRALRERAPGAALMAVVKADAYGHGAIPCARAA
VAAGATWLGTATPQEALALRAAEPGLPDDVRIMCWLWTPGGPWREAVEARLDVSVSAMWAMEEVTGAARAAGVPARVQL
(KCX)ADTGLGRGGCQPGADWERLVGAALRAEEEGLLRVTGLWSHFACADEPGHPSIAAQLTRFREMTAYAEQRGLRPEV
RHIANSPATLTLPDAHFDLVRPGIAMYGVSPSPEIGTPADFGLRPVMTLAASLALVKQVPGGHGVSYGHHYTTPGETTLG
LVPLGYADGIPRHASSSGPVLVDGKWRTVAGRIAMDQFVVDLGGDRPEPGAEAVLFGPGDRGEPTAEDWAQAAGTIAYEI
VTRIGSRVPRVYVNE
;
_entity_poly.pdbx_strand_id   A,B,C,D
#
loop_
_chem_comp.id
_chem_comp.type
_chem_comp.name
_chem_comp.formula
NA non-polymer 'SODIUM ION' 'Na 1'
NO3 non-polymer 'NITRATE ION' 'N O3 -1'
PLP non-polymer PYRIDOXAL-5'-PHOSPHATE 'C8 H10 N O6 P'
PPI non-polymer 'PROPANOIC ACID' 'C3 H6 O2'
#
# COMPACT_ATOMS: atom_id res chain seq x y z
N SER A 21 -23.37 -4.68 15.13
CA SER A 21 -24.72 -4.07 14.93
C SER A 21 -24.62 -2.70 14.26
N GLU A 22 -25.72 -2.29 13.63
CA GLU A 22 -25.86 -0.93 13.08
C GLU A 22 -25.63 0.17 14.16
N THR A 23 -26.07 -0.04 15.39
CA THR A 23 -25.81 0.94 16.49
C THR A 23 -24.27 0.99 16.85
N THR A 24 -23.62 -0.18 16.78
CA THR A 24 -22.17 -0.27 17.04
C THR A 24 -21.37 0.28 15.83
N ALA A 25 -21.81 -0.02 14.59
CA ALA A 25 -21.13 0.55 13.40
C ALA A 25 -21.22 2.12 13.38
N ARG A 26 -22.37 2.66 13.80
CA ARG A 26 -22.53 4.13 13.78
CA ARG A 26 -22.62 4.13 13.88
C ARG A 26 -21.67 4.78 14.86
N ARG A 27 -21.57 4.10 16.01
CA ARG A 27 -20.67 4.52 17.09
CA ARG A 27 -20.68 4.47 17.10
C ARG A 27 -19.23 4.55 16.58
N ASP A 28 -18.78 3.50 15.91
CA ASP A 28 -17.37 3.46 15.39
C ASP A 28 -17.10 4.58 14.36
N ALA A 29 -18.08 4.75 13.46
CA ALA A 29 -18.03 5.72 12.35
C ALA A 29 -17.98 7.14 12.93
N ASP A 30 -18.65 7.30 14.07
CA ASP A 30 -18.65 8.55 14.83
CA ASP A 30 -18.63 8.53 14.81
C ASP A 30 -17.26 8.95 15.43
N ALA A 31 -16.56 8.08 16.19
CA ALA A 31 -15.25 8.51 16.81
C ALA A 31 -14.18 8.80 15.76
N VAL A 32 -14.26 8.08 14.62
CA VAL A 32 -13.26 8.36 13.57
C VAL A 32 -13.37 9.71 12.90
N LEU A 33 -14.50 10.40 13.05
CA LEU A 33 -14.62 11.68 12.43
C LEU A 33 -13.59 12.68 12.92
N ARG A 34 -13.31 12.71 14.21
CA ARG A 34 -12.40 13.68 14.76
C ARG A 34 -10.97 13.34 14.23
N ALA A 35 -10.58 12.09 14.42
CA ALA A 35 -9.18 11.65 14.13
C ALA A 35 -9.11 10.18 14.08
N ARG A 36 -8.08 9.64 13.44
CA ARG A 36 -7.88 8.18 13.41
CA ARG A 36 -7.88 8.19 13.42
C ARG A 36 -6.43 7.86 13.12
N ALA A 37 -6.03 6.69 13.57
CA ALA A 37 -4.78 6.10 13.21
C ALA A 37 -5.10 4.92 12.29
N GLU A 38 -4.82 5.07 11.02
CA GLU A 38 -5.06 4.06 10.02
CA GLU A 38 -5.06 4.06 10.02
C GLU A 38 -3.86 3.08 9.99
N ILE A 39 -4.12 1.80 10.17
CA ILE A 39 -3.06 0.78 10.32
C ILE A 39 -3.15 -0.13 9.08
N ASP A 40 -2.23 0.03 8.20
CA ASP A 40 -2.23 -0.80 6.96
C ASP A 40 -1.49 -2.10 7.10
N LEU A 41 -2.27 -3.13 7.30
CA LEU A 41 -1.71 -4.44 7.60
CA LEU A 41 -1.70 -4.42 7.59
C LEU A 41 -0.99 -5.06 6.39
N ALA A 42 -1.31 -4.59 5.19
CA ALA A 42 -0.57 -5.04 3.99
C ALA A 42 0.82 -4.47 3.99
N ALA A 43 0.97 -3.23 4.45
CA ALA A 43 2.30 -2.64 4.67
C ALA A 43 3.03 -3.43 5.71
N LEU A 44 2.35 -3.81 6.81
CA LEU A 44 3.05 -4.59 7.86
C LEU A 44 3.53 -5.98 7.28
N ARG A 45 2.65 -6.65 6.54
CA ARG A 45 3.00 -7.95 5.92
C ARG A 45 4.19 -7.79 4.98
N ALA A 46 4.20 -6.72 4.20
CA ALA A 46 5.27 -6.41 3.27
C ALA A 46 6.58 -6.18 4.01
N ASN A 47 6.49 -5.49 5.16
CA ASN A 47 7.69 -5.31 5.98
C ASN A 47 8.22 -6.62 6.50
N VAL A 48 7.32 -7.50 6.97
CA VAL A 48 7.74 -8.77 7.51
C VAL A 48 8.46 -9.57 6.37
N ARG A 49 7.91 -9.49 5.17
CA ARG A 49 8.59 -10.20 4.02
C ARG A 49 9.96 -9.64 3.76
N ALA A 50 10.06 -8.32 3.76
CA ALA A 50 11.32 -7.63 3.54
C ALA A 50 12.36 -8.03 4.61
N LEU A 51 11.91 -8.14 5.89
CA LEU A 51 12.83 -8.45 6.96
C LEU A 51 13.24 -9.92 6.88
N ARG A 52 12.33 -10.81 6.55
CA ARG A 52 12.67 -12.25 6.36
C ARG A 52 13.72 -12.43 5.25
N GLU A 53 13.61 -11.63 4.17
CA GLU A 53 14.61 -11.63 3.07
C GLU A 53 15.92 -11.19 3.56
N ARG A 54 15.92 -10.19 4.46
CA ARG A 54 17.14 -9.62 5.01
CA ARG A 54 17.15 -9.62 4.98
C ARG A 54 17.88 -10.52 6.00
N ALA A 55 17.16 -11.42 6.63
CA ALA A 55 17.71 -12.35 7.62
C ALA A 55 17.39 -13.79 7.25
N PRO A 56 17.92 -14.25 6.09
CA PRO A 56 17.54 -15.55 5.58
C PRO A 56 17.94 -16.75 6.49
N GLY A 57 18.99 -16.59 7.28
CA GLY A 57 19.36 -17.67 8.24
C GLY A 57 18.46 -17.87 9.47
N ALA A 58 17.59 -16.93 9.74
CA ALA A 58 16.84 -16.92 10.96
C ALA A 58 15.36 -16.88 10.97
N ALA A 59 14.77 -17.37 12.05
CA ALA A 59 13.34 -17.19 12.23
C ALA A 59 13.10 -15.71 12.60
N LEU A 60 11.91 -15.23 12.35
CA LEU A 60 11.58 -13.84 12.64
C LEU A 60 10.56 -13.80 13.75
N MET A 61 10.87 -12.95 14.76
CA MET A 61 9.94 -12.69 15.84
C MET A 61 9.29 -11.34 15.53
N ALA A 62 7.98 -11.35 15.62
CA ALA A 62 7.16 -10.14 15.53
C ALA A 62 7.04 -9.60 16.96
N VAL A 63 7.73 -8.50 17.22
CA VAL A 63 7.67 -7.82 18.52
C VAL A 63 6.44 -6.96 18.56
N VAL A 64 5.49 -7.35 19.42
CA VAL A 64 4.15 -6.77 19.48
C VAL A 64 3.83 -6.19 20.87
N LYS A 65 4.88 -5.93 21.62
CA LYS A 65 4.74 -5.30 22.94
C LYS A 65 4.15 -3.90 22.75
N ALA A 66 3.66 -3.36 23.88
CA ALA A 66 3.18 -1.98 23.95
C ALA A 66 2.10 -1.81 22.89
N ASP A 67 1.17 -2.75 22.86
CA ASP A 67 0.06 -2.75 21.93
C ASP A 67 0.56 -2.62 20.46
N ALA A 68 1.54 -3.47 20.15
CA ALA A 68 2.23 -3.42 18.87
C ALA A 68 2.72 -2.02 18.53
N TYR A 69 3.48 -1.44 19.47
CA TYR A 69 4.08 -0.13 19.26
C TYR A 69 2.99 0.90 18.86
N GLY A 70 1.83 0.77 19.49
CA GLY A 70 0.72 1.68 19.22
C GLY A 70 -0.20 1.29 18.06
N HIS A 71 0.11 0.19 17.36
CA HIS A 71 -0.65 -0.22 16.17
C HIS A 71 -1.76 -1.19 16.38
N GLY A 72 -1.80 -1.87 17.52
CA GLY A 72 -2.80 -2.91 17.87
C GLY A 72 -2.19 -4.30 17.92
N ALA A 73 -1.99 -4.81 19.14
CA ALA A 73 -1.27 -6.09 19.34
C ALA A 73 -1.81 -7.28 18.52
N ILE A 74 -3.08 -7.61 18.70
CA ILE A 74 -3.65 -8.81 18.07
C ILE A 74 -3.73 -8.70 16.54
N PRO A 75 -4.25 -7.58 15.97
CA PRO A 75 -4.23 -7.52 14.51
C PRO A 75 -2.86 -7.55 13.86
N CYS A 76 -1.90 -6.90 14.49
CA CYS A 76 -0.54 -6.91 13.97
C CYS A 76 0.12 -8.28 14.13
N ALA A 77 -0.07 -8.94 15.28
CA ALA A 77 0.41 -10.30 15.47
C ALA A 77 -0.15 -11.25 14.37
N ARG A 78 -1.42 -11.15 14.11
CA ARG A 78 -2.03 -12.04 13.11
C ARG A 78 -1.40 -11.82 11.75
N ALA A 79 -1.23 -10.54 11.38
CA ALA A 79 -0.66 -10.19 10.09
C ALA A 79 0.77 -10.63 9.98
N ALA A 80 1.55 -10.48 11.08
CA ALA A 80 2.92 -10.89 11.05
C ALA A 80 3.06 -12.40 10.90
N VAL A 81 2.19 -13.14 11.56
CA VAL A 81 2.22 -14.64 11.51
C VAL A 81 1.85 -15.05 10.07
N ALA A 82 0.85 -14.39 9.48
CA ALA A 82 0.48 -14.66 8.08
C ALA A 82 1.61 -14.44 7.14
N ALA A 83 2.47 -13.46 7.42
CA ALA A 83 3.59 -13.10 6.57
C ALA A 83 4.85 -13.91 6.85
N GLY A 84 4.82 -14.83 7.80
CA GLY A 84 5.95 -15.74 8.04
C GLY A 84 6.64 -15.65 9.39
N ALA A 85 6.19 -14.74 10.28
CA ALA A 85 6.78 -14.72 11.61
C ALA A 85 6.42 -15.97 12.34
N THR A 86 7.38 -16.59 13.00
CA THR A 86 7.12 -17.81 13.76
C THR A 86 7.20 -17.64 15.29
N TRP A 87 7.62 -16.47 15.73
CA TRP A 87 7.68 -16.09 17.15
C TRP A 87 6.93 -14.78 17.29
N LEU A 88 6.25 -14.61 18.43
CA LEU A 88 5.74 -13.30 18.87
C LEU A 88 6.46 -12.94 20.15
N GLY A 89 6.75 -11.63 20.32
CA GLY A 89 7.47 -11.14 21.49
C GLY A 89 6.66 -10.04 22.14
N THR A 90 6.54 -10.14 23.46
CA THR A 90 5.89 -9.08 24.27
C THR A 90 6.71 -8.82 25.49
N ALA A 91 6.44 -7.68 26.11
CA ALA A 91 7.13 -7.34 27.33
C ALA A 91 6.44 -8.12 28.47
N THR A 92 5.22 -7.70 28.82
CA THR A 92 4.63 -8.21 30.07
C THR A 92 4.01 -9.60 29.82
N PRO A 93 3.92 -10.41 30.90
CA PRO A 93 3.14 -11.67 30.78
C PRO A 93 1.71 -11.42 30.44
N GLN A 94 1.13 -10.30 30.87
CA GLN A 94 -0.28 -10.04 30.51
C GLN A 94 -0.45 -9.84 29.02
N GLU A 95 0.48 -9.15 28.40
CA GLU A 95 0.44 -9.00 26.96
C GLU A 95 0.51 -10.38 26.24
N ALA A 96 1.41 -11.25 26.69
CA ALA A 96 1.64 -12.57 26.09
C ALA A 96 0.41 -13.44 26.30
N LEU A 97 -0.18 -13.36 27.48
CA LEU A 97 -1.37 -14.12 27.80
C LEU A 97 -2.54 -13.66 26.93
N ALA A 98 -2.60 -12.37 26.63
CA ALA A 98 -3.68 -11.86 25.81
C ALA A 98 -3.57 -12.40 24.36
N LEU A 99 -2.34 -12.58 23.88
CA LEU A 99 -2.12 -13.20 22.55
C LEU A 99 -2.60 -14.64 22.55
N ARG A 100 -2.32 -15.36 23.60
CA ARG A 100 -2.75 -16.74 23.69
C ARG A 100 -4.22 -16.89 23.76
N ALA A 101 -4.86 -15.95 24.40
CA ALA A 101 -6.31 -15.94 24.57
C ALA A 101 -7.08 -15.36 23.40
N ALA A 102 -6.41 -14.85 22.38
CA ALA A 102 -7.09 -14.21 21.27
C ALA A 102 -8.05 -15.19 20.60
N GLU A 103 -9.22 -14.68 20.19
CA GLU A 103 -10.19 -15.48 19.44
C GLU A 103 -10.63 -14.74 18.16
N PRO A 104 -10.54 -15.37 16.98
CA PRO A 104 -10.03 -16.76 16.81
C PRO A 104 -8.53 -16.90 17.18
N GLY A 105 -8.13 -18.04 17.64
CA GLY A 105 -6.78 -18.07 18.04
C GLY A 105 -5.77 -17.96 16.96
N LEU A 106 -4.62 -17.49 17.36
CA LEU A 106 -3.41 -17.56 16.56
C LEU A 106 -3.03 -19.05 16.46
N PRO A 107 -2.20 -19.43 15.51
CA PRO A 107 -1.88 -20.86 15.48
C PRO A 107 -1.24 -21.36 16.78
N ASP A 108 -1.65 -22.54 17.25
CA ASP A 108 -1.16 -23.07 18.54
C ASP A 108 0.35 -23.32 18.57
N ASP A 109 0.94 -23.51 17.38
CA ASP A 109 2.38 -23.70 17.22
C ASP A 109 3.27 -22.42 17.14
N VAL A 110 2.69 -21.22 17.26
CA VAL A 110 3.48 -19.98 17.29
C VAL A 110 4.06 -19.89 18.71
N ARG A 111 5.33 -19.56 18.80
CA ARG A 111 5.99 -19.43 20.10
C ARG A 111 5.76 -17.96 20.52
N ILE A 112 5.46 -17.79 21.80
CA ILE A 112 5.21 -16.44 22.36
C ILE A 112 6.14 -16.27 23.54
N MET A 113 6.98 -15.26 23.48
CA MET A 113 7.95 -14.97 24.52
C MET A 113 7.59 -13.72 25.23
N CYS A 114 7.81 -13.69 26.54
CA CYS A 114 7.67 -12.44 27.33
C CYS A 114 8.83 -12.32 28.29
N TRP A 115 9.23 -11.12 28.56
CA TRP A 115 10.46 -10.89 29.28
C TRP A 115 10.41 -9.94 30.46
N LEU A 116 9.36 -9.14 30.62
CA LEU A 116 9.36 -8.15 31.69
C LEU A 116 8.59 -8.70 32.87
N TRP A 117 9.32 -9.29 33.80
CA TRP A 117 8.73 -10.00 34.96
C TRP A 117 9.11 -9.28 36.22
N THR A 118 8.25 -9.36 37.21
CA THR A 118 8.55 -8.89 38.56
C THR A 118 8.16 -9.95 39.62
N PRO A 119 8.78 -9.87 40.81
CA PRO A 119 8.48 -10.92 41.81
C PRO A 119 7.01 -11.11 42.11
N GLY A 120 6.55 -12.35 42.02
CA GLY A 120 5.14 -12.65 42.29
C GLY A 120 4.22 -12.62 41.11
N GLY A 121 4.78 -12.36 39.92
CA GLY A 121 3.99 -12.40 38.72
C GLY A 121 3.44 -13.75 38.36
N PRO A 122 2.63 -13.84 37.32
CA PRO A 122 1.84 -15.03 37.03
C PRO A 122 2.64 -16.16 36.29
N TRP A 123 3.69 -16.64 36.94
CA TRP A 123 4.59 -17.62 36.30
C TRP A 123 3.87 -18.91 35.99
N ARG A 124 3.02 -19.36 36.92
CA ARG A 124 2.28 -20.58 36.71
C ARG A 124 1.31 -20.49 35.51
N GLU A 125 0.57 -19.40 35.41
CA GLU A 125 -0.32 -19.17 34.27
CA GLU A 125 -0.31 -19.14 34.26
C GLU A 125 0.51 -19.12 32.95
N ALA A 126 1.68 -18.49 32.97
CA ALA A 126 2.56 -18.47 31.78
C ALA A 126 3.06 -19.88 31.42
N VAL A 127 3.46 -20.67 32.43
CA VAL A 127 3.95 -22.00 32.20
C VAL A 127 2.82 -22.80 31.58
N GLU A 128 1.63 -22.72 32.15
CA GLU A 128 0.48 -23.48 31.65
C GLU A 128 0.04 -23.07 30.24
N ALA A 129 0.25 -21.79 29.88
CA ALA A 129 0.00 -21.28 28.50
C ALA A 129 1.16 -21.55 27.52
N ARG A 130 2.20 -22.30 27.97
CA ARG A 130 3.36 -22.65 27.15
C ARG A 130 4.09 -21.43 26.58
N LEU A 131 4.26 -20.41 27.42
CA LEU A 131 5.01 -19.24 27.00
C LEU A 131 6.46 -19.46 27.22
N ASP A 132 7.30 -18.90 26.34
CA ASP A 132 8.67 -18.76 26.64
C ASP A 132 8.87 -17.60 27.57
N VAL A 133 9.53 -17.80 28.71
CA VAL A 133 9.67 -16.72 29.69
C VAL A 133 11.12 -16.46 29.89
N SER A 134 11.50 -15.21 29.85
CA SER A 134 12.85 -14.82 30.10
C SER A 134 13.17 -14.76 31.60
N VAL A 135 14.39 -15.19 31.93
CA VAL A 135 14.92 -15.18 33.27
C VAL A 135 16.33 -14.56 33.25
N SER A 136 16.57 -13.54 34.10
CA SER A 136 17.82 -12.82 34.14
C SER A 136 18.48 -12.99 35.52
N ALA A 137 17.77 -13.64 36.47
CA ALA A 137 18.15 -13.56 37.88
C ALA A 137 17.68 -14.74 38.64
N MET A 138 18.44 -15.03 39.72
CA MET A 138 18.12 -16.17 40.57
C MET A 138 16.72 -16.07 41.13
N TRP A 139 16.24 -14.87 41.50
CA TRP A 139 14.89 -14.76 42.04
C TRP A 139 13.90 -15.37 41.06
N ALA A 140 14.05 -15.04 39.78
CA ALA A 140 13.11 -15.46 38.75
C ALA A 140 13.22 -16.93 38.40
N MET A 141 14.47 -17.43 38.39
CA MET A 141 14.73 -18.87 38.27
C MET A 141 13.97 -19.63 39.40
N GLU A 142 14.12 -19.13 40.64
CA GLU A 142 13.41 -19.77 41.79
CA GLU A 142 13.43 -19.75 41.82
C GLU A 142 11.92 -19.73 41.61
N GLU A 143 11.38 -18.58 41.16
CA GLU A 143 9.93 -18.46 41.00
C GLU A 143 9.39 -19.30 39.89
N VAL A 144 10.07 -19.35 38.78
CA VAL A 144 9.51 -20.13 37.65
C VAL A 144 9.65 -21.66 37.91
N THR A 145 10.75 -22.05 38.56
CA THR A 145 10.96 -23.47 38.94
CA THR A 145 10.97 -23.46 38.96
C THR A 145 9.88 -23.89 39.91
N GLY A 146 9.57 -23.03 40.89
CA GLY A 146 8.44 -23.28 41.84
C GLY A 146 7.10 -23.42 41.16
N ALA A 147 6.86 -22.55 40.18
CA ALA A 147 5.61 -22.59 39.42
C ALA A 147 5.49 -23.84 38.57
N ALA A 148 6.58 -24.25 37.92
CA ALA A 148 6.56 -25.44 37.09
C ALA A 148 6.29 -26.68 38.02
N ARG A 149 6.92 -26.68 39.20
CA ARG A 149 6.72 -27.74 40.20
C ARG A 149 5.25 -27.80 40.60
N ALA A 150 4.65 -26.64 40.92
CA ALA A 150 3.22 -26.62 41.27
C ALA A 150 2.29 -26.99 40.10
N ALA A 151 2.65 -26.64 38.88
CA ALA A 151 1.78 -26.91 37.71
C ALA A 151 1.91 -28.35 37.23
N GLY A 152 3.01 -29.03 37.58
CA GLY A 152 3.36 -30.31 37.01
C GLY A 152 3.66 -30.32 35.51
N VAL A 153 3.94 -29.15 34.91
CA VAL A 153 4.32 -29.03 33.43
C VAL A 153 5.62 -28.25 33.36
N PRO A 154 6.54 -28.64 32.46
CA PRO A 154 7.84 -27.99 32.43
C PRO A 154 7.75 -26.60 31.80
N ALA A 155 8.56 -25.68 32.30
CA ALA A 155 8.61 -24.32 31.76
C ALA A 155 9.57 -24.28 30.57
N ARG A 156 9.36 -23.28 29.72
CA ARG A 156 10.29 -22.93 28.59
C ARG A 156 10.96 -21.65 28.97
N VAL A 157 12.25 -21.70 29.26
CA VAL A 157 12.95 -20.57 29.82
C VAL A 157 13.96 -20.09 28.83
N GLN A 158 14.04 -18.78 28.67
CA GLN A 158 15.14 -18.13 28.00
C GLN A 158 16.01 -17.36 28.93
N LEU A 159 17.27 -17.73 29.04
CA LEU A 159 18.21 -16.98 29.84
CA LEU A 159 18.22 -16.99 29.85
C LEU A 159 18.71 -15.74 29.10
N KCX A 160 18.57 -14.60 29.75
CA KCX A 160 19.07 -13.39 29.22
CB KCX A 160 18.06 -12.21 29.49
CG KCX A 160 18.40 -11.00 28.60
CD KCX A 160 17.43 -9.81 28.80
CE KCX A 160 17.73 -8.69 27.77
NZ KCX A 160 17.46 -7.36 28.33
C KCX A 160 20.35 -13.06 29.75
O KCX A 160 20.57 -12.96 30.98
CX KCX A 160 16.56 -6.45 27.87
OQ1 KCX A 160 15.88 -6.63 26.88
OQ2 KCX A 160 16.40 -5.29 28.52
N ALA A 161 21.31 -12.86 28.84
CA ALA A 161 22.63 -12.35 29.16
C ALA A 161 22.75 -10.86 29.06
N ASP A 162 23.34 -10.20 30.07
CA ASP A 162 23.72 -8.82 29.99
C ASP A 162 25.09 -8.78 29.34
N THR A 163 25.11 -8.49 28.02
CA THR A 163 26.34 -8.49 27.21
C THR A 163 26.92 -7.14 27.10
N GLY A 164 26.30 -6.12 27.72
CA GLY A 164 26.81 -4.80 27.73
C GLY A 164 25.73 -3.71 27.77
N LEU A 165 24.49 -4.07 27.59
CA LEU A 165 23.40 -3.05 27.65
C LEU A 165 23.17 -2.51 29.07
N GLY A 166 23.42 -3.34 30.09
CA GLY A 166 23.24 -2.90 31.45
C GLY A 166 21.78 -2.71 31.89
N ARG A 167 20.89 -3.39 31.23
CA ARG A 167 19.47 -3.25 31.59
C ARG A 167 19.03 -4.58 32.15
N GLY A 168 18.27 -5.35 31.42
CA GLY A 168 17.72 -6.58 31.92
C GLY A 168 18.45 -7.86 32.10
N GLY A 169 19.65 -8.08 31.59
CA GLY A 169 20.14 -9.44 31.74
C GLY A 169 21.03 -9.85 32.90
N CYS A 170 21.49 -11.10 32.88
CA CYS A 170 22.44 -11.62 33.87
C CYS A 170 23.88 -11.24 33.54
N GLN A 171 24.64 -10.72 34.49
CA GLN A 171 26.02 -10.33 34.24
C GLN A 171 26.90 -11.53 34.00
N PRO A 172 27.90 -11.35 33.16
CA PRO A 172 28.86 -12.48 33.00
C PRO A 172 29.61 -12.72 34.31
N GLY A 173 30.24 -13.89 34.37
CA GLY A 173 31.06 -14.27 35.54
C GLY A 173 30.21 -15.08 36.44
N ALA A 174 30.38 -14.83 37.74
CA ALA A 174 29.77 -15.67 38.76
C ALA A 174 28.24 -15.69 38.72
N ASP A 175 27.64 -14.52 38.44
CA ASP A 175 26.18 -14.50 38.28
C ASP A 175 25.72 -15.48 37.21
N TRP A 176 26.36 -15.45 36.03
CA TRP A 176 25.92 -16.33 34.95
C TRP A 176 26.23 -17.82 35.21
N GLU A 177 27.41 -18.02 35.80
CA GLU A 177 27.78 -19.35 36.30
C GLU A 177 26.68 -19.91 37.23
N ARG A 178 26.23 -19.10 38.18
CA ARG A 178 25.18 -19.53 39.13
CA ARG A 178 25.18 -19.53 39.13
CA ARG A 178 25.18 -19.54 39.13
C ARG A 178 23.88 -19.79 38.40
N LEU A 179 23.52 -18.87 37.47
CA LEU A 179 22.25 -19.03 36.81
C LEU A 179 22.18 -20.22 35.88
N VAL A 180 23.27 -20.44 35.12
CA VAL A 180 23.36 -21.60 34.25
C VAL A 180 23.32 -22.87 35.10
N GLY A 181 24.06 -22.87 36.19
CA GLY A 181 23.99 -24.03 37.12
C GLY A 181 22.64 -24.32 37.65
N ALA A 182 21.92 -23.26 38.03
CA ALA A 182 20.57 -23.46 38.55
C ALA A 182 19.66 -23.99 37.49
N ALA A 183 19.83 -23.47 36.27
CA ALA A 183 19.00 -23.95 35.17
C ALA A 183 19.22 -25.45 34.86
N LEU A 184 20.48 -25.84 34.92
CA LEU A 184 20.85 -27.27 34.71
C LEU A 184 20.24 -28.16 35.75
N ARG A 185 20.24 -27.71 37.01
CA ARG A 185 19.62 -28.51 38.08
CA ARG A 185 19.64 -28.50 38.09
C ARG A 185 18.13 -28.62 37.85
N ALA A 186 17.51 -27.53 37.39
CA ALA A 186 16.08 -27.57 37.08
C ALA A 186 15.76 -28.47 35.93
N GLU A 187 16.63 -28.48 34.92
CA GLU A 187 16.46 -29.39 33.79
C GLU A 187 16.56 -30.84 34.26
N GLU A 188 17.51 -31.06 35.15
CA GLU A 188 17.76 -32.45 35.67
C GLU A 188 16.52 -32.93 36.43
N GLU A 189 15.86 -32.03 37.20
CA GLU A 189 14.56 -32.37 37.84
C GLU A 189 13.35 -32.38 36.92
N GLY A 190 13.52 -32.18 35.61
CA GLY A 190 12.35 -32.18 34.63
C GLY A 190 11.40 -30.97 34.77
N LEU A 191 11.89 -29.88 35.38
CA LEU A 191 11.04 -28.73 35.69
C LEU A 191 11.05 -27.66 34.59
N LEU A 192 12.09 -27.65 33.77
CA LEU A 192 12.10 -26.70 32.62
C LEU A 192 13.12 -27.16 31.60
N ARG A 193 13.04 -26.54 30.42
CA ARG A 193 14.06 -26.57 29.43
C ARG A 193 14.46 -25.17 29.07
N VAL A 194 15.77 -24.93 29.00
CA VAL A 194 16.27 -23.66 28.55
C VAL A 194 16.13 -23.72 27.08
N THR A 195 15.12 -23.03 26.56
CA THR A 195 14.85 -23.00 25.15
C THR A 195 15.60 -21.90 24.41
N GLY A 196 16.14 -20.90 25.09
CA GLY A 196 16.94 -19.82 24.45
C GLY A 196 17.95 -19.15 25.31
N LEU A 197 18.93 -18.53 24.66
CA LEU A 197 19.90 -17.70 25.26
C LEU A 197 19.83 -16.45 24.42
N TRP A 198 19.68 -15.34 25.08
CA TRP A 198 19.50 -14.08 24.36
C TRP A 198 20.03 -12.88 25.01
N SER A 199 20.16 -11.80 24.23
CA SER A 199 20.61 -10.56 24.74
C SER A 199 20.02 -9.40 23.85
N HIS A 200 20.48 -8.23 24.09
CA HIS A 200 19.97 -6.99 23.38
C HIS A 200 21.06 -5.94 23.31
N PHE A 201 21.18 -5.27 22.16
CA PHE A 201 22.22 -4.32 21.87
C PHE A 201 21.96 -2.95 22.44
N ALA A 202 22.99 -2.25 22.86
CA ALA A 202 22.88 -0.86 23.29
C ALA A 202 22.90 0.14 22.14
N CYS A 203 23.77 -0.13 21.16
CA CYS A 203 24.16 0.88 20.16
C CYS A 203 24.09 0.45 18.68
N ALA A 204 23.32 -0.59 18.40
CA ALA A 204 23.24 -1.14 17.07
C ALA A 204 22.72 -0.14 16.03
N ASP A 205 22.01 0.90 16.49
CA ASP A 205 21.53 1.97 15.58
C ASP A 205 22.64 2.90 15.14
N GLU A 206 23.86 2.75 15.67
CA GLU A 206 25.04 3.54 15.32
C GLU A 206 26.09 2.58 14.70
N PRO A 207 25.99 2.34 13.39
CA PRO A 207 26.87 1.40 12.74
C PRO A 207 28.37 1.63 12.98
N GLY A 208 29.06 0.53 13.26
CA GLY A 208 30.46 0.56 13.67
C GLY A 208 30.78 1.01 15.09
N HIS A 209 29.76 1.31 15.94
CA HIS A 209 30.04 1.64 17.35
C HIS A 209 30.77 0.44 18.00
N PRO A 210 31.88 0.69 18.73
CA PRO A 210 32.72 -0.44 19.24
C PRO A 210 31.97 -1.36 20.21
N SER A 211 30.92 -0.83 20.88
CA SER A 211 30.09 -1.69 21.74
C SER A 211 29.38 -2.80 21.08
N ILE A 212 29.11 -2.70 19.78
CA ILE A 212 28.40 -3.70 19.08
C ILE A 212 29.22 -4.98 19.01
N ALA A 213 30.41 -4.87 18.45
CA ALA A 213 31.30 -6.03 18.43
C ALA A 213 31.54 -6.55 19.86
N ALA A 214 31.72 -5.66 20.80
CA ALA A 214 31.98 -6.06 22.22
C ALA A 214 30.87 -6.89 22.77
N GLN A 215 29.62 -6.49 22.46
CA GLN A 215 28.51 -7.29 22.84
C GLN A 215 28.43 -8.54 22.15
N LEU A 216 28.71 -8.62 20.83
CA LEU A 216 28.61 -9.88 20.13
C LEU A 216 29.67 -10.91 20.64
N THR A 217 30.84 -10.37 20.96
CA THR A 217 31.94 -11.22 21.48
C THR A 217 31.55 -11.79 22.87
N ARG A 218 30.99 -10.92 23.69
CA ARG A 218 30.50 -11.37 25.01
C ARG A 218 29.36 -12.34 24.88
N PHE A 219 28.40 -12.04 23.97
CA PHE A 219 27.34 -12.97 23.71
C PHE A 219 27.83 -14.34 23.32
N ARG A 220 28.79 -14.40 22.39
CA ARG A 220 29.37 -15.68 21.93
CA ARG A 220 29.36 -15.69 21.94
C ARG A 220 30.02 -16.41 23.11
N GLU A 221 30.74 -15.67 23.91
CA GLU A 221 31.40 -16.26 25.08
C GLU A 221 30.44 -16.79 26.13
N MET A 222 29.41 -16.00 26.46
CA MET A 222 28.44 -16.47 27.45
C MET A 222 27.63 -17.59 26.97
N THR A 223 27.24 -17.60 25.71
CA THR A 223 26.40 -18.68 25.18
C THR A 223 27.27 -19.99 25.03
N ALA A 224 28.51 -19.82 24.62
CA ALA A 224 29.44 -20.98 24.51
C ALA A 224 29.58 -21.66 25.88
N TYR A 225 29.76 -20.84 26.90
CA TYR A 225 29.86 -21.29 28.31
C TYR A 225 28.63 -22.06 28.70
N ALA A 226 27.44 -21.49 28.44
CA ALA A 226 26.21 -22.19 28.76
C ALA A 226 26.07 -23.52 28.08
N GLU A 227 26.45 -23.57 26.81
CA GLU A 227 26.33 -24.82 26.08
C GLU A 227 27.40 -25.86 26.57
N GLN A 228 28.61 -25.40 26.84
CA GLN A 228 29.75 -26.22 27.44
C GLN A 228 29.31 -26.89 28.75
N ARG A 229 28.59 -26.13 29.59
CA ARG A 229 28.01 -26.70 30.81
C ARG A 229 26.86 -27.66 30.58
N GLY A 230 26.23 -27.66 29.41
CA GLY A 230 25.20 -28.60 29.08
C GLY A 230 23.89 -28.12 28.51
N LEU A 231 23.65 -26.82 28.53
CA LEU A 231 22.40 -26.28 28.01
C LEU A 231 22.32 -26.40 26.47
N ARG A 232 21.14 -26.73 25.96
CA ARG A 232 20.90 -26.96 24.55
C ARG A 232 19.72 -26.13 24.08
N PRO A 233 19.93 -24.85 23.92
CA PRO A 233 18.78 -23.99 23.48
C PRO A 233 18.34 -24.23 22.05
N GLU A 234 17.06 -24.07 21.76
CA GLU A 234 16.57 -24.02 20.38
C GLU A 234 17.05 -22.80 19.65
N VAL A 235 17.07 -21.66 20.35
CA VAL A 235 17.45 -20.36 19.70
C VAL A 235 18.42 -19.54 20.49
N ARG A 236 19.43 -19.07 19.83
CA ARG A 236 20.19 -17.90 20.27
CA ARG A 236 20.17 -17.85 20.29
C ARG A 236 19.87 -16.53 19.43
N HIS A 237 19.64 -15.50 20.23
CA HIS A 237 19.21 -14.28 19.58
C HIS A 237 19.64 -13.04 20.28
N ILE A 238 20.05 -12.04 19.49
CA ILE A 238 20.47 -10.77 19.97
C ILE A 238 19.96 -9.57 19.13
N ALA A 239 19.56 -9.83 17.91
CA ALA A 239 19.24 -8.73 17.04
C ALA A 239 17.89 -8.04 17.10
N ASN A 240 17.96 -6.75 17.33
CA ASN A 240 16.79 -5.80 17.20
C ASN A 240 16.73 -5.29 15.73
N SER A 241 15.88 -4.31 15.46
CA SER A 241 15.78 -3.80 14.07
C SER A 241 17.12 -3.31 13.47
N PRO A 242 17.81 -2.41 14.16
CA PRO A 242 18.97 -1.91 13.47
C PRO A 242 20.02 -2.98 13.26
N ALA A 243 20.15 -3.92 14.20
CA ALA A 243 21.05 -5.12 13.93
C ALA A 243 20.55 -6.04 12.80
N THR A 244 19.26 -6.32 12.76
CA THR A 244 18.69 -7.07 11.70
C THR A 244 19.03 -6.47 10.32
N LEU A 245 18.91 -5.15 10.23
CA LEU A 245 19.11 -4.45 8.98
C LEU A 245 20.57 -4.35 8.54
N THR A 246 21.51 -4.34 9.47
CA THR A 246 22.88 -3.98 9.19
C THR A 246 23.94 -5.03 9.53
N LEU A 247 23.59 -6.08 10.28
CA LEU A 247 24.57 -6.96 10.94
C LEU A 247 24.22 -8.42 10.78
N PRO A 248 24.40 -8.96 9.58
CA PRO A 248 24.09 -10.36 9.37
C PRO A 248 24.80 -11.35 10.36
N ASP A 249 25.95 -11.00 10.86
CA ASP A 249 26.68 -11.83 11.82
CA ASP A 249 26.66 -11.85 11.83
C ASP A 249 25.93 -11.92 13.16
N ALA A 250 24.98 -11.00 13.37
CA ALA A 250 24.13 -10.97 14.59
C ALA A 250 22.80 -11.63 14.44
N HIS A 251 22.50 -12.20 13.30
CA HIS A 251 21.22 -12.82 13.12
C HIS A 251 20.97 -14.10 13.88
N PHE A 252 22.02 -14.87 14.11
CA PHE A 252 21.90 -16.13 14.79
C PHE A 252 20.68 -16.93 14.37
N ASP A 253 19.90 -17.45 15.29
CA ASP A 253 18.76 -18.28 14.96
C ASP A 253 17.44 -17.57 14.80
N LEU A 254 17.37 -16.35 15.26
CA LEU A 254 16.11 -15.62 15.48
CA LEU A 254 16.12 -15.62 15.47
C LEU A 254 16.42 -14.15 15.52
N VAL A 255 15.61 -13.34 14.80
CA VAL A 255 15.76 -11.88 14.80
C VAL A 255 14.48 -11.19 15.33
N ARG A 256 14.66 -10.03 16.00
CA ARG A 256 13.50 -9.34 16.64
C ARG A 256 13.34 -7.91 16.16
N PRO A 257 12.99 -7.74 14.89
CA PRO A 257 12.97 -6.40 14.31
C PRO A 257 11.64 -5.67 14.56
N GLY A 258 11.49 -5.03 15.74
CA GLY A 258 10.29 -4.40 16.14
C GLY A 258 9.87 -3.19 15.29
N ILE A 259 10.63 -2.12 15.42
CA ILE A 259 10.23 -0.83 14.78
C ILE A 259 10.15 -1.00 13.26
N ALA A 260 11.06 -1.81 12.71
CA ALA A 260 11.06 -2.02 11.24
C ALA A 260 9.88 -2.73 10.76
N MET A 261 9.28 -3.59 11.57
CA MET A 261 8.04 -4.29 11.19
C MET A 261 6.94 -3.28 10.98
N TYR A 262 6.99 -2.19 11.74
CA TYR A 262 6.00 -1.11 11.61
C TYR A 262 6.40 -0.08 10.55
N GLY A 263 7.46 -0.41 9.83
CA GLY A 263 7.90 0.38 8.67
C GLY A 263 8.68 1.60 8.91
N VAL A 264 9.17 1.74 10.14
CA VAL A 264 9.82 2.91 10.61
C VAL A 264 11.29 2.58 10.80
N SER A 265 12.18 3.45 10.32
CA SER A 265 13.60 3.16 10.42
C SER A 265 14.12 3.46 11.84
N PRO A 266 14.95 2.58 12.38
CA PRO A 266 15.45 2.82 13.73
C PRO A 266 16.19 4.11 13.93
N SER A 267 16.88 4.63 12.90
CA SER A 267 17.44 5.97 12.93
C SER A 267 17.83 6.45 11.53
N PRO A 268 17.87 7.76 11.32
CA PRO A 268 18.38 8.27 10.02
C PRO A 268 19.83 7.79 9.73
N GLU A 269 20.60 7.52 10.77
CA GLU A 269 21.94 6.96 10.61
C GLU A 269 21.95 5.54 9.98
N ILE A 270 20.96 4.73 10.33
CA ILE A 270 20.71 3.45 9.69
C ILE A 270 20.19 3.62 8.27
N GLY A 271 19.16 4.47 8.07
CA GLY A 271 18.69 4.83 6.75
C GLY A 271 17.18 5.22 6.78
N THR A 272 16.57 5.28 5.62
CA THR A 272 15.16 5.58 5.48
C THR A 272 14.42 4.24 5.36
N PRO A 273 13.11 4.26 5.58
CA PRO A 273 12.38 3.04 5.29
C PRO A 273 12.58 2.46 3.90
N ALA A 274 12.53 3.34 2.91
CA ALA A 274 12.70 2.97 1.50
C ALA A 274 14.05 2.26 1.25
N ASP A 275 15.10 2.64 1.96
CA ASP A 275 16.43 1.95 1.87
C ASP A 275 16.37 0.50 2.20
N PHE A 276 15.43 0.08 3.09
CA PHE A 276 15.22 -1.33 3.43
C PHE A 276 13.99 -2.02 2.91
N GLY A 277 13.27 -1.40 1.95
CA GLY A 277 12.10 -2.04 1.37
C GLY A 277 10.92 -2.02 2.37
N LEU A 278 10.95 -1.03 3.24
CA LEU A 278 9.91 -0.86 4.32
C LEU A 278 8.99 0.29 4.03
N ARG A 279 7.80 0.18 4.57
CA ARG A 279 6.78 1.19 4.40
C ARG A 279 6.08 1.41 5.77
N PRO A 280 6.04 2.68 6.24
CA PRO A 280 5.30 2.98 7.53
C PRO A 280 3.90 2.48 7.51
N VAL A 281 3.51 1.84 8.61
CA VAL A 281 2.24 1.18 8.75
C VAL A 281 1.14 2.15 9.22
N MET A 282 1.49 3.09 10.08
CA MET A 282 0.54 4.00 10.66
C MET A 282 0.43 5.31 9.89
N THR A 283 -0.82 5.73 9.67
CA THR A 283 -1.07 7.08 9.23
C THR A 283 -1.98 7.74 10.26
N LEU A 284 -1.63 8.93 10.71
CA LEU A 284 -2.38 9.65 11.73
C LEU A 284 -2.96 10.87 11.05
N ALA A 285 -4.30 10.98 11.13
CA ALA A 285 -5.03 12.09 10.49
C ALA A 285 -6.16 12.57 11.34
N ALA A 286 -6.60 13.81 11.09
CA ALA A 286 -7.68 14.44 11.84
C ALA A 286 -8.47 15.31 10.88
N SER A 287 -9.66 15.72 11.35
CA SER A 287 -10.56 16.54 10.61
C SER A 287 -10.55 17.90 11.23
N LEU A 288 -10.40 18.94 10.43
CA LEU A 288 -10.30 20.29 11.03
C LEU A 288 -11.60 20.66 11.79
N ALA A 289 -11.48 21.25 12.98
CA ALA A 289 -12.65 21.57 13.80
C ALA A 289 -13.10 22.99 13.58
N LEU A 290 -12.22 23.82 13.07
CA LEU A 290 -12.51 25.25 12.90
C LEU A 290 -11.55 25.84 11.88
N VAL A 291 -12.07 26.78 11.06
CA VAL A 291 -11.21 27.55 10.14
C VAL A 291 -11.69 28.98 10.25
N LYS A 292 -10.85 29.87 10.72
CA LYS A 292 -11.32 31.21 10.97
C LYS A 292 -10.35 32.26 10.57
N GLN A 293 -10.89 33.41 10.15
CA GLN A 293 -10.02 34.57 9.88
C GLN A 293 -9.70 35.32 11.13
N VAL A 294 -8.47 35.79 11.27
CA VAL A 294 -8.04 36.57 12.39
C VAL A 294 -7.16 37.75 11.90
N PRO A 295 -7.17 38.85 12.66
CA PRO A 295 -6.27 39.95 12.33
C PRO A 295 -4.81 39.66 12.59
N GLY A 296 -3.95 40.55 12.12
CA GLY A 296 -2.56 40.56 12.53
C GLY A 296 -2.43 40.94 13.99
N GLY A 297 -1.30 40.58 14.58
CA GLY A 297 -1.02 40.84 15.98
C GLY A 297 -1.87 40.03 16.98
N HIS A 298 -2.52 38.96 16.48
CA HIS A 298 -3.31 38.05 17.36
C HIS A 298 -2.38 36.94 17.93
N GLY A 299 -2.32 36.80 19.25
CA GLY A 299 -1.55 35.70 19.87
C GLY A 299 -2.24 34.40 19.59
N VAL A 300 -1.49 33.30 19.63
CA VAL A 300 -2.12 32.01 19.30
C VAL A 300 -1.62 31.02 20.35
N SER A 301 -2.59 30.44 21.04
CA SER A 301 -2.34 29.37 22.06
C SER A 301 -1.60 29.78 23.27
N TYR A 302 -1.37 28.83 24.24
CA TYR A 302 -0.94 29.18 25.52
C TYR A 302 0.42 29.91 25.51
N GLY A 303 0.56 30.93 26.35
CA GLY A 303 1.78 31.71 26.38
C GLY A 303 1.96 32.65 25.19
N HIS A 304 1.10 32.58 24.18
CA HIS A 304 1.21 33.44 23.00
C HIS A 304 2.62 33.39 22.39
N HIS A 305 3.09 32.17 22.13
CA HIS A 305 4.41 31.96 21.58
C HIS A 305 4.45 32.18 20.08
N TYR A 306 3.29 32.31 19.48
CA TYR A 306 3.14 32.67 18.10
C TYR A 306 2.18 33.83 18.07
N THR A 307 2.52 34.80 17.23
CA THR A 307 1.63 35.96 16.96
C THR A 307 1.48 36.09 15.48
N THR A 308 0.24 36.23 15.01
CA THR A 308 -0.05 36.31 13.57
C THR A 308 0.70 37.57 13.00
N PRO A 309 1.36 37.41 11.84
CA PRO A 309 2.17 38.52 11.31
C PRO A 309 1.33 39.52 10.56
N GLY A 310 0.17 39.08 10.08
CA GLY A 310 -0.83 39.95 9.43
C GLY A 310 -2.14 39.21 9.43
N GLU A 311 -3.15 39.78 8.78
CA GLU A 311 -4.44 39.13 8.64
C GLU A 311 -4.22 37.72 8.03
N THR A 312 -4.84 36.69 8.60
CA THR A 312 -4.58 35.32 8.15
C THR A 312 -5.76 34.42 8.54
N THR A 313 -5.66 33.15 8.21
CA THR A 313 -6.62 32.17 8.64
C THR A 313 -5.91 31.16 9.54
N LEU A 314 -6.66 30.71 10.55
CA LEU A 314 -6.15 29.70 11.51
C LEU A 314 -7.00 28.46 11.32
N GLY A 315 -6.32 27.32 11.42
CA GLY A 315 -7.04 26.02 11.37
C GLY A 315 -6.84 25.33 12.70
N LEU A 316 -7.93 24.78 13.28
CA LEU A 316 -7.83 24.02 14.57
C LEU A 316 -7.86 22.52 14.33
N VAL A 317 -6.73 21.86 14.66
CA VAL A 317 -6.57 20.44 14.49
C VAL A 317 -6.92 19.80 15.88
N PRO A 318 -7.97 18.94 15.90
CA PRO A 318 -8.52 18.44 17.20
C PRO A 318 -7.78 17.22 17.72
N LEU A 319 -6.45 17.33 17.77
CA LEU A 319 -5.60 16.39 18.48
C LEU A 319 -4.68 17.15 19.37
N GLY A 320 -4.38 16.62 20.56
CA GLY A 320 -3.47 17.31 21.47
C GLY A 320 -2.57 16.28 22.20
N TYR A 321 -1.84 16.75 23.22
CA TYR A 321 -0.90 15.88 23.88
C TYR A 321 -1.62 14.68 24.61
N ALA A 322 -2.89 14.85 25.01
CA ALA A 322 -3.62 13.64 25.54
C ALA A 322 -3.81 12.56 24.49
N ASP A 323 -3.76 12.93 23.19
CA ASP A 323 -3.82 12.03 22.10
C ASP A 323 -2.43 11.55 21.63
N GLY A 324 -1.37 11.93 22.36
CA GLY A 324 -0.07 11.57 21.97
C GLY A 324 0.66 12.54 20.98
N ILE A 325 0.10 13.72 20.78
CA ILE A 325 0.83 14.76 19.99
C ILE A 325 1.78 15.38 20.98
N PRO A 326 3.09 15.12 20.83
CA PRO A 326 3.98 15.56 21.90
C PRO A 326 4.05 17.07 22.05
N ARG A 327 3.96 17.50 23.27
CA ARG A 327 3.99 18.94 23.57
C ARG A 327 5.33 19.55 23.11
N HIS A 328 6.41 18.77 23.13
CA HIS A 328 7.66 19.22 22.59
C HIS A 328 7.64 19.64 21.13
N ALA A 329 6.65 19.20 20.34
CA ALA A 329 6.55 19.60 18.96
C ALA A 329 5.81 20.96 18.79
N SER A 330 5.63 21.66 19.89
CA SER A 330 5.05 23.02 19.88
C SER A 330 5.94 23.90 18.96
N SER A 331 5.26 24.74 18.21
CA SER A 331 5.89 25.57 17.16
C SER A 331 6.63 24.84 16.05
N SER A 332 6.56 23.49 15.93
CA SER A 332 7.40 22.79 14.93
C SER A 332 6.78 21.63 14.24
N GLY A 333 5.78 20.98 14.85
CA GLY A 333 5.23 19.78 14.28
C GLY A 333 4.62 20.03 12.87
N PRO A 334 4.93 19.15 11.92
CA PRO A 334 4.38 19.33 10.57
C PRO A 334 3.07 18.64 10.30
N VAL A 335 2.21 19.23 9.50
CA VAL A 335 0.91 18.65 9.15
CA VAL A 335 0.97 18.62 9.12
C VAL A 335 0.50 19.05 7.76
N LEU A 336 0.03 18.07 7.00
CA LEU A 336 -0.47 18.36 5.64
C LEU A 336 -1.89 18.81 5.76
N VAL A 337 -2.18 20.02 5.28
CA VAL A 337 -3.60 20.51 5.26
C VAL A 337 -3.80 21.29 3.94
N ASP A 338 -4.86 20.96 3.24
CA ASP A 338 -5.33 21.74 2.04
C ASP A 338 -4.14 21.91 1.05
N GLY A 339 -3.44 20.81 0.78
CA GLY A 339 -2.34 20.78 -0.20
C GLY A 339 -0.99 21.28 0.16
N LYS A 340 -0.74 21.75 1.38
CA LYS A 340 0.58 22.27 1.76
C LYS A 340 0.92 21.77 3.17
N TRP A 341 2.20 21.71 3.47
CA TRP A 341 2.62 21.43 4.81
C TRP A 341 2.46 22.69 5.65
N ARG A 342 1.88 22.52 6.82
CA ARG A 342 1.75 23.53 7.82
C ARG A 342 2.52 23.10 8.99
N THR A 343 2.87 24.04 9.84
CA THR A 343 3.50 23.75 11.10
CA THR A 343 3.52 23.82 11.08
C THR A 343 2.60 24.24 12.25
N VAL A 344 2.72 23.54 13.39
CA VAL A 344 2.05 23.92 14.61
C VAL A 344 2.38 25.39 14.90
N ALA A 345 1.36 26.18 15.18
CA ALA A 345 1.53 27.60 15.64
C ALA A 345 1.43 27.64 17.15
N GLY A 346 2.55 27.86 17.81
CA GLY A 346 2.59 27.98 19.26
C GLY A 346 2.43 26.64 19.95
N ARG A 347 1.87 26.77 21.15
CA ARG A 347 1.79 25.64 22.08
CA ARG A 347 1.78 25.63 22.08
CA ARG A 347 1.77 25.63 22.06
C ARG A 347 0.70 24.63 21.69
N ILE A 348 1.04 23.33 21.79
CA ILE A 348 0.11 22.25 21.58
C ILE A 348 -0.59 22.19 22.98
N ALA A 349 -1.90 22.10 22.92
CA ALA A 349 -2.76 21.97 24.10
C ALA A 349 -3.07 20.48 24.36
N MET A 350 -3.88 20.20 25.39
CA MET A 350 -4.18 18.81 25.71
CA MET A 350 -4.19 18.81 25.71
C MET A 350 -4.98 18.08 24.62
N ASP A 351 -5.84 18.80 23.91
CA ASP A 351 -6.79 18.22 23.00
C ASP A 351 -6.78 18.81 21.56
N GLN A 352 -5.94 19.78 21.34
CA GLN A 352 -5.97 20.48 20.06
C GLN A 352 -4.67 21.27 19.89
N PHE A 353 -4.45 21.70 18.64
CA PHE A 353 -3.41 22.69 18.30
C PHE A 353 -3.89 23.43 17.05
N VAL A 354 -3.24 24.56 16.83
CA VAL A 354 -3.57 25.47 15.77
C VAL A 354 -2.46 25.47 14.72
N VAL A 355 -2.87 25.66 13.47
CA VAL A 355 -1.91 25.96 12.39
C VAL A 355 -2.33 27.26 11.75
N ASP A 356 -1.33 28.04 11.30
CA ASP A 356 -1.61 29.28 10.50
C ASP A 356 -1.74 28.79 9.05
N LEU A 357 -2.93 28.97 8.43
CA LEU A 357 -3.20 28.51 7.09
C LEU A 357 -2.83 29.59 5.99
N GLY A 358 -2.30 30.73 6.43
CA GLY A 358 -1.80 31.77 5.52
C GLY A 358 -2.85 32.35 4.59
N GLY A 359 -4.13 32.30 4.96
CA GLY A 359 -5.24 32.82 4.15
C GLY A 359 -6.05 31.75 3.45
N ASP A 360 -5.54 30.51 3.38
CA ASP A 360 -6.29 29.47 2.77
C ASP A 360 -7.56 29.19 3.59
N ARG A 361 -8.60 28.75 2.90
CA ARG A 361 -9.91 28.54 3.53
C ARG A 361 -10.43 27.17 3.19
N PRO A 362 -9.73 26.11 3.68
CA PRO A 362 -10.36 24.79 3.55
C PRO A 362 -11.67 24.78 4.35
N GLU A 363 -12.45 23.76 4.06
CA GLU A 363 -13.76 23.56 4.72
C GLU A 363 -13.50 22.97 6.10
N PRO A 364 -14.38 23.31 7.06
CA PRO A 364 -14.30 22.60 8.33
C PRO A 364 -14.51 21.12 8.01
N GLY A 365 -13.82 20.25 8.74
CA GLY A 365 -13.88 18.83 8.46
C GLY A 365 -12.84 18.35 7.47
N ALA A 366 -12.08 19.28 6.90
CA ALA A 366 -11.10 18.92 5.89
C ALA A 366 -10.04 18.05 6.61
N GLU A 367 -9.48 17.13 5.84
CA GLU A 367 -8.40 16.23 6.34
C GLU A 367 -7.04 16.92 6.63
N ALA A 368 -6.52 16.67 7.83
CA ALA A 368 -5.20 17.17 8.22
C ALA A 368 -4.39 15.92 8.43
N VAL A 369 -3.34 15.67 7.64
CA VAL A 369 -2.62 14.41 7.78
C VAL A 369 -1.31 14.72 8.54
N LEU A 370 -1.16 14.19 9.76
CA LEU A 370 -0.02 14.51 10.56
C LEU A 370 1.22 13.71 10.11
N PHE A 371 1.01 12.43 9.93
CA PHE A 371 2.08 11.56 9.44
C PHE A 371 1.56 10.34 8.75
N GLY A 372 2.42 9.74 7.93
CA GLY A 372 2.11 8.51 7.27
C GLY A 372 3.40 8.00 6.57
N PRO A 373 3.20 7.15 5.56
CA PRO A 373 4.33 6.60 4.82
C PRO A 373 5.04 7.69 4.00
N GLY A 374 4.34 8.75 3.60
CA GLY A 374 4.95 9.90 2.97
C GLY A 374 4.69 10.01 1.44
N ASP A 375 4.07 9.02 0.84
CA ASP A 375 3.91 9.03 -0.64
CA ASP A 375 3.82 9.00 -0.62
C ASP A 375 2.80 9.98 -1.11
N ARG A 376 1.95 10.49 -0.20
CA ARG A 376 0.93 11.48 -0.56
C ARG A 376 1.36 12.89 -0.20
N GLY A 377 2.65 13.10 -0.04
CA GLY A 377 3.20 14.39 0.34
C GLY A 377 3.04 14.76 1.81
N GLU A 378 2.63 13.79 2.63
CA GLU A 378 2.44 14.06 4.08
C GLU A 378 3.78 13.84 4.86
N PRO A 379 3.95 14.43 6.06
CA PRO A 379 5.09 14.09 6.88
C PRO A 379 5.13 12.61 7.30
N THR A 380 6.26 12.20 7.82
CA THR A 380 6.44 10.87 8.41
C THR A 380 6.59 11.00 9.95
N ALA A 381 6.49 9.86 10.63
CA ALA A 381 6.68 9.82 12.08
C ALA A 381 8.08 10.33 12.41
N GLU A 382 9.09 10.05 11.53
CA GLU A 382 10.42 10.61 11.70
C GLU A 382 10.46 12.15 11.70
N ASP A 383 9.66 12.80 10.86
CA ASP A 383 9.59 14.24 10.91
C ASP A 383 9.05 14.77 12.26
N TRP A 384 8.06 14.07 12.83
CA TRP A 384 7.57 14.43 14.17
C TRP A 384 8.58 14.16 15.24
N ALA A 385 9.33 13.06 15.12
CA ALA A 385 10.40 12.77 16.08
C ALA A 385 11.41 13.92 16.12
N GLN A 386 11.84 14.38 14.94
CA GLN A 386 12.75 15.47 14.87
C GLN A 386 12.14 16.73 15.42
N ALA A 387 10.89 17.01 15.08
CA ALA A 387 10.20 18.18 15.62
C ALA A 387 10.13 18.21 17.15
N ALA A 388 9.96 17.01 17.73
CA ALA A 388 9.75 16.82 19.15
C ALA A 388 11.03 16.45 19.96
N GLY A 389 12.18 16.43 19.29
CA GLY A 389 13.41 16.08 19.98
C GLY A 389 13.44 14.65 20.50
N THR A 390 12.87 13.72 19.79
CA THR A 390 12.79 12.33 20.20
C THR A 390 13.03 11.41 19.05
N ILE A 391 12.63 10.15 19.19
CA ILE A 391 12.78 9.08 18.21
C ILE A 391 11.45 8.67 17.76
N ALA A 392 11.37 8.17 16.52
CA ALA A 392 10.11 7.82 15.94
C ALA A 392 9.41 6.68 16.72
N TYR A 393 10.17 5.82 17.39
CA TYR A 393 9.57 4.84 18.26
C TYR A 393 8.57 5.47 19.24
N GLU A 394 8.96 6.56 19.86
CA GLU A 394 8.15 7.22 20.86
C GLU A 394 6.90 7.83 20.23
N ILE A 395 7.06 8.40 19.04
CA ILE A 395 5.92 9.02 18.37
C ILE A 395 4.79 7.98 18.12
N VAL A 396 5.11 6.86 17.46
CA VAL A 396 4.07 5.90 17.08
C VAL A 396 3.51 5.20 18.32
N THR A 397 4.38 4.91 19.29
CA THR A 397 4.01 4.07 20.43
C THR A 397 3.05 4.79 21.35
N ARG A 398 3.18 6.10 21.44
CA ARG A 398 2.42 6.87 22.42
C ARG A 398 1.17 7.52 21.89
N ILE A 399 0.78 7.19 20.66
CA ILE A 399 -0.51 7.66 20.14
C ILE A 399 -1.58 7.14 21.07
N GLY A 400 -2.36 8.06 21.55
CA GLY A 400 -3.27 7.81 22.68
C GLY A 400 -4.47 6.91 22.39
N SER A 401 -5.00 6.30 23.44
CA SER A 401 -6.09 5.40 23.28
C SER A 401 -7.35 6.19 22.83
N ARG A 402 -7.37 7.51 22.98
CA ARG A 402 -8.49 8.33 22.53
C ARG A 402 -8.55 8.45 20.98
N VAL A 403 -7.47 8.03 20.29
CA VAL A 403 -7.45 8.02 18.84
C VAL A 403 -7.84 6.60 18.38
N PRO A 404 -8.95 6.47 17.67
CA PRO A 404 -9.30 5.12 17.25
C PRO A 404 -8.36 4.60 16.14
N ARG A 405 -8.08 3.33 16.16
CA ARG A 405 -7.35 2.63 15.08
C ARG A 405 -8.34 2.10 14.10
N VAL A 406 -8.03 2.27 12.82
CA VAL A 406 -8.82 1.75 11.70
C VAL A 406 -7.87 0.83 10.93
N TYR A 407 -8.22 -0.46 10.80
CA TYR A 407 -7.37 -1.51 10.20
C TYR A 407 -7.77 -1.65 8.73
N VAL A 408 -6.81 -1.56 7.82
CA VAL A 408 -7.05 -1.76 6.41
C VAL A 408 -6.23 -2.95 5.93
N ASN A 409 -6.81 -3.71 5.00
CA ASN A 409 -6.13 -4.87 4.40
C ASN A 409 -5.84 -5.95 5.38
N GLU A 410 -6.78 -6.14 6.31
CA GLU A 410 -6.84 -7.35 7.11
C GLU A 410 -6.85 -8.64 6.25
N ALA B 29 -5.07 -7.73 40.77
CA ALA B 29 -3.96 -8.00 41.74
C ALA B 29 -2.64 -8.29 41.00
N ASP B 30 -2.77 -9.00 39.88
CA ASP B 30 -1.62 -9.40 39.08
CA ASP B 30 -1.63 -9.37 39.03
C ASP B 30 -0.94 -8.25 38.26
N ALA B 31 -1.67 -7.50 37.43
CA ALA B 31 -1.07 -6.35 36.67
C ALA B 31 -0.49 -5.29 37.57
N VAL B 32 -1.08 -5.11 38.79
CA VAL B 32 -0.50 -4.14 39.70
C VAL B 32 0.86 -4.44 40.27
N LEU B 33 1.33 -5.69 40.14
CA LEU B 33 2.62 -6.03 40.71
C LEU B 33 3.72 -5.28 40.03
N ARG B 34 3.60 -5.08 38.73
CA ARG B 34 4.67 -4.41 37.98
C ARG B 34 4.70 -2.91 38.29
N ALA B 35 3.52 -2.34 38.20
CA ALA B 35 3.34 -0.91 38.39
C ALA B 35 1.90 -0.54 38.54
N ARG B 36 1.63 0.63 39.10
CA ARG B 36 0.28 1.12 39.22
CA ARG B 36 0.27 1.11 39.23
C ARG B 36 0.23 2.61 39.38
N ALA B 37 -0.94 3.20 39.04
CA ALA B 37 -1.21 4.60 39.31
C ALA B 37 -2.34 4.60 40.35
N GLU B 38 -1.99 4.92 41.59
N GLU B 38 -1.99 4.92 41.58
CA GLU B 38 -2.95 4.97 42.68
CA GLU B 38 -2.95 4.96 42.65
C GLU B 38 -3.65 6.30 42.60
C GLU B 38 -3.65 6.30 42.61
N ILE B 39 -4.97 6.27 42.59
CA ILE B 39 -5.78 7.50 42.46
C ILE B 39 -6.56 7.68 43.78
N ASP B 40 -6.16 8.65 44.55
CA ASP B 40 -6.82 8.90 45.87
C ASP B 40 -7.98 9.83 45.69
N LEU B 41 -9.16 9.25 45.64
CA LEU B 41 -10.36 10.08 45.40
C LEU B 41 -10.69 10.99 46.60
N ALA B 42 -10.20 10.65 47.81
CA ALA B 42 -10.39 11.57 48.94
C ALA B 42 -9.56 12.85 48.78
N ALA B 43 -8.37 12.70 48.15
CA ALA B 43 -7.58 13.88 47.79
C ALA B 43 -8.31 14.70 46.78
N LEU B 44 -8.89 14.03 45.78
CA LEU B 44 -9.63 14.75 44.73
C LEU B 44 -10.78 15.55 45.37
N ARG B 45 -11.52 14.88 46.28
CA ARG B 45 -12.66 15.56 46.96
C ARG B 45 -12.21 16.76 47.73
N ALA B 46 -11.10 16.61 48.46
CA ALA B 46 -10.48 17.66 49.29
C ALA B 46 -10.10 18.84 48.37
N ASN B 47 -9.60 18.51 47.19
CA ASN B 47 -9.23 19.58 46.22
C ASN B 47 -10.47 20.32 45.72
N VAL B 48 -11.55 19.61 45.43
CA VAL B 48 -12.79 20.23 45.02
C VAL B 48 -13.27 21.16 46.13
N ARG B 49 -13.29 20.68 47.39
CA ARG B 49 -13.68 21.56 48.48
C ARG B 49 -12.85 22.83 48.58
N ALA B 50 -11.53 22.68 48.44
CA ALA B 50 -10.60 23.81 48.52
C ALA B 50 -10.88 24.80 47.37
N LEU B 51 -11.18 24.28 46.19
CA LEU B 51 -11.40 25.14 45.03
C LEU B 51 -12.75 25.84 45.19
N ARG B 52 -13.78 25.14 45.69
CA ARG B 52 -15.07 25.81 46.00
C ARG B 52 -14.92 26.95 46.96
N GLU B 53 -14.11 26.75 48.01
CA GLU B 53 -13.83 27.82 48.99
C GLU B 53 -13.15 29.04 48.32
N ARG B 54 -12.26 28.76 47.37
CA ARG B 54 -11.54 29.79 46.66
CA ARG B 54 -11.52 29.81 46.66
C ARG B 54 -12.36 30.57 45.64
N ALA B 55 -13.46 29.99 45.19
CA ALA B 55 -14.34 30.62 44.20
C ALA B 55 -15.78 30.67 44.70
N PRO B 56 -15.99 31.39 45.81
CA PRO B 56 -17.28 31.31 46.49
C PRO B 56 -18.44 31.90 45.64
N GLY B 57 -18.22 32.77 44.71
CA GLY B 57 -19.38 33.18 43.97
C GLY B 57 -19.77 32.36 42.76
N ALA B 58 -19.06 31.27 42.52
CA ALA B 58 -19.24 30.46 41.29
C ALA B 58 -19.53 29.01 41.52
N ALA B 59 -20.23 28.39 40.57
CA ALA B 59 -20.38 26.96 40.51
C ALA B 59 -19.00 26.41 40.05
N LEU B 60 -18.74 25.17 40.39
CA LEU B 60 -17.46 24.55 40.00
C LEU B 60 -17.77 23.48 38.99
N MET B 61 -17.03 23.52 37.87
CA MET B 61 -17.05 22.47 36.89
C MET B 61 -15.80 21.55 37.08
N ALA B 62 -16.06 20.26 37.18
CA ALA B 62 -15.04 19.24 37.24
C ALA B 62 -14.73 18.88 35.78
N VAL B 63 -13.55 19.27 35.34
CA VAL B 63 -13.08 18.97 34.01
C VAL B 63 -12.45 17.61 34.01
N VAL B 64 -13.10 16.68 33.31
CA VAL B 64 -12.74 15.28 33.30
C VAL B 64 -12.43 14.74 31.91
N LYS B 65 -12.05 15.67 30.99
CA LYS B 65 -11.62 15.30 29.69
C LYS B 65 -10.33 14.46 29.78
N ALA B 66 -10.05 13.75 28.71
CA ALA B 66 -8.81 13.02 28.55
C ALA B 66 -8.69 12.04 29.72
N ASP B 67 -9.78 11.29 29.91
CA ASP B 67 -9.86 10.26 30.96
C ASP B 67 -9.51 10.87 32.33
N ALA B 68 -10.12 12.02 32.60
CA ALA B 68 -9.84 12.82 33.79
C ALA B 68 -8.33 13.08 34.00
N TYR B 69 -7.72 13.63 32.92
CA TYR B 69 -6.33 13.94 32.92
C TYR B 69 -5.48 12.70 33.33
N GLY B 70 -5.88 11.53 32.84
CA GLY B 70 -5.18 10.28 33.12
C GLY B 70 -5.60 9.56 34.41
N HIS B 71 -6.56 10.14 35.17
CA HIS B 71 -6.93 9.61 36.47
C HIS B 71 -8.14 8.71 36.46
N GLY B 72 -8.92 8.69 35.37
CA GLY B 72 -10.11 7.85 35.24
C GLY B 72 -11.38 8.71 35.28
N ALA B 73 -12.00 8.87 34.11
CA ALA B 73 -13.13 9.81 33.91
C ALA B 73 -14.30 9.63 34.90
N ILE B 74 -14.83 8.41 34.94
CA ILE B 74 -16.07 8.18 35.70
C ILE B 74 -15.80 8.24 37.20
N PRO B 75 -14.79 7.47 37.70
CA PRO B 75 -14.57 7.61 39.13
C PRO B 75 -14.25 9.03 39.64
N CYS B 76 -13.48 9.79 38.86
CA CYS B 76 -13.19 11.14 39.24
C CYS B 76 -14.46 12.05 39.14
N ALA B 77 -15.28 11.87 38.10
CA ALA B 77 -16.51 12.65 37.97
C ALA B 77 -17.43 12.40 39.22
N ARG B 78 -17.55 11.14 39.56
CA ARG B 78 -18.41 10.77 40.73
C ARG B 78 -17.92 11.47 41.97
N ALA B 79 -16.62 11.35 42.24
CA ALA B 79 -16.02 11.96 43.41
C ALA B 79 -16.20 13.51 43.44
N ALA B 80 -15.92 14.16 42.27
CA ALA B 80 -16.11 15.54 42.22
C ALA B 80 -17.55 16.03 42.50
N VAL B 81 -18.51 15.30 41.92
CA VAL B 81 -19.88 15.62 42.12
C VAL B 81 -20.25 15.43 43.62
N ALA B 82 -19.73 14.39 44.21
CA ALA B 82 -19.94 14.20 45.70
C ALA B 82 -19.40 15.31 46.52
N ALA B 83 -18.32 15.96 46.09
CA ALA B 83 -17.66 17.04 46.76
C ALA B 83 -18.19 18.44 46.39
N GLY B 84 -19.24 18.46 45.58
CA GLY B 84 -19.97 19.73 45.32
C GLY B 84 -19.84 20.29 43.91
N ALA B 85 -19.10 19.61 43.01
CA ALA B 85 -19.11 20.08 41.59
C ALA B 85 -20.48 19.92 40.98
N THR B 86 -21.01 20.96 40.31
CA THR B 86 -22.33 20.86 39.71
C THR B 86 -22.31 20.78 38.20
N TRP B 87 -21.10 20.92 37.62
CA TRP B 87 -20.93 20.77 36.19
C TRP B 87 -19.79 19.75 35.95
N LEU B 88 -19.88 18.99 34.89
CA LEU B 88 -18.78 18.17 34.39
C LEU B 88 -18.39 18.71 33.01
N GLY B 89 -17.11 18.72 32.71
CA GLY B 89 -16.63 19.24 31.42
C GLY B 89 -15.79 18.18 30.74
N THR B 90 -16.04 17.93 29.47
CA THR B 90 -15.19 17.08 28.64
C THR B 90 -14.91 17.75 27.34
N ALA B 91 -13.95 17.15 26.63
CA ALA B 91 -13.60 17.69 25.30
C ALA B 91 -14.59 17.08 24.30
N THR B 92 -14.50 15.78 24.04
CA THR B 92 -15.26 15.20 22.95
C THR B 92 -16.69 14.88 23.34
N PRO B 93 -17.57 14.82 22.39
CA PRO B 93 -18.96 14.32 22.73
C PRO B 93 -18.97 12.90 23.18
N GLN B 94 -18.05 12.06 22.72
CA GLN B 94 -17.98 10.71 23.18
C GLN B 94 -17.64 10.65 24.68
N GLU B 95 -16.72 11.48 25.14
CA GLU B 95 -16.38 11.54 26.55
C GLU B 95 -17.66 11.96 27.38
N ALA B 96 -18.40 12.98 26.94
CA ALA B 96 -19.59 13.46 27.64
C ALA B 96 -20.73 12.40 27.61
N LEU B 97 -20.94 11.76 26.47
CA LEU B 97 -21.89 10.66 26.37
C LEU B 97 -21.56 9.49 27.30
N ALA B 98 -20.27 9.19 27.52
CA ALA B 98 -19.87 8.12 28.42
C ALA B 98 -20.22 8.46 29.84
N LEU B 99 -20.13 9.75 30.22
CA LEU B 99 -20.56 10.17 31.52
C LEU B 99 -22.06 9.96 31.72
N ARG B 100 -22.82 10.34 30.74
CA ARG B 100 -24.28 10.19 30.84
C ARG B 100 -24.73 8.77 30.91
N ALA B 101 -23.99 7.90 30.27
CA ALA B 101 -24.26 6.47 30.21
C ALA B 101 -23.74 5.70 31.40
N ALA B 102 -23.03 6.35 32.31
CA ALA B 102 -22.41 5.64 33.41
C ALA B 102 -23.54 4.99 34.24
N GLU B 103 -23.28 3.79 34.74
CA GLU B 103 -24.18 3.11 35.69
C GLU B 103 -23.43 2.59 36.94
N PRO B 104 -23.96 2.82 38.15
CA PRO B 104 -25.11 3.69 38.39
C PRO B 104 -24.96 5.17 37.92
N GLY B 105 -26.06 5.78 37.58
CA GLY B 105 -25.99 7.08 37.04
C GLY B 105 -25.53 8.17 37.94
N LEU B 106 -24.77 9.08 37.35
CA LEU B 106 -24.48 10.32 38.02
C LEU B 106 -25.84 11.00 38.25
N PRO B 107 -25.94 11.93 39.18
CA PRO B 107 -27.25 12.58 39.30
C PRO B 107 -27.75 13.20 37.98
N ASP B 108 -29.03 13.01 37.69
CA ASP B 108 -29.61 13.53 36.41
C ASP B 108 -29.56 15.05 36.25
N ASP B 109 -29.49 15.75 37.38
CA ASP B 109 -29.35 17.22 37.40
C ASP B 109 -27.92 17.81 37.20
N VAL B 110 -26.87 16.98 37.07
CA VAL B 110 -25.52 17.48 36.86
C VAL B 110 -25.48 17.90 35.39
N ARG B 111 -24.92 19.07 35.14
CA ARG B 111 -24.81 19.55 33.75
C ARG B 111 -23.48 19.01 33.23
N ILE B 112 -23.49 18.58 31.99
CA ILE B 112 -22.33 17.98 31.36
C ILE B 112 -22.10 18.74 30.04
N MET B 113 -20.92 19.34 29.93
CA MET B 113 -20.60 20.16 28.76
C MET B 113 -19.50 19.54 27.93
N CYS B 114 -19.60 19.62 26.61
CA CYS B 114 -18.47 19.14 25.74
C CYS B 114 -18.28 20.19 24.66
N TRP B 115 -17.06 20.35 24.22
CA TRP B 115 -16.74 21.42 23.33
C TRP B 115 -15.92 21.12 22.08
N LEU B 116 -15.40 19.92 21.96
CA LEU B 116 -14.51 19.61 20.77
C LEU B 116 -15.34 18.88 19.78
N TRP B 117 -15.88 19.63 18.82
CA TRP B 117 -16.81 19.08 17.81
C TRP B 117 -16.21 19.23 16.37
N THR B 118 -16.51 18.29 15.54
CA THR B 118 -16.18 18.41 14.14
C THR B 118 -17.44 18.18 13.30
N PRO B 119 -17.39 18.56 12.02
CA PRO B 119 -18.64 18.41 11.21
C PRO B 119 -19.12 17.02 11.10
N GLY B 120 -20.43 16.83 11.32
CA GLY B 120 -20.99 15.51 11.25
C GLY B 120 -20.96 14.68 12.54
N GLY B 121 -20.49 15.29 13.60
CA GLY B 121 -20.48 14.66 14.91
C GLY B 121 -21.88 14.39 15.44
N PRO B 122 -21.97 13.69 16.58
CA PRO B 122 -23.22 13.15 17.06
C PRO B 122 -24.07 14.18 17.80
N TRP B 123 -24.47 15.26 17.11
CA TRP B 123 -25.16 16.33 17.72
C TRP B 123 -26.53 15.92 18.26
N ARG B 124 -27.21 15.10 17.48
CA ARG B 124 -28.53 14.64 17.89
C ARG B 124 -28.44 13.82 19.17
N GLU B 125 -27.49 12.89 19.24
CA GLU B 125 -27.29 12.07 20.46
C GLU B 125 -26.97 12.98 21.65
N ALA B 126 -26.17 14.02 21.43
CA ALA B 126 -25.87 14.96 22.49
C ALA B 126 -27.09 15.71 22.98
N VAL B 127 -27.93 16.15 22.04
CA VAL B 127 -29.13 16.91 22.37
C VAL B 127 -30.08 16.02 23.15
N GLU B 128 -30.24 14.80 22.68
CA GLU B 128 -31.12 13.84 23.38
C GLU B 128 -30.61 13.50 24.77
N ALA B 129 -29.27 13.56 24.98
CA ALA B 129 -28.64 13.32 26.29
C ALA B 129 -28.56 14.59 27.14
N ARG B 130 -29.18 15.69 26.70
CA ARG B 130 -29.23 16.95 27.40
C ARG B 130 -27.83 17.47 27.78
N LEU B 131 -26.90 17.35 26.84
CA LEU B 131 -25.54 17.93 27.05
C LEU B 131 -25.52 19.38 26.71
N ASP B 132 -24.76 20.16 27.44
CA ASP B 132 -24.42 21.50 27.04
C ASP B 132 -23.33 21.36 25.96
N VAL B 133 -23.60 21.88 24.76
CA VAL B 133 -22.65 21.72 23.63
C VAL B 133 -22.12 23.09 23.25
N SER B 134 -20.81 23.21 23.10
CA SER B 134 -20.19 24.45 22.66
C SER B 134 -20.31 24.60 21.15
N VAL B 135 -20.46 25.85 20.78
CA VAL B 135 -20.59 26.30 19.35
C VAL B 135 -19.70 27.54 19.25
N SER B 136 -18.79 27.48 18.24
CA SER B 136 -17.82 28.55 17.99
C SER B 136 -18.01 29.08 16.54
N ALA B 137 -18.84 28.43 15.77
CA ALA B 137 -18.91 28.70 14.32
C ALA B 137 -20.28 28.45 13.76
N MET B 138 -20.59 29.10 12.65
CA MET B 138 -21.90 28.91 11.99
C MET B 138 -22.14 27.52 11.56
N TRP B 139 -21.14 26.78 11.07
CA TRP B 139 -21.37 25.46 10.65
C TRP B 139 -21.99 24.64 11.83
N ALA B 140 -21.44 24.83 13.00
CA ALA B 140 -21.87 24.05 14.19
C ALA B 140 -23.27 24.51 14.65
N MET B 141 -23.51 25.80 14.57
CA MET B 141 -24.86 26.37 14.83
C MET B 141 -25.88 25.72 13.91
N GLU B 142 -25.58 25.67 12.59
CA GLU B 142 -26.45 24.95 11.69
C GLU B 142 -26.67 23.49 12.00
N GLU B 143 -25.57 22.78 12.35
CA GLU B 143 -25.71 21.35 12.63
C GLU B 143 -26.49 21.08 13.89
N VAL B 144 -26.25 21.87 14.91
CA VAL B 144 -26.94 21.60 16.19
C VAL B 144 -28.41 21.97 16.09
N THR B 145 -28.71 23.05 15.37
CA THR B 145 -30.09 23.46 15.10
CA THR B 145 -30.11 23.45 15.13
C THR B 145 -30.83 22.38 14.33
N GLY B 146 -30.19 21.84 13.28
CA GLY B 146 -30.76 20.74 12.49
C GLY B 146 -31.01 19.45 13.33
N ALA B 147 -30.07 19.18 14.25
CA ALA B 147 -30.21 18.02 15.13
C ALA B 147 -31.35 18.22 16.16
N ALA B 148 -31.44 19.40 16.73
CA ALA B 148 -32.55 19.74 17.68
C ALA B 148 -33.90 19.62 16.97
N ARG B 149 -33.98 20.13 15.74
CA ARG B 149 -35.19 19.98 14.88
C ARG B 149 -35.54 18.53 14.69
N ALA B 150 -34.60 17.71 14.29
CA ALA B 150 -34.89 16.28 14.03
C ALA B 150 -35.25 15.51 15.33
N ALA B 151 -34.67 15.90 16.47
CA ALA B 151 -34.93 15.21 17.76
C ALA B 151 -36.25 15.69 18.39
N GLY B 152 -36.74 16.86 18.02
CA GLY B 152 -37.89 17.46 18.70
C GLY B 152 -37.64 17.90 20.15
N VAL B 153 -36.37 18.07 20.57
CA VAL B 153 -35.96 18.53 21.88
C VAL B 153 -35.03 19.71 21.70
N PRO B 154 -35.16 20.77 22.47
CA PRO B 154 -34.26 21.90 22.35
C PRO B 154 -32.85 21.59 22.85
N ALA B 155 -31.86 22.17 22.16
CA ALA B 155 -30.44 22.04 22.58
C ALA B 155 -30.10 23.06 23.65
N ARG B 156 -29.03 22.75 24.42
CA ARG B 156 -28.41 23.65 25.34
C ARG B 156 -27.06 24.03 24.74
N VAL B 157 -26.94 25.27 24.31
CA VAL B 157 -25.78 25.74 23.56
C VAL B 157 -25.01 26.71 24.31
N GLN B 158 -23.69 26.49 24.34
CA GLN B 158 -22.78 27.49 24.90
C GLN B 158 -21.99 28.15 23.79
N LEU B 159 -22.12 29.45 23.60
CA LEU B 159 -21.30 30.15 22.61
C LEU B 159 -19.95 30.45 23.12
N KCX B 160 -18.94 30.03 22.37
CA KCX B 160 -17.55 30.29 22.77
CB KCX B 160 -16.61 29.06 22.48
CG KCX B 160 -15.28 29.22 23.22
CD KCX B 160 -14.30 28.06 22.97
CE KCX B 160 -13.05 28.23 23.86
NZ KCX B 160 -11.87 27.66 23.21
C KCX B 160 -17.04 31.51 22.05
O KCX B 160 -17.08 31.55 20.82
CX KCX B 160 -11.08 26.66 23.67
OQ1 KCX B 160 -10.04 26.22 22.91
OQ2 KCX B 160 -11.26 26.12 24.75
N ALA B 161 -16.48 32.44 22.82
CA ALA B 161 -15.83 33.64 22.34
C ALA B 161 -14.37 33.45 22.28
N ASP B 162 -13.77 33.76 21.11
CA ASP B 162 -12.31 33.89 21.05
C ASP B 162 -11.94 35.28 21.53
N THR B 163 -11.52 35.39 22.77
CA THR B 163 -11.15 36.65 23.44
C THR B 163 -9.70 36.97 23.36
N GLY B 164 -8.92 36.11 22.71
CA GLY B 164 -7.51 36.39 22.54
C GLY B 164 -6.65 35.11 22.48
N LEU B 165 -7.22 33.95 22.80
CA LEU B 165 -6.41 32.70 22.79
C LEU B 165 -6.08 32.24 21.38
N GLY B 166 -6.94 32.55 20.43
CA GLY B 166 -6.69 32.17 19.03
C GLY B 166 -6.77 30.69 18.78
N ARG B 167 -7.56 29.95 19.61
CA ARG B 167 -7.77 28.51 19.36
C ARG B 167 -9.21 28.30 18.95
N GLY B 168 -10.05 27.80 19.86
CA GLY B 168 -11.44 27.60 19.54
C GLY B 168 -12.12 29.01 19.68
N GLY B 169 -13.37 29.06 19.51
CA GLY B 169 -13.99 30.32 19.81
C GLY B 169 -14.19 31.19 18.59
N CYS B 170 -15.32 31.90 18.64
CA CYS B 170 -15.74 32.80 17.59
C CYS B 170 -15.05 34.14 17.75
N GLN B 171 -14.54 34.72 16.65
CA GLN B 171 -13.87 36.00 16.74
C GLN B 171 -14.88 37.16 17.00
N PRO B 172 -14.40 38.18 17.65
CA PRO B 172 -15.28 39.38 17.84
C PRO B 172 -15.49 40.07 16.50
N GLY B 173 -16.53 40.87 16.44
CA GLY B 173 -16.92 41.60 15.24
C GLY B 173 -18.00 40.88 14.52
N ALA B 174 -17.88 40.85 13.21
CA ALA B 174 -18.93 40.30 12.39
C ALA B 174 -19.25 38.82 12.62
N ASP B 175 -18.21 37.99 12.80
CA ASP B 175 -18.43 36.59 13.12
C ASP B 175 -19.35 36.44 14.39
N TRP B 176 -19.04 37.18 15.43
CA TRP B 176 -19.81 37.09 16.69
C TRP B 176 -21.26 37.62 16.47
N GLU B 177 -21.33 38.75 15.75
CA GLU B 177 -22.62 39.33 15.39
C GLU B 177 -23.49 38.33 14.72
N ARG B 178 -22.95 37.64 13.72
CA ARG B 178 -23.70 36.65 12.96
CA ARG B 178 -23.69 36.65 12.97
C ARG B 178 -24.10 35.48 13.83
N LEU B 179 -23.16 35.04 14.70
CA LEU B 179 -23.44 33.87 15.49
C LEU B 179 -24.55 34.17 16.55
N VAL B 180 -24.42 35.30 17.19
CA VAL B 180 -25.40 35.74 18.17
C VAL B 180 -26.78 35.83 17.47
N GLY B 181 -26.82 36.42 16.27
CA GLY B 181 -28.06 36.50 15.52
C GLY B 181 -28.66 35.19 15.16
N ALA B 182 -27.82 34.23 14.73
CA ALA B 182 -28.36 32.94 14.42
C ALA B 182 -28.88 32.20 15.67
N ALA B 183 -28.17 32.39 16.78
CA ALA B 183 -28.61 31.81 18.06
C ALA B 183 -30.01 32.37 18.47
N LEU B 184 -30.17 33.66 18.32
CA LEU B 184 -31.47 34.32 18.64
C LEU B 184 -32.60 33.82 17.80
N ARG B 185 -32.34 33.61 16.51
CA ARG B 185 -33.36 33.06 15.68
C ARG B 185 -33.71 31.64 16.07
N ALA B 186 -32.69 30.83 16.39
CA ALA B 186 -32.97 29.49 16.82
C ALA B 186 -33.75 29.46 18.13
N GLU B 187 -33.47 30.40 19.01
CA GLU B 187 -34.24 30.51 20.30
C GLU B 187 -35.69 30.85 20.00
N GLU B 188 -35.85 31.78 19.07
CA GLU B 188 -37.18 32.19 18.64
C GLU B 188 -37.96 30.99 18.11
N GLU B 189 -37.33 30.10 17.35
CA GLU B 189 -37.98 28.88 16.91
C GLU B 189 -38.12 27.74 17.94
N GLY B 190 -37.68 27.96 19.18
CA GLY B 190 -37.77 26.94 20.26
C GLY B 190 -36.79 25.78 20.11
N LEU B 191 -35.76 25.98 19.30
CA LEU B 191 -34.78 24.87 18.94
C LEU B 191 -33.62 24.76 19.89
N LEU B 192 -33.37 25.79 20.66
CA LEU B 192 -32.32 25.77 21.62
C LEU B 192 -32.39 26.94 22.50
N ARG B 193 -31.66 26.86 23.56
CA ARG B 193 -31.34 27.98 24.39
C ARG B 193 -29.87 28.12 24.51
N VAL B 194 -29.40 29.35 24.48
CA VAL B 194 -28.03 29.62 24.79
C VAL B 194 -27.95 29.62 26.29
N THR B 195 -27.33 28.57 26.83
CA THR B 195 -27.20 28.40 28.27
C THR B 195 -25.91 28.99 28.81
N GLY B 196 -24.93 29.32 27.92
CA GLY B 196 -23.69 29.94 28.36
C GLY B 196 -22.91 30.71 27.32
N LEU B 197 -22.08 31.58 27.80
CA LEU B 197 -21.14 32.35 26.99
C LEU B 197 -19.80 32.14 27.70
N TRP B 198 -18.81 31.67 26.96
CA TRP B 198 -17.54 31.30 27.61
C TRP B 198 -16.31 31.50 26.75
N SER B 199 -15.17 31.55 27.41
CA SER B 199 -13.91 31.68 26.74
C SER B 199 -12.83 31.05 27.57
N HIS B 200 -11.59 31.22 27.19
CA HIS B 200 -10.45 30.52 27.80
C HIS B 200 -9.22 31.37 27.68
N PHE B 201 -8.43 31.45 28.73
CA PHE B 201 -7.22 32.31 28.81
C PHE B 201 -5.96 31.68 28.19
N ALA B 202 -5.12 32.53 27.57
CA ALA B 202 -3.84 32.11 27.05
C ALA B 202 -2.76 32.04 28.04
N CYS B 203 -2.69 33.03 28.93
CA CYS B 203 -1.54 33.25 29.79
C CYS B 203 -1.83 33.41 31.27
N ALA B 204 -2.96 32.84 31.76
CA ALA B 204 -3.32 32.99 33.14
C ALA B 204 -2.35 32.37 34.14
N ASP B 205 -1.50 31.47 33.67
CA ASP B 205 -0.48 30.85 34.52
C ASP B 205 0.75 31.78 34.73
N GLU B 206 0.79 32.93 34.04
CA GLU B 206 1.82 33.97 34.21
C GLU B 206 1.19 35.22 34.81
N PRO B 207 1.15 35.31 36.14
CA PRO B 207 0.40 36.41 36.75
C PRO B 207 0.88 37.79 36.29
N GLY B 208 -0.07 38.67 36.03
CA GLY B 208 0.20 40.01 35.48
C GLY B 208 0.54 40.05 33.98
N HIS B 209 0.53 38.92 33.27
CA HIS B 209 0.69 38.99 31.80
C HIS B 209 -0.41 39.88 31.19
N PRO B 210 -0.05 40.86 30.33
CA PRO B 210 -1.08 41.83 29.84
C PRO B 210 -2.26 41.20 29.12
N SER B 211 -2.01 40.06 28.46
CA SER B 211 -3.07 39.38 27.73
C SER B 211 -4.25 39.00 28.63
N ILE B 212 -4.03 38.84 29.92
CA ILE B 212 -5.06 38.41 30.82
C ILE B 212 -6.16 39.49 30.96
N ALA B 213 -5.74 40.68 31.33
CA ALA B 213 -6.68 41.84 31.35
C ALA B 213 -7.30 42.11 30.02
N ALA B 214 -6.56 41.96 28.93
CA ALA B 214 -7.08 42.19 27.60
C ALA B 214 -8.16 41.20 27.26
N GLN B 215 -7.94 39.92 27.63
CA GLN B 215 -8.96 38.94 27.37
C GLN B 215 -10.18 39.19 28.24
N LEU B 216 -10.00 39.54 29.50
CA LEU B 216 -11.17 39.79 30.38
C LEU B 216 -12.02 40.97 29.87
N THR B 217 -11.31 41.99 29.39
CA THR B 217 -12.03 43.13 28.76
C THR B 217 -12.84 42.71 27.55
N ARG B 218 -12.19 41.97 26.62
CA ARG B 218 -12.88 41.50 25.44
C ARG B 218 -14.01 40.54 25.80
N PHE B 219 -13.80 39.64 26.79
CA PHE B 219 -14.88 38.81 27.25
C PHE B 219 -16.12 39.61 27.75
N ARG B 220 -15.87 40.60 28.58
CA ARG B 220 -16.96 41.51 29.08
C ARG B 220 -17.67 42.21 27.91
N GLU B 221 -16.88 42.70 26.93
CA GLU B 221 -17.45 43.34 25.71
C GLU B 221 -18.34 42.37 24.94
N MET B 222 -17.79 41.18 24.66
CA MET B 222 -18.53 40.25 23.81
C MET B 222 -19.78 39.72 24.51
N THR B 223 -19.71 39.44 25.83
CA THR B 223 -20.85 38.91 26.54
C THR B 223 -21.95 40.04 26.71
N ALA B 224 -21.48 41.26 26.95
CA ALA B 224 -22.39 42.46 27.02
C ALA B 224 -23.16 42.63 25.74
N TYR B 225 -22.47 42.49 24.62
CA TYR B 225 -23.08 42.51 23.30
C TYR B 225 -24.12 41.45 23.12
N ALA B 226 -23.74 40.18 23.44
CA ALA B 226 -24.68 39.11 23.30
C ALA B 226 -25.94 39.28 24.13
N GLU B 227 -25.75 39.79 25.32
CA GLU B 227 -26.90 40.01 26.26
C GLU B 227 -27.78 41.20 25.81
N GLN B 228 -27.15 42.27 25.35
CA GLN B 228 -27.90 43.43 24.71
C GLN B 228 -28.76 42.99 23.57
N ARG B 229 -28.25 42.09 22.73
CA ARG B 229 -29.04 41.54 21.64
C ARG B 229 -30.15 40.65 22.09
N GLY B 230 -30.12 40.14 23.33
CA GLY B 230 -31.20 39.36 23.86
C GLY B 230 -30.90 38.01 24.51
N LEU B 231 -29.65 37.51 24.35
CA LEU B 231 -29.33 36.23 24.97
C LEU B 231 -29.28 36.31 26.47
N ARG B 232 -29.71 35.24 27.11
CA ARG B 232 -29.82 35.18 28.57
C ARG B 232 -29.20 33.91 29.12
N PRO B 233 -27.87 33.87 29.11
CA PRO B 233 -27.18 32.62 29.50
C PRO B 233 -27.34 32.36 31.02
N GLU B 234 -27.36 31.09 31.40
CA GLU B 234 -27.30 30.72 32.85
C GLU B 234 -25.92 30.97 33.41
N VAL B 235 -24.87 30.74 32.59
CA VAL B 235 -23.55 30.90 33.02
C VAL B 235 -22.62 31.64 32.03
N ARG B 236 -21.70 32.38 32.58
CA ARG B 236 -20.65 33.01 31.84
C ARG B 236 -19.41 32.46 32.51
N HIS B 237 -18.41 32.05 31.74
CA HIS B 237 -17.22 31.50 32.40
C HIS B 237 -15.98 31.57 31.51
N ILE B 238 -14.89 31.87 32.16
CA ILE B 238 -13.57 32.01 31.47
C ILE B 238 -12.46 31.36 32.24
N ALA B 239 -12.62 31.06 33.54
CA ALA B 239 -11.48 30.73 34.38
C ALA B 239 -11.14 29.24 34.32
N ASN B 240 -9.88 28.99 33.99
CA ASN B 240 -9.21 27.67 34.18
C ASN B 240 -8.59 27.63 35.57
N SER B 241 -7.72 26.63 35.83
CA SER B 241 -7.06 26.62 37.17
C SER B 241 -6.26 27.83 37.61
N PRO B 242 -5.37 28.31 36.75
CA PRO B 242 -4.54 29.40 37.29
C PRO B 242 -5.39 30.66 37.49
N ALA B 243 -6.38 30.89 36.66
CA ALA B 243 -7.31 32.03 36.86
C ALA B 243 -8.16 31.83 38.11
N THR B 244 -8.66 30.61 38.32
CA THR B 244 -9.43 30.30 39.52
C THR B 244 -8.63 30.67 40.78
N LEU B 245 -7.40 30.25 40.81
CA LEU B 245 -6.53 30.41 41.96
C LEU B 245 -6.03 31.81 42.20
N THR B 246 -5.95 32.64 41.15
CA THR B 246 -5.29 33.96 41.26
C THR B 246 -6.14 35.18 40.80
N LEU B 247 -7.30 34.97 40.19
CA LEU B 247 -8.10 36.05 39.58
C LEU B 247 -9.56 36.00 39.95
N PRO B 248 -9.88 36.44 41.17
CA PRO B 248 -11.33 36.42 41.54
C PRO B 248 -12.28 37.20 40.61
N ASP B 249 -11.78 38.22 39.94
CA ASP B 249 -12.55 39.01 39.00
CA ASP B 249 -12.57 39.00 38.99
C ASP B 249 -12.92 38.21 37.75
N ALA B 250 -12.21 37.09 37.51
CA ALA B 250 -12.54 36.17 36.41
C ALA B 250 -13.45 35.00 36.74
N HIS B 251 -13.94 34.93 38.00
CA HIS B 251 -14.79 33.79 38.38
C HIS B 251 -16.13 33.74 37.79
N PHE B 252 -16.76 34.91 37.53
CA PHE B 252 -18.09 34.94 36.93
C PHE B 252 -19.06 33.94 37.59
N ASP B 253 -19.77 33.14 36.85
CA ASP B 253 -20.79 32.23 37.40
C ASP B 253 -20.28 30.77 37.61
N LEU B 254 -19.13 30.47 37.03
CA LEU B 254 -18.66 29.09 36.88
CA LEU B 254 -18.65 29.10 36.88
C LEU B 254 -17.17 29.13 36.68
N VAL B 255 -16.44 28.25 37.41
CA VAL B 255 -15.00 28.11 37.26
C VAL B 255 -14.63 26.70 36.80
N ARG B 256 -13.55 26.53 36.03
CA ARG B 256 -13.22 25.23 35.42
C ARG B 256 -11.78 24.75 35.76
N PRO B 257 -11.50 24.50 37.06
CA PRO B 257 -10.15 24.32 37.50
C PRO B 257 -9.75 22.85 37.33
N GLY B 258 -9.32 22.46 36.13
CA GLY B 258 -8.96 21.16 35.81
C GLY B 258 -7.77 20.56 36.52
N ILE B 259 -6.56 21.05 36.21
CA ILE B 259 -5.34 20.48 36.81
C ILE B 259 -5.34 20.58 38.33
N ALA B 260 -5.90 21.69 38.87
CA ALA B 260 -5.96 21.86 40.30
C ALA B 260 -6.85 20.85 41.00
N MET B 261 -7.91 20.41 40.37
CA MET B 261 -8.79 19.37 40.93
C MET B 261 -7.99 18.08 41.11
N TYR B 262 -6.99 17.88 40.27
CA TYR B 262 -6.10 16.68 40.41
C TYR B 262 -4.95 16.94 41.35
N GLY B 263 -4.98 18.10 41.98
CA GLY B 263 -4.02 18.45 43.01
C GLY B 263 -2.66 18.93 42.58
N VAL B 264 -2.57 19.27 41.30
CA VAL B 264 -1.35 19.69 40.66
C VAL B 264 -1.43 21.18 40.35
N SER B 265 -0.39 21.92 40.70
CA SER B 265 -0.41 23.33 40.42
C SER B 265 -0.21 23.56 38.93
N PRO B 266 -0.89 24.56 38.35
CA PRO B 266 -0.67 24.89 36.96
C PRO B 266 0.76 25.30 36.60
N SER B 267 1.47 25.98 37.49
CA SER B 267 2.90 26.30 37.29
C SER B 267 3.56 26.71 38.60
N PRO B 268 4.86 26.45 38.74
CA PRO B 268 5.60 26.98 39.91
C PRO B 268 5.44 28.50 40.10
N GLU B 269 5.24 29.24 39.01
CA GLU B 269 4.96 30.69 39.10
C GLU B 269 3.66 31.02 39.85
N ILE B 270 2.62 30.22 39.61
CA ILE B 270 1.38 30.28 40.37
C ILE B 270 1.57 29.83 41.84
N GLY B 271 2.26 28.69 42.07
CA GLY B 271 2.63 28.25 43.39
C GLY B 271 2.73 26.73 43.47
N THR B 272 2.76 26.20 44.67
CA THR B 272 2.78 24.77 44.94
C THR B 272 1.35 24.33 45.24
N PRO B 273 1.08 23.02 45.17
CA PRO B 273 -0.23 22.57 45.64
C PRO B 273 -0.57 23.01 47.08
N ALA B 274 0.39 22.93 47.97
CA ALA B 274 0.21 23.30 49.38
C ALA B 274 -0.20 24.77 49.53
N ASP B 275 0.31 25.66 48.68
CA ASP B 275 -0.10 27.10 48.70
C ASP B 275 -1.58 27.28 48.56
N PHE B 276 -2.27 26.36 47.86
CA PHE B 276 -3.70 26.39 47.62
C PHE B 276 -4.56 25.34 48.31
N GLY B 277 -3.99 24.64 49.31
CA GLY B 277 -4.75 23.65 50.04
C GLY B 277 -5.05 22.41 49.13
N LEU B 278 -4.20 22.18 48.13
CA LEU B 278 -4.36 21.08 47.17
C LEU B 278 -3.39 19.93 47.49
N ARG B 279 -3.80 18.71 47.08
CA ARG B 279 -3.01 17.52 47.26
C ARG B 279 -3.04 16.63 45.98
N PRO B 280 -1.88 16.38 45.36
CA PRO B 280 -1.85 15.53 44.16
C PRO B 280 -2.59 14.25 44.35
N VAL B 281 -3.41 13.92 43.38
CA VAL B 281 -4.28 12.74 43.41
C VAL B 281 -3.62 11.46 42.98
N MET B 282 -2.71 11.58 42.00
CA MET B 282 -2.03 10.39 41.41
C MET B 282 -0.68 10.11 42.11
N THR B 283 -0.45 8.83 42.42
CA THR B 283 0.86 8.31 42.82
C THR B 283 1.20 7.21 41.82
N LEU B 284 2.38 7.33 41.21
CA LEU B 284 2.81 6.38 40.16
C LEU B 284 4.02 5.64 40.78
N ALA B 285 3.88 4.34 40.88
CA ALA B 285 4.89 3.48 41.51
C ALA B 285 5.05 2.20 40.77
N ALA B 286 6.22 1.58 40.95
CA ALA B 286 6.56 0.33 40.30
C ALA B 286 7.38 -0.55 41.26
N SER B 287 7.51 -1.80 40.86
CA SER B 287 8.24 -2.81 41.64
C SER B 287 9.55 -3.13 40.89
N LEU B 288 10.69 -3.08 41.58
CA LEU B 288 11.98 -3.35 40.86
C LEU B 288 11.99 -4.70 40.25
N ALA B 289 12.41 -4.82 38.99
CA ALA B 289 12.45 -6.10 38.29
C ALA B 289 13.81 -6.82 38.47
N LEU B 290 14.85 -6.08 38.85
CA LEU B 290 16.22 -6.61 38.88
C LEU B 290 17.05 -5.67 39.66
N VAL B 291 17.94 -6.25 40.46
CA VAL B 291 18.92 -5.48 41.19
C VAL B 291 20.21 -6.26 41.01
N LYS B 292 21.21 -5.63 40.43
CA LYS B 292 22.44 -6.41 40.12
C LYS B 292 23.69 -5.59 40.27
N GLN B 293 24.80 -6.27 40.63
CA GLN B 293 26.06 -5.61 40.70
C GLN B 293 26.70 -5.58 39.31
N VAL B 294 27.35 -4.47 39.00
CA VAL B 294 28.09 -4.33 37.77
C VAL B 294 29.42 -3.64 38.03
N PRO B 295 30.39 -3.89 37.14
CA PRO B 295 31.70 -3.22 37.28
C PRO B 295 31.66 -1.80 36.91
N GLY B 296 32.68 -1.06 37.26
CA GLY B 296 32.92 0.26 36.69
C GLY B 296 33.15 0.17 35.18
N GLY B 297 32.91 1.31 34.51
CA GLY B 297 33.06 1.41 33.03
C GLY B 297 32.01 0.64 32.21
N HIS B 298 30.90 0.23 32.85
CA HIS B 298 29.82 -0.48 32.15
C HIS B 298 28.80 0.55 31.63
N GLY B 299 28.52 0.52 30.33
CA GLY B 299 27.51 1.42 29.75
C GLY B 299 26.13 1.00 30.23
N VAL B 300 25.19 1.95 30.23
CA VAL B 300 23.83 1.63 30.68
C VAL B 300 22.81 2.21 29.68
N SER B 301 21.97 1.28 29.18
CA SER B 301 20.88 1.59 28.28
C SER B 301 21.32 2.12 26.90
N TYR B 302 20.36 2.44 26.04
CA TYR B 302 20.68 2.74 24.63
C TYR B 302 21.62 3.89 24.48
N GLY B 303 22.59 3.72 23.55
CA GLY B 303 23.58 4.77 23.27
C GLY B 303 24.63 4.88 24.32
N HIS B 304 24.53 4.11 25.42
CA HIS B 304 25.49 4.24 26.53
C HIS B 304 25.72 5.67 26.97
N HIS B 305 24.63 6.41 27.24
CA HIS B 305 24.71 7.79 27.72
C HIS B 305 24.97 7.93 29.21
N TYR B 306 25.00 6.80 29.89
CA TYR B 306 25.56 6.73 31.24
C TYR B 306 26.54 5.54 31.30
N THR B 307 27.62 5.74 32.04
CA THR B 307 28.62 4.72 32.27
C THR B 307 28.91 4.72 33.74
N THR B 308 28.91 3.53 34.32
CA THR B 308 29.10 3.39 35.75
C THR B 308 30.50 3.95 36.11
N PRO B 309 30.58 4.83 37.10
CA PRO B 309 31.89 5.40 37.46
C PRO B 309 32.80 4.41 38.22
N GLY B 310 32.21 3.41 38.87
CA GLY B 310 32.94 2.36 39.57
C GLY B 310 32.01 1.21 39.81
N GLU B 311 32.47 0.18 40.52
CA GLU B 311 31.65 -0.96 40.85
C GLU B 311 30.39 -0.44 41.57
N THR B 312 29.21 -0.91 41.16
CA THR B 312 27.94 -0.35 41.71
C THR B 312 26.81 -1.35 41.54
N THR B 313 25.61 -0.95 42.00
CA THR B 313 24.43 -1.78 41.76
C THR B 313 23.42 -0.94 40.89
N LEU B 314 22.78 -1.68 40.00
CA LEU B 314 21.76 -1.11 39.13
C LEU B 314 20.44 -1.68 39.53
N GLY B 315 19.40 -0.83 39.44
CA GLY B 315 18.04 -1.28 39.63
C GLY B 315 17.20 -1.04 38.37
N LEU B 316 16.41 -2.02 38.01
CA LEU B 316 15.61 -1.96 36.79
C LEU B 316 14.15 -1.64 37.11
N VAL B 317 13.69 -0.49 36.67
CA VAL B 317 12.30 -0.02 36.99
C VAL B 317 11.48 -0.36 35.75
N PRO B 318 10.45 -1.21 35.86
CA PRO B 318 9.75 -1.77 34.71
C PRO B 318 8.59 -0.87 34.20
N LEU B 319 8.94 0.37 33.97
CA LEU B 319 8.07 1.36 33.29
C LEU B 319 8.93 2.01 32.23
N GLY B 320 8.34 2.34 31.08
CA GLY B 320 9.06 3.05 30.01
C GLY B 320 8.18 4.02 29.28
N TYR B 321 8.65 4.55 28.16
CA TYR B 321 7.86 5.58 27.48
C TYR B 321 6.53 5.06 26.92
N ALA B 322 6.39 3.76 26.66
CA ALA B 322 5.01 3.23 26.30
C ALA B 322 4.05 3.38 27.46
N ASP B 323 4.57 3.42 28.69
CA ASP B 323 3.77 3.67 29.88
C ASP B 323 3.62 5.11 30.19
N GLY B 324 4.16 6.00 29.36
CA GLY B 324 4.07 7.43 29.64
C GLY B 324 5.26 8.05 30.43
N ILE B 325 6.33 7.26 30.63
CA ILE B 325 7.53 7.82 31.27
C ILE B 325 8.22 8.57 30.08
N PRO B 326 8.30 9.88 30.13
CA PRO B 326 8.74 10.62 28.92
C PRO B 326 10.21 10.34 28.63
N ARG B 327 10.49 10.01 27.39
CA ARG B 327 11.84 9.78 26.99
C ARG B 327 12.73 11.04 27.26
N HIS B 328 12.16 12.24 27.21
CA HIS B 328 12.89 13.44 27.58
C HIS B 328 13.45 13.47 29.01
N ALA B 329 12.95 12.61 29.92
CA ALA B 329 13.47 12.52 31.24
C ALA B 329 14.69 11.56 31.36
N SER B 330 15.21 11.11 30.23
CA SER B 330 16.40 10.29 30.19
C SER B 330 17.56 11.04 30.93
N SER B 331 18.26 10.27 31.76
CA SER B 331 19.28 10.81 32.62
C SER B 331 18.85 11.79 33.71
N SER B 332 17.53 12.05 33.92
CA SER B 332 17.12 13.04 34.86
C SER B 332 15.88 12.77 35.69
N GLY B 333 15.03 11.84 35.26
CA GLY B 333 13.80 11.59 36.05
C GLY B 333 14.06 11.09 37.47
N PRO B 334 13.35 11.64 38.47
CA PRO B 334 13.66 11.24 39.81
C PRO B 334 12.75 10.08 40.25
N VAL B 335 13.27 9.20 41.11
CA VAL B 335 12.49 8.06 41.63
CA VAL B 335 12.47 8.11 41.65
C VAL B 335 12.97 7.74 43.05
N LEU B 336 12.03 7.61 43.97
CA LEU B 336 12.36 7.19 45.33
C LEU B 336 12.52 5.67 45.32
N VAL B 337 13.70 5.18 45.67
CA VAL B 337 13.92 3.76 45.82
C VAL B 337 14.79 3.48 47.08
N ASP B 338 14.37 2.57 47.94
CA ASP B 338 15.19 2.14 49.09
C ASP B 338 15.70 3.35 49.91
N GLY B 339 14.76 4.26 50.22
CA GLY B 339 15.01 5.41 51.07
C GLY B 339 15.71 6.63 50.52
N LYS B 340 16.09 6.64 49.24
CA LYS B 340 16.75 7.81 48.64
C LYS B 340 16.18 8.10 47.28
N TRP B 341 16.22 9.36 46.89
CA TRP B 341 15.98 9.74 45.47
C TRP B 341 17.09 9.22 44.59
N ARG B 342 16.71 8.49 43.53
CA ARG B 342 17.61 8.09 42.46
C ARG B 342 17.19 8.88 41.24
N THR B 343 18.05 8.90 40.26
CA THR B 343 17.74 9.45 38.96
CA THR B 343 17.79 9.45 38.95
C THR B 343 17.88 8.38 37.89
N VAL B 344 17.10 8.52 36.83
CA VAL B 344 17.27 7.70 35.66
C VAL B 344 18.74 7.69 35.20
N ALA B 345 19.26 6.51 34.92
CA ALA B 345 20.61 6.34 34.34
C ALA B 345 20.47 6.07 32.85
N GLY B 346 20.85 7.07 32.07
CA GLY B 346 20.79 6.97 30.62
C GLY B 346 19.38 6.94 30.05
N ARG B 347 19.27 6.32 28.90
CA ARG B 347 18.04 6.41 28.09
CA ARG B 347 18.05 6.43 28.09
C ARG B 347 16.89 5.59 28.66
N ILE B 348 15.70 6.21 28.66
CA ILE B 348 14.52 5.48 29.01
C ILE B 348 14.19 4.68 27.79
N ALA B 349 13.81 3.41 27.99
CA ALA B 349 13.41 2.47 26.95
C ALA B 349 11.91 2.42 26.88
N MET B 350 11.38 1.63 25.96
CA MET B 350 9.94 1.60 25.77
C MET B 350 9.17 1.09 27.02
N ASP B 351 9.81 0.14 27.70
CA ASP B 351 9.15 -0.59 28.78
C ASP B 351 9.87 -0.52 30.14
N GLN B 352 11.01 0.13 30.23
CA GLN B 352 11.85 0.09 31.44
C GLN B 352 12.87 1.17 31.41
N PHE B 353 13.47 1.43 32.57
CA PHE B 353 14.64 2.26 32.66
C PHE B 353 15.42 1.77 33.88
N VAL B 354 16.63 2.23 33.93
CA VAL B 354 17.60 1.85 34.98
C VAL B 354 17.89 3.00 35.89
N VAL B 355 18.15 2.68 37.19
CA VAL B 355 18.74 3.66 38.10
C VAL B 355 20.06 3.04 38.69
N ASP B 356 21.03 3.88 38.94
CA ASP B 356 22.27 3.47 39.65
C ASP B 356 21.95 3.59 41.13
N LEU B 357 21.98 2.48 41.82
CA LEU B 357 21.65 2.46 43.25
C LEU B 357 22.91 2.66 44.15
N GLY B 358 24.07 2.88 43.53
CA GLY B 358 25.31 3.29 44.27
C GLY B 358 25.83 2.25 45.24
N GLY B 359 25.48 0.98 45.04
CA GLY B 359 25.85 -0.09 45.97
C GLY B 359 24.74 -0.56 46.88
N ASP B 360 23.63 0.18 47.01
CA ASP B 360 22.50 -0.33 47.79
C ASP B 360 21.92 -1.57 47.14
N ARG B 361 21.34 -2.43 47.95
CA ARG B 361 20.83 -3.70 47.49
C ARG B 361 19.45 -3.93 48.02
N PRO B 362 18.49 -3.12 47.52
CA PRO B 362 17.15 -3.49 47.79
C PRO B 362 16.82 -4.79 47.15
N GLU B 363 15.74 -5.34 47.57
CA GLU B 363 15.35 -6.59 47.04
C GLU B 363 14.61 -6.41 45.76
N PRO B 364 14.64 -7.42 44.91
CA PRO B 364 13.76 -7.35 43.77
C PRO B 364 12.33 -7.24 44.26
N GLY B 365 11.52 -6.48 43.56
CA GLY B 365 10.15 -6.26 43.95
C GLY B 365 9.99 -5.07 44.87
N ALA B 366 11.10 -4.44 45.29
CA ALA B 366 11.03 -3.33 46.19
C ALA B 366 10.34 -2.15 45.46
N GLU B 367 9.64 -1.35 46.22
CA GLU B 367 8.88 -0.24 45.65
C GLU B 367 9.74 0.90 45.14
N ALA B 368 9.43 1.37 43.91
CA ALA B 368 10.05 2.52 43.38
C ALA B 368 8.92 3.54 43.18
N VAL B 369 8.97 4.65 43.86
CA VAL B 369 7.86 5.62 43.74
C VAL B 369 8.31 6.76 42.83
N LEU B 370 7.70 6.86 41.66
CA LEU B 370 8.13 7.87 40.68
C LEU B 370 7.61 9.27 41.03
N PHE B 371 6.33 9.33 41.38
CA PHE B 371 5.73 10.58 41.82
C PHE B 371 4.48 10.36 42.66
N GLY B 372 4.15 11.37 43.46
CA GLY B 372 2.95 11.39 44.27
C GLY B 372 2.79 12.78 44.90
N PRO B 373 2.05 12.82 46.01
CA PRO B 373 1.79 14.08 46.68
C PRO B 373 3.05 14.63 47.35
N GLY B 374 3.98 13.77 47.73
CA GLY B 374 5.34 14.21 48.19
C GLY B 374 5.55 14.06 49.68
N ASP B 375 4.53 13.69 50.42
CA ASP B 375 4.65 13.65 51.89
CA ASP B 375 4.60 13.56 51.88
C ASP B 375 5.41 12.41 52.40
N ARG B 376 5.64 11.41 51.55
CA ARG B 376 6.49 10.26 51.91
C ARG B 376 7.93 10.42 51.38
N GLY B 377 8.33 11.64 51.12
CA GLY B 377 9.67 11.91 50.55
C GLY B 377 9.85 11.57 49.07
N GLU B 378 8.76 11.29 48.39
CA GLU B 378 8.84 10.96 46.95
C GLU B 378 8.77 12.23 46.07
N PRO B 379 9.15 12.13 44.79
CA PRO B 379 8.99 13.25 43.87
C PRO B 379 7.54 13.55 43.57
N THR B 380 7.30 14.68 42.99
CA THR B 380 5.97 15.06 42.48
C THR B 380 5.95 15.08 40.97
N ALA B 381 4.74 15.14 40.41
CA ALA B 381 4.60 15.23 38.97
C ALA B 381 5.33 16.45 38.40
N GLU B 382 5.37 17.52 39.20
CA GLU B 382 6.08 18.70 38.81
C GLU B 382 7.60 18.42 38.69
N ASP B 383 8.17 17.63 39.56
CA ASP B 383 9.61 17.24 39.39
C ASP B 383 9.81 16.52 38.06
N TRP B 384 8.90 15.61 37.68
CA TRP B 384 9.01 15.00 36.38
C TRP B 384 8.88 15.93 35.20
N ALA B 385 7.94 16.86 35.31
CA ALA B 385 7.78 17.89 34.33
C ALA B 385 9.06 18.64 34.10
N GLN B 386 9.72 19.02 35.19
CA GLN B 386 11.02 19.73 35.05
C GLN B 386 12.06 18.87 34.46
N ALA B 387 12.12 17.63 34.89
CA ALA B 387 13.07 16.68 34.30
C ALA B 387 12.87 16.45 32.82
N ALA B 388 11.61 16.48 32.36
CA ALA B 388 11.26 16.21 30.98
C ALA B 388 11.04 17.46 30.11
N GLY B 389 11.31 18.65 30.67
CA GLY B 389 11.20 19.85 29.88
C GLY B 389 9.75 20.17 29.49
N THR B 390 8.80 19.82 30.35
CA THR B 390 7.35 19.93 29.97
C THR B 390 6.63 20.47 31.22
N ILE B 391 5.31 20.32 31.19
CA ILE B 391 4.40 20.75 32.23
C ILE B 391 3.76 19.52 32.88
N ALA B 392 3.40 19.68 34.18
CA ALA B 392 2.88 18.54 34.95
C ALA B 392 1.56 18.02 34.33
N TYR B 393 0.79 18.85 33.65
CA TYR B 393 -0.39 18.40 32.96
C TYR B 393 -0.06 17.25 32.00
N GLU B 394 1.05 17.38 31.23
CA GLU B 394 1.39 16.35 30.26
C GLU B 394 1.81 15.05 30.96
N ILE B 395 2.55 15.19 32.07
CA ILE B 395 3.04 14.06 32.81
C ILE B 395 1.80 13.18 33.23
N VAL B 396 0.86 13.75 34.00
CA VAL B 396 -0.22 12.92 34.58
C VAL B 396 -1.16 12.41 33.44
N THR B 397 -1.42 13.26 32.43
CA THR B 397 -2.41 12.94 31.43
C THR B 397 -1.99 11.80 30.56
N ARG B 398 -0.70 11.69 30.31
CA ARG B 398 -0.20 10.71 29.35
C ARG B 398 0.32 9.40 29.98
N ILE B 399 0.12 9.21 31.28
CA ILE B 399 0.37 7.89 31.86
C ILE B 399 -0.45 6.85 31.08
N GLY B 400 0.27 5.85 30.57
CA GLY B 400 -0.30 4.96 29.58
C GLY B 400 -1.38 4.00 30.07
N SER B 401 -2.13 3.44 29.13
CA SER B 401 -3.21 2.51 29.50
C SER B 401 -2.65 1.19 30.02
N ARG B 402 -1.37 0.91 29.77
CA ARG B 402 -0.73 -0.26 30.31
CA ARG B 402 -0.75 -0.25 30.29
C ARG B 402 -0.49 -0.22 31.82
N VAL B 403 -0.66 0.96 32.44
CA VAL B 403 -0.47 1.08 33.82
C VAL B 403 -1.86 1.03 34.45
N PRO B 404 -2.09 0.03 35.30
CA PRO B 404 -3.45 -0.03 35.91
C PRO B 404 -3.64 1.07 36.90
N ARG B 405 -4.85 1.60 36.92
CA ARG B 405 -5.26 2.55 37.96
C ARG B 405 -5.88 1.78 39.12
N VAL B 406 -5.48 2.14 40.32
CA VAL B 406 -6.04 1.56 41.56
C VAL B 406 -6.68 2.72 42.29
N TYR B 407 -7.97 2.65 42.49
CA TYR B 407 -8.77 3.72 43.15
C TYR B 407 -8.79 3.50 44.67
N VAL B 408 -8.48 4.51 45.41
CA VAL B 408 -8.55 4.46 46.87
C VAL B 408 -9.51 5.51 47.41
N ASN B 409 -10.23 5.13 48.47
CA ASN B 409 -11.19 6.09 49.10
C ASN B 409 -12.33 6.49 48.15
N GLU B 410 -12.77 5.59 47.29
CA GLU B 410 -13.97 5.77 46.47
C GLU B 410 -15.27 5.99 47.28
N ALA C 29 5.43 9.43 -14.07
CA ALA C 29 4.36 9.81 -13.08
C ALA C 29 3.01 10.03 -13.77
N ASP C 30 3.06 10.63 -14.94
CA ASP C 30 1.88 10.91 -15.73
C ASP C 30 1.20 9.65 -16.35
N ALA C 31 1.90 8.79 -17.11
CA ALA C 31 1.25 7.59 -17.72
C ALA C 31 0.72 6.62 -16.69
N VAL C 32 1.37 6.55 -15.52
CA VAL C 32 0.88 5.66 -14.48
C VAL C 32 -0.47 6.06 -13.88
N LEU C 33 -0.92 7.30 -14.12
CA LEU C 33 -2.22 7.69 -13.58
C LEU C 33 -3.32 6.84 -14.14
N ARG C 34 -3.30 6.49 -15.41
CA ARG C 34 -4.40 5.75 -15.99
C ARG C 34 -4.38 4.27 -15.49
N ALA C 35 -3.19 3.69 -15.57
CA ALA C 35 -3.00 2.25 -15.21
C ALA C 35 -1.58 1.90 -15.12
N ARG C 36 -1.28 0.83 -14.40
CA ARG C 36 0.11 0.41 -14.24
CA ARG C 36 0.11 0.41 -14.25
C ARG C 36 0.18 -1.04 -13.90
N ALA C 37 1.29 -1.61 -14.22
CA ALA C 37 1.61 -2.91 -13.78
C ALA C 37 2.75 -2.77 -12.82
N GLU C 38 2.48 -2.98 -11.52
CA GLU C 38 3.51 -2.93 -10.50
C GLU C 38 4.24 -4.27 -10.41
N ILE C 39 5.55 -4.23 -10.52
CA ILE C 39 6.39 -5.43 -10.52
C ILE C 39 7.19 -5.43 -9.20
N ASP C 40 6.82 -6.31 -8.30
CA ASP C 40 7.52 -6.40 -7.00
C ASP C 40 8.69 -7.31 -7.08
N LEU C 41 9.86 -6.71 -7.23
CA LEU C 41 11.06 -7.49 -7.40
CA LEU C 41 11.05 -7.50 -7.39
C LEU C 41 11.43 -8.24 -6.12
N ALA C 42 10.96 -7.76 -4.96
CA ALA C 42 11.23 -8.52 -3.71
C ALA C 42 10.45 -9.87 -3.73
N ALA C 43 9.23 -9.83 -4.23
CA ALA C 43 8.46 -11.05 -4.43
C ALA C 43 9.20 -11.95 -5.39
N LEU C 44 9.74 -11.38 -6.46
CA LEU C 44 10.48 -12.22 -7.42
C LEU C 44 11.70 -12.88 -6.75
N ARG C 45 12.46 -12.09 -5.96
CA ARG C 45 13.62 -12.64 -5.28
C ARG C 45 13.25 -13.76 -4.32
N ALA C 46 12.17 -13.56 -3.59
CA ALA C 46 11.66 -14.52 -2.64
C ALA C 46 11.22 -15.79 -3.37
N ASN C 47 10.60 -15.61 -4.51
CA ASN C 47 10.26 -16.82 -5.36
C ASN C 47 11.49 -17.57 -5.82
N VAL C 48 12.54 -16.87 -6.27
CA VAL C 48 13.76 -17.51 -6.66
C VAL C 48 14.33 -18.31 -5.45
N ARG C 49 14.37 -17.70 -4.25
CA ARG C 49 14.89 -18.40 -3.07
CA ARG C 49 14.89 -18.40 -3.07
CA ARG C 49 14.88 -18.40 -3.06
C ARG C 49 14.09 -19.65 -2.79
N ALA C 50 12.78 -19.54 -2.83
CA ALA C 50 11.90 -20.65 -2.59
C ALA C 50 12.15 -21.78 -3.62
N LEU C 51 12.33 -21.41 -4.89
CA LEU C 51 12.55 -22.41 -5.95
C LEU C 51 13.93 -23.06 -5.81
N ARG C 52 14.94 -22.30 -5.45
CA ARG C 52 16.24 -22.89 -5.15
C ARG C 52 16.16 -23.93 -4.01
N GLU C 53 15.39 -23.62 -3.00
CA GLU C 53 15.22 -24.48 -1.86
C GLU C 53 14.51 -25.74 -2.31
N ARG C 54 13.56 -25.64 -3.23
CA ARG C 54 12.86 -26.81 -3.78
CA ARG C 54 12.84 -26.80 -3.78
C ARG C 54 13.64 -27.70 -4.72
N ALA C 55 14.72 -27.17 -5.30
CA ALA C 55 15.57 -27.92 -6.23
C ALA C 55 17.04 -27.84 -5.78
N PRO C 56 17.34 -28.40 -4.60
CA PRO C 56 18.67 -28.23 -3.99
C PRO C 56 19.82 -28.86 -4.78
N GLY C 57 19.61 -29.86 -5.59
CA GLY C 57 20.77 -30.27 -6.31
C GLY C 57 21.04 -29.59 -7.63
N ALA C 58 20.26 -28.57 -7.97
CA ALA C 58 20.35 -27.96 -9.31
C ALA C 58 20.61 -26.46 -9.28
N ALA C 59 21.27 -25.96 -10.32
CA ALA C 59 21.35 -24.54 -10.58
C ALA C 59 19.98 -24.11 -11.05
N LEU C 60 19.69 -22.83 -10.90
CA LEU C 60 18.39 -22.30 -11.30
C LEU C 60 18.61 -21.34 -12.46
N MET C 61 17.79 -21.51 -13.49
CA MET C 61 17.76 -20.60 -14.63
C MET C 61 16.52 -19.72 -14.48
N ALA C 62 16.74 -18.45 -14.59
CA ALA C 62 15.70 -17.45 -14.57
C ALA C 62 15.28 -17.26 -16.04
N VAL C 63 14.08 -17.72 -16.35
CA VAL C 63 13.56 -17.64 -17.69
C VAL C 63 12.89 -16.29 -17.85
N VAL C 64 13.54 -15.46 -18.65
CA VAL C 64 13.12 -14.06 -18.81
C VAL C 64 12.71 -13.73 -20.23
N LYS C 65 12.40 -14.78 -21.01
CA LYS C 65 11.90 -14.56 -22.37
C LYS C 65 10.54 -13.74 -22.34
N ALA C 66 10.17 -13.21 -23.50
CA ALA C 66 8.95 -12.53 -23.71
C ALA C 66 8.85 -11.39 -22.68
N ASP C 67 9.94 -10.64 -22.61
CA ASP C 67 10.05 -9.46 -21.72
C ASP C 67 9.74 -9.89 -20.24
N ALA C 68 10.40 -10.98 -19.86
CA ALA C 68 10.15 -11.63 -18.55
C ALA C 68 8.68 -11.87 -18.31
N TYR C 69 8.04 -12.61 -19.26
CA TYR C 69 6.62 -12.97 -19.16
C TYR C 69 5.77 -11.71 -18.86
N GLY C 70 6.16 -10.61 -19.50
CA GLY C 70 5.39 -9.36 -19.35
C GLY C 70 5.85 -8.51 -18.19
N HIS C 71 6.85 -8.92 -17.42
CA HIS C 71 7.27 -8.21 -16.18
C HIS C 71 8.45 -7.31 -16.35
N GLY C 72 9.19 -7.41 -17.47
CA GLY C 72 10.37 -6.56 -17.74
C GLY C 72 11.65 -7.38 -17.66
N ALA C 73 12.25 -7.65 -18.81
CA ALA C 73 13.39 -8.55 -18.89
C ALA C 73 14.60 -8.23 -18.03
N ILE C 74 15.11 -7.01 -18.15
CA ILE C 74 16.34 -6.66 -17.47
C ILE C 74 16.14 -6.54 -15.96
N PRO C 75 15.17 -5.74 -15.53
CA PRO C 75 14.99 -5.72 -14.05
C PRO C 75 14.73 -7.08 -13.39
N CYS C 76 13.94 -7.94 -14.04
CA CYS C 76 13.70 -9.28 -13.45
C CYS C 76 14.96 -10.13 -13.49
N ALA C 77 15.76 -10.03 -14.57
CA ALA C 77 17.01 -10.75 -14.68
C ALA C 77 17.95 -10.34 -13.53
N ARG C 78 18.05 -9.05 -13.31
CA ARG C 78 18.96 -8.54 -12.25
C ARG C 78 18.56 -9.03 -10.88
N ALA C 79 17.27 -8.94 -10.59
CA ALA C 79 16.74 -9.44 -9.34
C ALA C 79 16.96 -10.96 -9.18
N ALA C 80 16.73 -11.74 -10.25
CA ALA C 80 16.90 -13.17 -10.16
C ALA C 80 18.34 -13.56 -9.88
N VAL C 81 19.28 -12.87 -10.55
CA VAL C 81 20.69 -13.13 -10.38
C VAL C 81 21.09 -12.80 -8.92
N ALA C 82 20.59 -11.69 -8.42
CA ALA C 82 20.84 -11.31 -7.01
C ALA C 82 20.37 -12.37 -6.06
N ALA C 83 19.26 -13.02 -6.38
CA ALA C 83 18.68 -14.07 -5.54
C ALA C 83 19.26 -15.45 -5.76
N GLY C 84 20.26 -15.57 -6.61
CA GLY C 84 21.02 -16.83 -6.79
C GLY C 84 20.83 -17.57 -8.11
N ALA C 85 20.05 -17.03 -9.04
CA ALA C 85 20.01 -17.62 -10.38
C ALA C 85 21.38 -17.51 -11.02
N THR C 86 21.89 -18.60 -11.58
CA THR C 86 23.16 -18.56 -12.26
C THR C 86 23.07 -18.66 -13.77
N TRP C 87 21.85 -18.93 -14.28
CA TRP C 87 21.58 -18.93 -15.73
C TRP C 87 20.39 -17.99 -15.99
N LEU C 88 20.41 -17.36 -17.15
CA LEU C 88 19.27 -16.64 -17.71
C LEU C 88 18.88 -17.32 -19.01
N GLY C 89 17.59 -17.41 -19.23
CA GLY C 89 17.05 -18.08 -20.43
C GLY C 89 16.14 -17.11 -21.21
N THR C 90 16.33 -17.05 -22.50
CA THR C 90 15.48 -16.27 -23.39
C THR C 90 15.16 -17.09 -24.60
N ALA C 91 14.16 -16.65 -25.34
CA ALA C 91 13.76 -17.30 -26.59
C ALA C 91 14.69 -16.80 -27.70
N THR C 92 14.55 -15.55 -28.08
CA THR C 92 15.29 -15.02 -29.27
C THR C 92 16.73 -14.57 -28.94
N PRO C 93 17.62 -14.60 -29.92
CA PRO C 93 18.97 -14.10 -29.72
C PRO C 93 18.97 -12.61 -29.40
N GLN C 94 17.99 -11.87 -29.93
CA GLN C 94 17.91 -10.44 -29.64
C GLN C 94 17.62 -10.23 -28.16
N GLU C 95 16.73 -11.06 -27.58
CA GLU C 95 16.46 -10.94 -26.15
C GLU C 95 17.74 -11.21 -25.32
N ALA C 96 18.51 -12.23 -25.71
CA ALA C 96 19.71 -12.60 -25.00
C ALA C 96 20.82 -11.56 -25.15
N LEU C 97 21.00 -11.07 -26.36
CA LEU C 97 21.92 -9.98 -26.63
C LEU C 97 21.58 -8.71 -25.83
N ALA C 98 20.29 -8.45 -25.62
CA ALA C 98 19.91 -7.26 -24.85
C ALA C 98 20.32 -7.42 -23.40
N LEU C 99 20.24 -8.64 -22.88
CA LEU C 99 20.72 -8.91 -21.53
C LEU C 99 22.24 -8.68 -21.42
N ARG C 100 22.99 -9.14 -22.41
CA ARG C 100 24.42 -8.96 -22.39
C ARG C 100 24.84 -7.51 -22.47
N ALA C 101 24.06 -6.73 -23.17
CA ALA C 101 24.28 -5.30 -23.37
C ALA C 101 23.75 -4.42 -22.25
N ALA C 102 23.08 -4.99 -21.26
CA ALA C 102 22.48 -4.19 -20.22
C ALA C 102 23.57 -3.40 -19.47
N GLU C 103 23.23 -2.18 -19.08
CA GLU C 103 24.12 -1.32 -18.29
C GLU C 103 23.37 -0.75 -17.08
N PRO C 104 23.86 -0.94 -15.86
CA PRO C 104 25.14 -1.62 -15.59
C PRO C 104 25.07 -3.12 -15.93
N GLY C 105 26.22 -3.70 -16.21
CA GLY C 105 26.34 -5.09 -16.64
C GLY C 105 25.79 -6.05 -15.61
N LEU C 106 25.10 -7.09 -16.09
CA LEU C 106 24.86 -8.24 -15.25
C LEU C 106 26.23 -8.86 -15.04
N PRO C 107 26.39 -9.71 -14.02
CA PRO C 107 27.76 -10.22 -13.88
C PRO C 107 28.24 -10.95 -15.13
N ASP C 108 29.50 -10.76 -15.50
CA ASP C 108 30.04 -11.40 -16.73
C ASP C 108 30.03 -12.95 -16.71
N ASP C 109 30.04 -13.52 -15.50
CA ASP C 109 29.99 -14.97 -15.32
C ASP C 109 28.57 -15.62 -15.31
N VAL C 110 27.49 -14.84 -15.49
CA VAL C 110 26.13 -15.43 -15.62
CA VAL C 110 26.17 -15.48 -15.63
C VAL C 110 26.06 -16.06 -17.02
N ARG C 111 25.49 -17.26 -17.10
CA ARG C 111 25.31 -17.90 -18.39
C ARG C 111 23.96 -17.43 -18.93
N ILE C 112 23.93 -17.11 -20.20
CA ILE C 112 22.72 -16.68 -20.89
C ILE C 112 22.48 -17.58 -22.07
N MET C 113 21.33 -18.25 -22.08
CA MET C 113 20.98 -19.19 -23.11
C MET C 113 19.82 -18.68 -23.93
N CYS C 114 19.88 -18.89 -25.26
CA CYS C 114 18.72 -18.59 -26.14
C CYS C 114 18.52 -19.74 -27.06
N TRP C 115 17.28 -19.96 -27.40
CA TRP C 115 16.94 -21.11 -28.17
C TRP C 115 16.10 -20.98 -29.43
N LEU C 116 15.52 -19.84 -29.68
CA LEU C 116 14.61 -19.70 -30.83
C LEU C 116 15.33 -19.02 -31.96
N TRP C 117 15.89 -19.87 -32.84
CA TRP C 117 16.75 -19.44 -33.91
C TRP C 117 16.10 -19.73 -35.26
N THR C 118 16.38 -18.88 -36.25
CA THR C 118 15.97 -19.16 -37.63
C THR C 118 17.21 -18.98 -38.55
N PRO C 119 17.16 -19.58 -39.72
CA PRO C 119 18.33 -19.44 -40.64
C PRO C 119 18.76 -18.01 -40.93
N GLY C 120 20.04 -17.74 -40.76
CA GLY C 120 20.59 -16.41 -40.98
C GLY C 120 20.57 -15.48 -39.81
N GLY C 121 20.15 -16.00 -38.66
CA GLY C 121 20.20 -15.24 -37.45
C GLY C 121 21.61 -14.88 -37.02
N PRO C 122 21.71 -14.08 -35.98
CA PRO C 122 22.98 -13.47 -35.61
C PRO C 122 23.87 -14.42 -34.78
N TRP C 123 24.24 -15.54 -35.37
CA TRP C 123 25.02 -16.56 -34.66
C TRP C 123 26.36 -16.02 -34.23
N ARG C 124 27.01 -15.28 -35.13
CA ARG C 124 28.34 -14.76 -34.81
C ARG C 124 28.31 -13.79 -33.63
N GLU C 125 27.35 -12.87 -33.64
CA GLU C 125 27.20 -11.94 -32.53
CA GLU C 125 27.16 -11.95 -32.52
C GLU C 125 26.94 -12.74 -31.22
N ALA C 126 26.16 -13.82 -31.30
CA ALA C 126 25.89 -14.62 -30.11
C ALA C 126 27.13 -15.31 -29.62
N VAL C 127 27.93 -15.82 -30.56
CA VAL C 127 29.18 -16.50 -30.19
C VAL C 127 30.12 -15.49 -29.53
N GLU C 128 30.26 -14.33 -30.13
CA GLU C 128 31.11 -13.27 -29.56
C GLU C 128 30.66 -12.77 -28.20
N ALA C 129 29.35 -12.78 -27.95
CA ALA C 129 28.77 -12.47 -26.64
C ALA C 129 28.75 -13.65 -25.64
N ARG C 130 29.38 -14.77 -25.99
CA ARG C 130 29.50 -15.96 -25.14
C ARG C 130 28.11 -16.47 -24.66
N LEU C 131 27.13 -16.47 -25.58
CA LEU C 131 25.81 -17.01 -25.27
C LEU C 131 25.83 -18.52 -25.43
N ASP C 132 25.07 -19.22 -24.58
CA ASP C 132 24.76 -20.59 -24.82
C ASP C 132 23.68 -20.56 -25.91
N VAL C 133 23.88 -21.28 -27.00
CA VAL C 133 22.87 -21.28 -28.06
C VAL C 133 22.36 -22.69 -28.24
N SER C 134 21.07 -22.83 -28.35
CA SER C 134 20.48 -24.13 -28.56
C SER C 134 20.53 -24.48 -30.05
N VAL C 135 20.72 -25.77 -30.31
CA VAL C 135 20.77 -26.31 -31.66
C VAL C 135 19.95 -27.59 -31.67
N SER C 136 19.00 -27.67 -32.60
CA SER C 136 18.10 -28.82 -32.70
C SER C 136 18.26 -29.53 -34.06
N ALA C 137 19.03 -28.93 -34.95
CA ALA C 137 19.02 -29.32 -36.35
C ALA C 137 20.35 -29.10 -37.00
N MET C 138 20.64 -29.89 -38.06
CA MET C 138 21.88 -29.75 -38.80
C MET C 138 22.09 -28.36 -39.39
N TRP C 139 21.02 -27.69 -39.86
CA TRP C 139 21.17 -26.35 -40.46
C TRP C 139 21.77 -25.41 -39.46
N ALA C 140 21.30 -25.48 -38.19
CA ALA C 140 21.80 -24.63 -37.13
C ALA C 140 23.21 -24.99 -36.66
N MET C 141 23.47 -26.29 -36.58
CA MET C 141 24.86 -26.77 -36.34
C MET C 141 25.85 -26.24 -37.39
N GLU C 142 25.48 -26.35 -38.67
CA GLU C 142 26.30 -25.73 -39.76
C GLU C 142 26.46 -24.21 -39.61
N GLU C 143 25.38 -23.49 -39.28
CA GLU C 143 25.50 -22.06 -39.13
C GLU C 143 26.32 -21.64 -37.96
N VAL C 144 26.17 -22.30 -36.81
CA VAL C 144 26.90 -21.86 -35.64
C VAL C 144 28.40 -22.22 -35.80
N THR C 145 28.65 -23.37 -36.38
CA THR C 145 30.05 -23.79 -36.67
C THR C 145 30.73 -22.81 -37.62
N GLY C 146 30.05 -22.40 -38.68
CA GLY C 146 30.54 -21.33 -39.61
C GLY C 146 30.79 -20.01 -38.91
N ALA C 147 29.89 -19.65 -38.00
CA ALA C 147 30.05 -18.41 -37.27
C ALA C 147 31.23 -18.45 -36.31
N ALA C 148 31.38 -19.57 -35.63
CA ALA C 148 32.50 -19.72 -34.69
C ALA C 148 33.85 -19.66 -35.46
N ARG C 149 33.87 -20.30 -36.62
CA ARG C 149 35.03 -20.27 -37.53
C ARG C 149 35.35 -18.82 -37.89
N ALA C 150 34.35 -18.04 -38.31
CA ALA C 150 34.59 -16.66 -38.71
C ALA C 150 34.96 -15.76 -37.55
N ALA C 151 34.47 -16.07 -36.35
CA ALA C 151 34.75 -15.21 -35.18
C ALA C 151 36.08 -15.56 -34.54
N GLY C 152 36.59 -16.75 -34.83
CA GLY C 152 37.79 -17.27 -34.13
C GLY C 152 37.62 -17.53 -32.64
N VAL C 153 36.37 -17.67 -32.17
CA VAL C 153 36.04 -17.98 -30.77
C VAL C 153 35.14 -19.20 -30.80
N PRO C 154 35.31 -20.13 -29.83
CA PRO C 154 34.46 -21.30 -29.85
C PRO C 154 33.04 -20.95 -29.34
N ALA C 155 32.03 -21.64 -29.90
CA ALA C 155 30.63 -21.47 -29.46
C ALA C 155 30.34 -22.40 -28.26
N ARG C 156 29.31 -22.02 -27.50
CA ARG C 156 28.75 -22.84 -26.42
C ARG C 156 27.40 -23.33 -26.89
N VAL C 157 27.29 -24.62 -27.17
CA VAL C 157 26.11 -25.15 -27.82
C VAL C 157 25.39 -26.08 -26.86
N GLN C 158 24.07 -25.92 -26.80
CA GLN C 158 23.22 -26.86 -26.14
C GLN C 158 22.40 -27.62 -27.14
N LEU C 159 22.55 -28.94 -27.19
CA LEU C 159 21.72 -29.76 -28.04
C LEU C 159 20.40 -30.01 -27.40
N KCX C 160 19.34 -29.76 -28.15
CA KCX C 160 18.02 -30.02 -27.69
CB KCX C 160 17.06 -28.84 -28.11
CG KCX C 160 15.75 -28.95 -27.32
CD KCX C 160 14.74 -27.83 -27.62
CE KCX C 160 13.52 -27.92 -26.68
NZ KCX C 160 12.33 -27.42 -27.36
C KCX C 160 17.47 -31.28 -28.24
O KCX C 160 17.49 -31.48 -29.48
CX KCX C 160 11.53 -26.40 -26.98
OQ1 KCX C 160 10.44 -26.09 -27.73
OQ2 KCX C 160 11.70 -25.74 -25.97
N ALA C 161 17.03 -32.14 -27.33
CA ALA C 161 16.36 -33.38 -27.68
C ALA C 161 14.90 -33.24 -27.70
N ASP C 162 14.24 -33.75 -28.77
CA ASP C 162 12.84 -33.88 -28.78
C ASP C 162 12.56 -35.23 -28.14
N THR C 163 12.16 -35.20 -26.87
CA THR C 163 11.81 -36.39 -26.10
C THR C 163 10.36 -36.79 -26.10
N GLY C 164 9.53 -36.03 -26.82
CA GLY C 164 8.14 -36.28 -26.87
C GLY C 164 7.26 -35.03 -27.00
N LEU C 165 7.80 -33.84 -26.76
CA LEU C 165 7.00 -32.60 -26.91
C LEU C 165 6.63 -32.30 -28.40
N GLY C 166 7.45 -32.74 -29.33
CA GLY C 166 7.14 -32.53 -30.77
C GLY C 166 7.18 -31.09 -31.22
N ARG C 167 7.98 -30.27 -30.54
CA ARG C 167 8.12 -28.85 -30.91
C ARG C 167 9.55 -28.64 -31.39
N GLY C 168 10.44 -28.07 -30.57
CA GLY C 168 11.78 -27.82 -30.95
C GLY C 168 12.49 -29.20 -30.71
N GLY C 169 13.73 -29.22 -30.94
CA GLY C 169 14.39 -30.45 -30.51
C GLY C 169 14.58 -31.39 -31.65
N CYS C 170 15.71 -32.07 -31.54
CA CYS C 170 16.13 -33.14 -32.49
C CYS C 170 15.46 -34.45 -32.16
N GLN C 171 14.92 -35.12 -33.17
CA GLN C 171 14.32 -36.45 -32.94
C GLN C 171 15.36 -37.54 -32.59
N PRO C 172 14.96 -38.51 -31.81
CA PRO C 172 15.88 -39.61 -31.53
C PRO C 172 16.07 -40.38 -32.83
N GLY C 173 17.11 -41.21 -32.82
CA GLY C 173 17.42 -42.06 -33.96
C GLY C 173 18.42 -41.35 -34.79
N ALA C 174 18.24 -41.46 -36.10
CA ALA C 174 19.23 -41.00 -37.05
C ALA C 174 19.53 -39.52 -36.95
N ASP C 175 18.47 -38.72 -36.75
CA ASP C 175 18.69 -37.30 -36.62
C ASP C 175 19.65 -36.99 -35.45
N TRP C 176 19.43 -37.61 -34.30
CA TRP C 176 20.26 -37.34 -33.11
C TRP C 176 21.67 -37.89 -33.28
N GLU C 177 21.70 -39.08 -33.86
CA GLU C 177 23.01 -39.68 -34.27
C GLU C 177 23.82 -38.71 -35.15
N ARG C 178 23.19 -38.14 -36.19
CA ARG C 178 23.87 -37.21 -37.11
C ARG C 178 24.29 -35.93 -36.37
N LEU C 179 23.37 -35.41 -35.54
CA LEU C 179 23.67 -34.19 -34.84
C LEU C 179 24.77 -34.32 -33.77
N VAL C 180 24.71 -35.38 -32.98
CA VAL C 180 25.76 -35.68 -32.04
C VAL C 180 27.14 -35.83 -32.78
N GLY C 181 27.12 -36.58 -33.88
CA GLY C 181 28.34 -36.76 -34.67
C GLY C 181 28.90 -35.47 -35.18
N ALA C 182 28.02 -34.59 -35.70
CA ALA C 182 28.48 -33.32 -36.17
C ALA C 182 29.04 -32.46 -35.05
N ALA C 183 28.45 -32.55 -33.87
CA ALA C 183 28.92 -31.79 -32.73
C ALA C 183 30.33 -32.24 -32.30
N LEU C 184 30.51 -33.56 -32.30
CA LEU C 184 31.84 -34.14 -32.01
C LEU C 184 32.90 -33.68 -33.00
N ARG C 185 32.58 -33.64 -34.29
CA ARG C 185 33.53 -33.19 -35.31
CA ARG C 185 33.53 -33.15 -35.31
C ARG C 185 33.87 -31.70 -35.06
N ALA C 186 32.85 -30.90 -34.74
CA ALA C 186 33.10 -29.50 -34.43
C ALA C 186 33.97 -29.31 -33.18
N GLU C 187 33.76 -30.15 -32.16
CA GLU C 187 34.55 -30.10 -30.94
C GLU C 187 36.00 -30.44 -31.29
N GLU C 188 36.14 -31.47 -32.12
CA GLU C 188 37.49 -31.92 -32.56
C GLU C 188 38.21 -30.79 -33.26
N GLU C 189 37.51 -30.01 -34.10
CA GLU C 189 38.13 -28.83 -34.71
C GLU C 189 38.30 -27.59 -33.79
N GLY C 190 37.95 -27.67 -32.51
CA GLY C 190 38.01 -26.49 -31.57
C GLY C 190 36.99 -25.34 -31.82
N LEU C 191 35.91 -25.64 -32.54
CA LEU C 191 34.91 -24.63 -32.96
C LEU C 191 33.78 -24.47 -31.98
N LEU C 192 33.54 -25.48 -31.15
CA LEU C 192 32.54 -25.32 -30.09
C LEU C 192 32.77 -26.34 -29.01
N ARG C 193 31.97 -26.20 -27.99
CA ARG C 193 31.86 -27.15 -26.96
C ARG C 193 30.35 -27.36 -26.71
N VAL C 194 29.89 -28.60 -26.65
CA VAL C 194 28.53 -28.88 -26.26
C VAL C 194 28.49 -28.73 -24.76
N THR C 195 27.88 -27.63 -24.31
CA THR C 195 27.79 -27.29 -22.92
C THR C 195 26.55 -27.88 -22.25
N GLY C 196 25.56 -28.29 -23.02
CA GLY C 196 24.37 -28.85 -22.45
C GLY C 196 23.60 -29.78 -23.38
N LEU C 197 22.75 -30.59 -22.75
CA LEU C 197 21.79 -31.41 -23.41
C LEU C 197 20.49 -31.14 -22.68
N TRP C 198 19.45 -30.81 -23.43
CA TRP C 198 18.21 -30.43 -22.81
C TRP C 198 16.96 -30.78 -23.58
N SER C 199 15.84 -30.74 -22.85
CA SER C 199 14.53 -30.99 -23.42
C SER C 199 13.47 -30.26 -22.67
N HIS C 200 12.23 -30.50 -23.00
CA HIS C 200 11.08 -29.78 -22.40
C HIS C 200 9.90 -30.67 -22.37
N PHE C 201 9.13 -30.66 -21.29
CA PHE C 201 7.97 -31.52 -21.08
C PHE C 201 6.70 -31.02 -21.73
N ALA C 202 5.84 -31.94 -22.16
CA ALA C 202 4.52 -31.59 -22.68
C ALA C 202 3.44 -31.42 -21.64
N CYS C 203 3.46 -32.32 -20.65
CA CYS C 203 2.33 -32.48 -19.77
C CYS C 203 2.68 -32.45 -18.29
N ALA C 204 3.79 -31.79 -17.92
CA ALA C 204 4.22 -31.81 -16.51
C ALA C 204 3.29 -31.09 -15.54
N ASP C 205 2.41 -30.25 -16.05
CA ASP C 205 1.38 -29.61 -15.22
C ASP C 205 0.22 -30.51 -14.87
N GLU C 206 0.18 -31.74 -15.45
CA GLU C 206 -0.80 -32.80 -15.14
C GLU C 206 -0.12 -33.96 -14.45
N PRO C 207 -0.03 -33.89 -13.10
CA PRO C 207 0.78 -34.86 -12.41
C PRO C 207 0.31 -36.30 -12.69
N GLY C 208 1.29 -37.16 -12.90
CA GLY C 208 1.05 -38.58 -13.31
C GLY C 208 0.68 -38.82 -14.76
N HIS C 209 0.60 -37.76 -15.60
CA HIS C 209 0.37 -37.98 -17.04
C HIS C 209 1.46 -38.93 -17.57
N PRO C 210 1.09 -40.02 -18.29
CA PRO C 210 2.10 -41.02 -18.71
C PRO C 210 3.23 -40.49 -19.58
N SER C 211 2.94 -39.43 -20.35
CA SER C 211 3.99 -38.81 -21.15
C SER C 211 5.19 -38.32 -20.36
N ILE C 212 4.99 -37.97 -19.09
CA ILE C 212 6.07 -37.41 -18.27
C ILE C 212 7.18 -38.44 -18.07
N ALA C 213 6.79 -39.62 -17.57
CA ALA C 213 7.76 -40.72 -17.45
C ALA C 213 8.36 -41.11 -18.78
N ALA C 214 7.52 -41.14 -19.82
CA ALA C 214 8.01 -41.48 -21.21
C ALA C 214 9.05 -40.53 -21.71
N GLN C 215 8.81 -39.24 -21.46
CA GLN C 215 9.83 -38.27 -21.84
C GLN C 215 11.07 -38.36 -20.99
N LEU C 216 10.92 -38.54 -19.69
CA LEU C 216 12.18 -38.66 -18.85
C LEU C 216 13.02 -39.90 -19.29
N THR C 217 12.33 -40.99 -19.64
CA THR C 217 13.06 -42.20 -20.14
C THR C 217 13.80 -41.94 -21.43
N ARG C 218 13.12 -41.27 -22.37
CA ARG C 218 13.79 -40.90 -23.61
C ARG C 218 14.90 -39.91 -23.41
N PHE C 219 14.70 -38.94 -22.50
CA PHE C 219 15.74 -38.00 -22.18
C PHE C 219 17.02 -38.71 -21.66
N ARG C 220 16.83 -39.64 -20.75
CA ARG C 220 17.95 -40.41 -20.19
CA ARG C 220 17.95 -40.40 -20.19
C ARG C 220 18.63 -41.19 -21.31
N GLU C 221 17.83 -41.81 -22.19
CA GLU C 221 18.37 -42.59 -23.32
C GLU C 221 19.17 -41.74 -24.28
N MET C 222 18.60 -40.60 -24.68
CA MET C 222 19.29 -39.74 -25.60
C MET C 222 20.55 -39.08 -25.05
N THR C 223 20.49 -38.66 -23.80
CA THR C 223 21.65 -38.02 -23.19
C THR C 223 22.76 -39.07 -22.90
N ALA C 224 22.35 -40.27 -22.50
CA ALA C 224 23.33 -41.43 -22.33
C ALA C 224 24.08 -41.72 -23.62
N TYR C 225 23.34 -41.79 -24.72
CA TYR C 225 23.88 -41.93 -26.08
C TYR C 225 24.87 -40.85 -26.42
N ALA C 226 24.50 -39.57 -26.22
CA ALA C 226 25.42 -38.49 -26.50
C ALA C 226 26.71 -38.59 -25.70
N GLU C 227 26.58 -39.00 -24.45
CA GLU C 227 27.75 -39.03 -23.53
C GLU C 227 28.65 -40.24 -23.86
N GLN C 228 28.04 -41.37 -24.16
CA GLN C 228 28.78 -42.54 -24.72
C GLN C 228 29.60 -42.21 -25.96
N ARG C 229 29.02 -41.44 -26.88
CA ARG C 229 29.74 -41.03 -28.09
C ARG C 229 30.84 -40.07 -27.77
N GLY C 230 30.84 -39.44 -26.60
CA GLY C 230 31.93 -38.57 -26.20
C GLY C 230 31.61 -37.15 -25.74
N LEU C 231 30.36 -36.71 -25.88
CA LEU C 231 30.01 -35.36 -25.41
C LEU C 231 30.04 -35.28 -23.90
N ARG C 232 30.50 -34.13 -23.40
CA ARG C 232 30.67 -33.91 -21.99
C ARG C 232 30.02 -32.58 -21.58
N PRO C 233 28.69 -32.56 -21.46
CA PRO C 233 28.03 -31.32 -21.11
C PRO C 233 28.23 -30.87 -19.69
N GLU C 234 28.22 -29.57 -19.43
CA GLU C 234 28.17 -29.04 -18.06
C GLU C 234 26.82 -29.29 -17.42
N VAL C 235 25.74 -29.13 -18.21
CA VAL C 235 24.39 -29.29 -17.68
C VAL C 235 23.49 -30.17 -18.55
N ARG C 236 22.70 -30.98 -17.87
CA ARG C 236 21.49 -31.61 -18.45
C ARG C 236 20.30 -30.99 -17.80
N HIS C 237 19.25 -30.69 -18.59
CA HIS C 237 18.04 -30.10 -17.99
C HIS C 237 16.82 -30.33 -18.83
N ILE C 238 15.70 -30.48 -18.13
CA ILE C 238 14.39 -30.67 -18.72
C ILE C 238 13.23 -30.04 -17.91
N ALA C 239 13.44 -29.57 -16.68
CA ALA C 239 12.34 -29.21 -15.83
C ALA C 239 11.92 -27.76 -15.98
N ASN C 240 10.65 -27.59 -16.31
CA ASN C 240 9.98 -26.27 -16.29
C ASN C 240 9.43 -26.04 -14.87
N SER C 241 8.52 -25.09 -14.69
CA SER C 241 7.89 -24.91 -13.37
C SER C 241 7.17 -26.07 -12.81
N PRO C 242 6.20 -26.65 -13.53
CA PRO C 242 5.47 -27.73 -12.87
C PRO C 242 6.36 -28.93 -12.53
N ALA C 243 7.34 -29.23 -13.36
CA ALA C 243 8.30 -30.31 -13.07
C ALA C 243 9.19 -29.95 -11.88
N THR C 244 9.66 -28.71 -11.84
CA THR C 244 10.48 -28.25 -10.73
C THR C 244 9.74 -28.49 -9.38
N LEU C 245 8.48 -28.14 -9.35
CA LEU C 245 7.67 -28.17 -8.17
C LEU C 245 7.20 -29.55 -7.74
N THR C 246 7.10 -30.50 -8.67
CA THR C 246 6.51 -31.80 -8.40
C THR C 246 7.42 -33.02 -8.70
N LEU C 247 8.57 -32.84 -9.38
CA LEU C 247 9.36 -33.95 -9.93
C LEU C 247 10.82 -33.82 -9.64
N PRO C 248 11.25 -34.13 -8.40
CA PRO C 248 12.68 -34.05 -8.07
C PRO C 248 13.59 -34.93 -8.97
N ASP C 249 13.10 -36.05 -9.52
CA ASP C 249 13.88 -36.89 -10.42
C ASP C 249 14.17 -36.20 -11.74
N ALA C 250 13.42 -35.13 -12.05
CA ALA C 250 13.62 -34.32 -13.27
C ALA C 250 14.50 -33.11 -13.09
N HIS C 251 15.06 -32.90 -11.90
CA HIS C 251 15.92 -31.71 -11.66
C HIS C 251 17.21 -31.70 -12.37
N PHE C 252 17.86 -32.85 -12.46
CA PHE C 252 19.16 -32.90 -13.07
C PHE C 252 20.11 -31.80 -12.58
N ASP C 253 20.80 -31.11 -13.47
CA ASP C 253 21.82 -30.14 -13.08
C ASP C 253 21.29 -28.68 -13.06
N LEU C 254 20.08 -28.46 -13.56
CA LEU C 254 19.58 -27.13 -13.86
CA LEU C 254 19.58 -27.13 -13.86
C LEU C 254 18.07 -27.19 -14.00
N VAL C 255 17.39 -26.25 -13.38
CA VAL C 255 15.90 -26.20 -13.46
C VAL C 255 15.49 -24.85 -14.06
N ARG C 256 14.39 -24.85 -14.84
CA ARG C 256 13.97 -23.64 -15.57
C ARG C 256 12.56 -23.19 -15.20
N PRO C 257 12.35 -22.76 -13.93
CA PRO C 257 10.99 -22.53 -13.46
C PRO C 257 10.53 -21.11 -13.79
N GLY C 258 10.01 -20.90 -15.01
CA GLY C 258 9.57 -19.62 -15.50
C GLY C 258 8.39 -19.02 -14.74
N ILE C 259 7.18 -19.55 -14.98
CA ILE C 259 5.96 -18.94 -14.45
C ILE C 259 6.05 -18.88 -12.89
N ALA C 260 6.63 -19.90 -12.28
CA ALA C 260 6.77 -19.89 -10.77
C ALA C 260 7.68 -18.80 -10.26
N MET C 261 8.70 -18.44 -11.00
CA MET C 261 9.53 -17.29 -10.64
C MET C 261 8.68 -16.02 -10.56
N TYR C 262 7.66 -15.92 -11.38
CA TYR C 262 6.76 -14.75 -11.35
C TYR C 262 5.64 -14.88 -10.30
N GLY C 263 5.71 -15.92 -9.53
CA GLY C 263 4.79 -16.19 -8.45
C GLY C 263 3.46 -16.72 -8.79
N VAL C 264 3.34 -17.32 -9.99
CA VAL C 264 2.12 -17.78 -10.50
C VAL C 264 2.22 -19.31 -10.64
N SER C 265 1.21 -20.03 -10.13
CA SER C 265 1.26 -21.47 -10.20
C SER C 265 1.00 -21.93 -11.65
N PRO C 266 1.77 -22.93 -12.11
CA PRO C 266 1.47 -23.46 -13.47
C PRO C 266 0.07 -23.99 -13.68
N SER C 267 -0.58 -24.56 -12.65
CA SER C 267 -2.01 -24.89 -12.75
C SER C 267 -2.60 -25.11 -11.39
N PRO C 268 -3.92 -24.92 -11.24
CA PRO C 268 -4.57 -25.29 -9.98
C PRO C 268 -4.37 -26.76 -9.61
N GLU C 269 -4.22 -27.64 -10.60
CA GLU C 269 -3.95 -29.06 -10.39
CA GLU C 269 -3.92 -29.07 -10.39
C GLU C 269 -2.58 -29.24 -9.66
N ILE C 270 -1.60 -28.40 -9.99
CA ILE C 270 -0.28 -28.38 -9.30
C ILE C 270 -0.43 -27.77 -7.88
N GLY C 271 -1.10 -26.63 -7.76
CA GLY C 271 -1.38 -25.98 -6.46
C GLY C 271 -1.45 -24.45 -6.58
N THR C 272 -1.48 -23.77 -5.42
CA THR C 272 -1.52 -22.32 -5.33
C THR C 272 -0.12 -21.83 -5.16
N PRO C 273 0.12 -20.54 -5.45
CA PRO C 273 1.43 -20.01 -5.14
C PRO C 273 1.83 -20.21 -3.68
N ALA C 274 0.91 -20.01 -2.75
CA ALA C 274 1.18 -20.14 -1.31
C ALA C 274 1.62 -21.56 -0.96
N ASP C 275 1.09 -22.58 -1.62
CA ASP C 275 1.56 -24.00 -1.44
C ASP C 275 3.04 -24.17 -1.61
N PHE C 276 3.69 -23.31 -2.43
CA PHE C 276 5.09 -23.43 -2.74
C PHE C 276 5.94 -22.30 -2.26
N GLY C 277 5.42 -21.46 -1.37
CA GLY C 277 6.16 -20.35 -0.81
C GLY C 277 6.31 -19.19 -1.80
N LEU C 278 5.44 -19.14 -2.79
CA LEU C 278 5.54 -18.18 -3.92
C LEU C 278 4.56 -17.04 -3.69
N ARG C 279 4.90 -15.89 -4.28
CA ARG C 279 4.00 -14.75 -4.29
C ARG C 279 3.95 -14.05 -5.69
N PRO C 280 2.78 -13.86 -6.26
CA PRO C 280 2.67 -13.21 -7.58
C PRO C 280 3.38 -11.88 -7.58
N VAL C 281 4.14 -11.65 -8.64
CA VAL C 281 5.01 -10.53 -8.80
C VAL C 281 4.26 -9.33 -9.35
N MET C 282 3.30 -9.55 -10.21
CA MET C 282 2.63 -8.49 -10.93
C MET C 282 1.30 -8.18 -10.31
N THR C 283 1.11 -6.85 -10.08
CA THR C 283 -0.17 -6.34 -9.74
C THR C 283 -0.60 -5.35 -10.88
N LEU C 284 -1.81 -5.54 -11.38
CA LEU C 284 -2.32 -4.72 -12.48
C LEU C 284 -3.48 -3.92 -11.93
N ALA C 285 -3.35 -2.62 -12.02
CA ALA C 285 -4.35 -1.69 -11.47
C ALA C 285 -4.58 -0.52 -12.38
N ALA C 286 -5.73 0.12 -12.20
CA ALA C 286 -6.08 1.32 -13.00
C ALA C 286 -6.83 2.31 -12.12
N SER C 287 -6.97 3.52 -12.65
CA SER C 287 -7.73 4.61 -11.93
C SER C 287 -9.06 4.79 -12.67
N LEU C 288 -10.19 4.79 -11.96
CA LEU C 288 -11.49 4.91 -12.63
C LEU C 288 -11.57 6.24 -13.41
N ALA C 289 -12.04 6.19 -14.64
CA ALA C 289 -12.09 7.36 -15.51
C ALA C 289 -13.43 8.09 -15.36
N LEU C 290 -14.44 7.37 -14.92
CA LEU C 290 -15.78 7.89 -14.87
C LEU C 290 -16.57 7.06 -13.86
N VAL C 291 -17.43 7.75 -13.10
CA VAL C 291 -18.39 7.06 -12.25
C VAL C 291 -19.69 7.80 -12.49
N LYS C 292 -20.72 7.10 -12.95
CA LYS C 292 -21.93 7.81 -13.30
C LYS C 292 -23.16 7.01 -12.95
N GLN C 293 -24.21 7.75 -12.61
CA GLN C 293 -25.51 7.12 -12.40
C GLN C 293 -26.20 6.93 -13.74
N VAL C 294 -26.87 5.79 -13.89
CA VAL C 294 -27.65 5.46 -15.08
C VAL C 294 -28.95 4.80 -14.68
N PRO C 295 -29.97 4.94 -15.55
CA PRO C 295 -31.27 4.33 -15.23
C PRO C 295 -31.22 2.85 -15.45
N GLY C 296 -32.26 2.19 -14.98
CA GLY C 296 -32.54 0.81 -15.38
C GLY C 296 -32.79 0.70 -16.88
N GLY C 297 -32.59 -0.50 -17.42
CA GLY C 297 -32.82 -0.79 -18.83
C GLY C 297 -31.81 -0.16 -19.79
N HIS C 298 -30.65 0.29 -19.25
CA HIS C 298 -29.59 0.90 -20.07
C HIS C 298 -28.63 -0.21 -20.52
N GLY C 299 -28.42 -0.37 -21.81
CA GLY C 299 -27.41 -1.36 -22.32
C GLY C 299 -26.03 -0.91 -21.98
N VAL C 300 -25.07 -1.85 -21.88
CA VAL C 300 -23.74 -1.45 -21.48
C VAL C 300 -22.75 -2.13 -22.42
N SER C 301 -21.93 -1.29 -23.06
CA SER C 301 -20.90 -1.73 -24.01
C SER C 301 -21.41 -2.46 -25.25
N TYR C 302 -20.48 -2.91 -26.12
CA TYR C 302 -20.87 -3.35 -27.46
C TYR C 302 -21.76 -4.53 -27.46
N GLY C 303 -22.75 -4.52 -28.37
CA GLY C 303 -23.72 -5.63 -28.44
C GLY C 303 -24.74 -5.61 -27.30
N HIS C 304 -24.57 -4.72 -26.32
CA HIS C 304 -25.52 -4.66 -25.19
C HIS C 304 -25.73 -6.04 -24.56
N HIS C 305 -24.62 -6.70 -24.23
CA HIS C 305 -24.66 -8.01 -23.57
C HIS C 305 -24.90 -7.91 -22.06
N TYR C 306 -24.87 -6.71 -21.51
CA TYR C 306 -25.37 -6.45 -20.17
C TYR C 306 -26.36 -5.24 -20.25
N THR C 307 -27.42 -5.36 -19.47
CA THR C 307 -28.42 -4.30 -19.34
C THR C 307 -28.63 -4.06 -17.87
N THR C 308 -28.60 -2.80 -17.45
CA THR C 308 -28.75 -2.46 -16.04
C THR C 308 -30.14 -2.98 -15.60
N PRO C 309 -30.19 -3.71 -14.48
CA PRO C 309 -31.49 -4.20 -13.98
C PRO C 309 -32.38 -3.11 -13.35
N GLY C 310 -31.76 -2.04 -12.84
CA GLY C 310 -32.46 -0.92 -12.26
C GLY C 310 -31.49 0.25 -12.23
N GLU C 311 -31.93 1.34 -11.62
CA GLU C 311 -31.06 2.49 -11.43
C GLU C 311 -29.76 2.05 -10.71
N THR C 312 -28.60 2.45 -11.24
CA THR C 312 -27.33 1.98 -10.68
C THR C 312 -26.21 2.95 -11.02
N THR C 313 -24.99 2.62 -10.58
CA THR C 313 -23.85 3.39 -10.94
C THR C 313 -22.94 2.47 -11.80
N LEU C 314 -22.30 3.09 -12.79
CA LEU C 314 -21.31 2.40 -13.63
C LEU C 314 -19.95 3.04 -13.40
N GLY C 315 -18.92 2.18 -13.40
CA GLY C 315 -17.54 2.67 -13.28
C GLY C 315 -16.79 2.28 -14.55
N LEU C 316 -16.02 3.24 -15.07
CA LEU C 316 -15.25 3.02 -16.35
C LEU C 316 -13.80 2.76 -16.03
N VAL C 317 -13.34 1.53 -16.34
CA VAL C 317 -11.97 1.15 -16.04
C VAL C 317 -11.25 1.37 -17.39
N PRO C 318 -10.30 2.28 -17.43
CA PRO C 318 -9.61 2.67 -18.66
C PRO C 318 -8.50 1.69 -19.17
N LEU C 319 -8.81 0.42 -19.16
CA LEU C 319 -7.94 -0.64 -19.75
C LEU C 319 -8.80 -1.48 -20.64
N GLY C 320 -8.28 -1.93 -21.82
CA GLY C 320 -9.09 -2.75 -22.71
C GLY C 320 -8.19 -3.87 -23.36
N TYR C 321 -8.71 -4.49 -24.40
CA TYR C 321 -7.98 -5.56 -25.09
C TYR C 321 -6.65 -5.15 -25.72
N ALA C 322 -6.53 -3.92 -26.18
CA ALA C 322 -5.20 -3.42 -26.60
C ALA C 322 -4.18 -3.41 -25.48
N ASP C 323 -4.64 -3.28 -24.22
CA ASP C 323 -3.77 -3.33 -23.08
C ASP C 323 -3.56 -4.75 -22.58
N GLY C 324 -4.15 -5.73 -23.25
CA GLY C 324 -4.01 -7.10 -22.78
C GLY C 324 -5.15 -7.59 -21.88
N ILE C 325 -6.25 -6.84 -21.74
CA ILE C 325 -7.38 -7.33 -21.00
C ILE C 325 -8.09 -8.19 -22.01
N PRO C 326 -8.06 -9.54 -21.86
CA PRO C 326 -8.63 -10.36 -22.90
C PRO C 326 -10.07 -10.15 -23.17
N ARG C 327 -10.44 -9.99 -24.46
CA ARG C 327 -11.81 -9.91 -24.81
C ARG C 327 -12.64 -11.11 -24.34
N HIS C 328 -12.06 -12.32 -24.27
CA HIS C 328 -12.74 -13.47 -23.74
C HIS C 328 -13.22 -13.31 -22.28
N ALA C 329 -12.68 -12.36 -21.52
CA ALA C 329 -13.15 -12.14 -20.15
C ALA C 329 -14.35 -11.20 -20.09
N SER C 330 -14.95 -10.94 -21.24
CA SER C 330 -16.18 -10.07 -21.30
C SER C 330 -17.22 -10.75 -20.39
N SER C 331 -17.96 -9.92 -19.67
CA SER C 331 -18.98 -10.36 -18.71
C SER C 331 -18.46 -11.20 -17.55
N SER C 332 -17.14 -11.38 -17.38
CA SER C 332 -16.65 -12.28 -16.29
C SER C 332 -15.40 -11.85 -15.57
N GLY C 333 -14.54 -11.00 -16.16
CA GLY C 333 -13.33 -10.62 -15.49
C GLY C 333 -13.55 -9.94 -14.13
N PRO C 334 -12.76 -10.30 -13.11
CA PRO C 334 -13.02 -9.71 -11.77
C PRO C 334 -12.12 -8.53 -11.50
N VAL C 335 -12.62 -7.53 -10.77
CA VAL C 335 -11.86 -6.34 -10.44
C VAL C 335 -12.28 -5.85 -9.05
N LEU C 336 -11.30 -5.52 -8.22
CA LEU C 336 -11.56 -4.94 -6.89
C LEU C 336 -11.74 -3.44 -7.07
N VAL C 337 -12.90 -2.93 -6.71
CA VAL C 337 -13.13 -1.50 -6.75
C VAL C 337 -13.94 -1.08 -5.49
N ASP C 338 -13.45 -0.06 -4.79
CA ASP C 338 -14.23 0.55 -3.68
C ASP C 338 -14.69 -0.55 -2.68
N GLY C 339 -13.72 -1.40 -2.30
CA GLY C 339 -13.90 -2.42 -1.28
C GLY C 339 -14.60 -3.72 -1.65
N LYS C 340 -15.06 -3.91 -2.89
CA LYS C 340 -15.77 -5.15 -3.27
C LYS C 340 -15.27 -5.62 -4.65
N TRP C 341 -15.32 -6.95 -4.88
CA TRP C 341 -15.13 -7.51 -6.24
C TRP C 341 -16.27 -7.10 -7.11
N ARG C 342 -15.93 -6.54 -8.29
CA ARG C 342 -16.89 -6.29 -9.33
C ARG C 342 -16.52 -7.21 -10.51
N THR C 343 -17.44 -7.40 -11.43
CA THR C 343 -17.19 -8.14 -12.66
C THR C 343 -17.42 -7.21 -13.87
N VAL C 344 -16.69 -7.49 -14.94
CA VAL C 344 -16.86 -6.77 -16.18
C VAL C 344 -18.33 -6.86 -16.57
N ALA C 345 -18.89 -5.74 -16.91
CA ALA C 345 -20.27 -5.68 -17.44
C ALA C 345 -20.20 -5.62 -18.95
N GLY C 346 -20.60 -6.69 -19.60
CA GLY C 346 -20.66 -6.75 -21.04
C GLY C 346 -19.27 -6.85 -21.70
N ARG C 347 -19.22 -6.36 -22.92
CA ARG C 347 -17.99 -6.47 -23.78
C ARG C 347 -16.84 -5.57 -23.36
N ILE C 348 -15.63 -6.14 -23.38
CA ILE C 348 -14.45 -5.39 -23.13
C ILE C 348 -14.20 -4.73 -24.51
N ALA C 349 -13.88 -3.45 -24.48
CA ALA C 349 -13.53 -2.70 -25.69
C ALA C 349 -12.03 -2.66 -25.82
N MET C 350 -11.55 -1.96 -26.86
CA MET C 350 -10.13 -1.90 -27.10
C MET C 350 -9.36 -1.23 -25.99
N ASP C 351 -9.99 -0.19 -25.33
CA ASP C 351 -9.29 0.66 -24.42
C ASP C 351 -9.96 0.82 -23.02
N GLN C 352 -11.06 0.18 -22.85
CA GLN C 352 -11.79 0.33 -21.58
C GLN C 352 -12.81 -0.75 -21.44
N PHE C 353 -13.33 -0.89 -20.21
CA PHE C 353 -14.49 -1.72 -19.99
C PHE C 353 -15.23 -1.07 -18.75
N VAL C 354 -16.41 -1.54 -18.54
CA VAL C 354 -17.22 -1.04 -17.48
C VAL C 354 -17.55 -2.06 -16.43
N VAL C 355 -17.72 -1.62 -15.20
CA VAL C 355 -18.30 -2.49 -14.14
C VAL C 355 -19.57 -1.81 -13.59
N ASP C 356 -20.55 -2.61 -13.21
CA ASP C 356 -21.75 -2.11 -12.49
C ASP C 356 -21.33 -2.01 -11.02
N LEU C 357 -21.34 -0.80 -10.46
CA LEU C 357 -20.96 -0.59 -9.09
C LEU C 357 -22.16 -0.72 -8.08
N GLY C 358 -23.37 -1.06 -8.58
CA GLY C 358 -24.55 -1.31 -7.75
C GLY C 358 -24.98 -0.15 -6.88
N GLY C 359 -24.66 1.10 -7.26
CA GLY C 359 -25.04 2.28 -6.50
C GLY C 359 -23.86 2.91 -5.79
N ASP C 360 -22.74 2.19 -5.62
CA ASP C 360 -21.60 2.79 -4.92
CA ASP C 360 -21.59 2.78 -4.93
C ASP C 360 -21.07 3.94 -5.77
N ARG C 361 -20.49 4.93 -5.10
CA ARG C 361 -20.05 6.15 -5.75
C ARG C 361 -18.63 6.47 -5.35
N PRO C 362 -17.69 5.60 -5.76
CA PRO C 362 -16.31 5.99 -5.55
C PRO C 362 -16.02 7.23 -6.34
N GLU C 363 -14.93 7.88 -5.97
CA GLU C 363 -14.47 9.09 -6.65
C GLU C 363 -13.84 8.68 -7.99
N PRO C 364 -13.97 9.52 -9.02
CA PRO C 364 -13.17 9.34 -10.18
C PRO C 364 -11.72 9.30 -9.78
N GLY C 365 -10.95 8.42 -10.42
CA GLY C 365 -9.53 8.30 -10.02
C GLY C 365 -9.31 7.22 -9.00
N ALA C 366 -10.39 6.63 -8.46
CA ALA C 366 -10.27 5.65 -7.39
C ALA C 366 -9.61 4.40 -8.01
N GLU C 367 -8.87 3.71 -7.16
CA GLU C 367 -8.12 2.52 -7.62
C GLU C 367 -9.02 1.31 -7.95
N ALA C 368 -8.76 0.70 -9.12
CA ALA C 368 -9.41 -0.53 -9.51
C ALA C 368 -8.27 -1.56 -9.65
N VAL C 369 -8.28 -2.60 -8.85
CA VAL C 369 -7.18 -3.58 -8.87
C VAL C 369 -7.67 -4.81 -9.58
N LEU C 370 -7.07 -5.11 -10.75
CA LEU C 370 -7.56 -6.21 -11.59
C LEU C 370 -7.00 -7.54 -11.11
N PHE C 371 -5.72 -7.53 -10.78
CA PHE C 371 -5.08 -8.67 -10.16
C PHE C 371 -3.79 -8.36 -9.47
N GLY C 372 -3.42 -9.25 -8.54
CA GLY C 372 -2.21 -9.17 -7.81
C GLY C 372 -2.05 -10.43 -6.94
N PRO C 373 -1.28 -10.30 -5.87
CA PRO C 373 -0.95 -11.50 -5.07
C PRO C 373 -2.15 -11.99 -4.32
N GLY C 374 -3.07 -11.09 -3.98
CA GLY C 374 -4.39 -11.49 -3.44
C GLY C 374 -4.56 -11.12 -1.95
N ASP C 375 -3.48 -10.66 -1.28
CA ASP C 375 -3.56 -10.42 0.19
C ASP C 375 -4.31 -9.11 0.54
N ARG C 376 -4.56 -8.25 -0.42
CA ARG C 376 -5.47 -7.09 -0.24
C ARG C 376 -6.91 -7.35 -0.68
N GLY C 377 -7.29 -8.61 -0.83
CA GLY C 377 -8.63 -8.94 -1.28
C GLY C 377 -8.85 -8.76 -2.81
N GLU C 378 -7.78 -8.54 -3.58
CA GLU C 378 -7.93 -8.41 -5.03
C GLU C 378 -7.89 -9.80 -5.73
N PRO C 379 -8.41 -9.88 -6.98
CA PRO C 379 -8.22 -11.12 -7.74
C PRO C 379 -6.78 -11.42 -8.11
N THR C 380 -6.54 -12.64 -8.58
CA THR C 380 -5.21 -13.06 -9.05
C THR C 380 -5.27 -13.28 -10.62
N ALA C 381 -4.10 -13.41 -11.19
CA ALA C 381 -3.99 -13.66 -12.63
C ALA C 381 -4.71 -14.95 -12.95
N GLU C 382 -4.66 -15.96 -12.06
CA GLU C 382 -5.42 -17.18 -12.25
C GLU C 382 -6.90 -16.96 -12.35
N ASP C 383 -7.49 -16.03 -11.57
CA ASP C 383 -8.93 -15.73 -11.70
C ASP C 383 -9.25 -15.16 -13.11
N TRP C 384 -8.35 -14.33 -13.65
CA TRP C 384 -8.51 -13.84 -15.00
C TRP C 384 -8.37 -14.92 -16.07
N ALA C 385 -7.43 -15.83 -15.84
CA ALA C 385 -7.27 -16.99 -16.73
C ALA C 385 -8.55 -17.78 -16.84
N GLN C 386 -9.15 -18.12 -15.67
CA GLN C 386 -10.40 -18.82 -15.69
C GLN C 386 -11.48 -18.00 -16.35
N ALA C 387 -11.54 -16.71 -16.06
CA ALA C 387 -12.57 -15.88 -16.65
C ALA C 387 -12.47 -15.82 -18.20
N ALA C 388 -11.23 -15.87 -18.68
CA ALA C 388 -10.94 -15.79 -20.11
C ALA C 388 -10.72 -17.14 -20.81
N GLY C 389 -10.94 -18.28 -20.14
CA GLY C 389 -10.79 -19.60 -20.75
C GLY C 389 -9.36 -19.85 -21.20
N THR C 390 -8.39 -19.39 -20.42
CA THR C 390 -7.00 -19.56 -20.78
C THR C 390 -6.16 -19.91 -19.55
N ILE C 391 -4.87 -19.74 -19.64
CA ILE C 391 -3.93 -20.02 -18.60
C ILE C 391 -3.31 -18.74 -18.14
N ALA C 392 -2.89 -18.72 -16.86
CA ALA C 392 -2.34 -17.48 -16.28
C ALA C 392 -1.06 -16.99 -16.97
N TYR C 393 -0.30 -17.91 -17.59
CA TYR C 393 0.81 -17.50 -18.38
C TYR C 393 0.43 -16.45 -19.44
N GLU C 394 -0.69 -16.68 -20.12
CA GLU C 394 -1.11 -15.78 -21.21
C GLU C 394 -1.57 -14.45 -20.68
N ILE C 395 -2.21 -14.50 -19.51
CA ILE C 395 -2.70 -13.24 -18.87
C ILE C 395 -1.55 -12.32 -18.55
N VAL C 396 -0.54 -12.77 -17.81
CA VAL C 396 0.55 -11.88 -17.41
C VAL C 396 1.39 -11.49 -18.63
N THR C 397 1.62 -12.44 -19.53
CA THR C 397 2.60 -12.21 -20.56
C THR C 397 2.10 -11.22 -21.62
N ARG C 398 0.82 -11.14 -21.84
CA ARG C 398 0.24 -10.32 -22.88
C ARG C 398 -0.30 -8.96 -22.39
N ILE C 399 0.04 -8.62 -21.16
CA ILE C 399 -0.20 -7.26 -20.71
C ILE C 399 0.56 -6.30 -21.62
N GLY C 400 -0.19 -5.39 -22.18
CA GLY C 400 0.26 -4.58 -23.34
C GLY C 400 1.29 -3.52 -23.05
N SER C 401 2.01 -3.11 -24.06
CA SER C 401 3.09 -2.15 -23.86
C SER C 401 2.54 -0.75 -23.44
N ARG C 402 1.29 -0.52 -23.68
CA ARG C 402 0.68 0.74 -23.31
C ARG C 402 0.47 0.84 -21.81
N VAL C 403 0.63 -0.27 -21.06
CA VAL C 403 0.58 -0.24 -19.58
C VAL C 403 1.98 -0.08 -19.06
N PRO C 404 2.28 1.05 -18.38
CA PRO C 404 3.64 1.20 -17.86
C PRO C 404 3.90 0.22 -16.74
N ARG C 405 5.11 -0.31 -16.70
CA ARG C 405 5.58 -1.08 -15.57
C ARG C 405 6.18 -0.11 -14.54
N VAL C 406 5.88 -0.38 -13.28
CA VAL C 406 6.46 0.33 -12.11
C VAL C 406 7.19 -0.71 -11.26
N TYR C 407 8.49 -0.57 -11.12
CA TYR C 407 9.34 -1.53 -10.39
C TYR C 407 9.42 -1.09 -8.90
N VAL C 408 9.08 -1.99 -8.00
CA VAL C 408 9.19 -1.74 -6.56
C VAL C 408 10.19 -2.72 -5.94
N ASN C 409 10.90 -2.24 -4.92
CA ASN C 409 11.88 -3.06 -4.23
C ASN C 409 13.07 -3.56 -5.12
N GLU C 410 13.48 -2.75 -6.08
CA GLU C 410 14.69 -3.03 -6.91
C GLU C 410 15.98 -3.29 -6.12
N ALA D 29 17.07 -5.59 -40.25
CA ALA D 29 17.23 -6.78 -41.16
C ALA D 29 17.28 -8.09 -40.37
N ASP D 30 17.94 -8.03 -39.22
CA ASP D 30 18.08 -9.16 -38.32
C ASP D 30 16.79 -9.60 -37.56
N ALA D 31 16.06 -8.72 -36.85
CA ALA D 31 14.83 -9.13 -36.14
C ALA D 31 13.74 -9.60 -37.09
N VAL D 32 13.73 -9.02 -38.30
CA VAL D 32 12.72 -9.47 -39.27
C VAL D 32 12.87 -10.89 -39.80
N LEU D 33 14.03 -11.51 -39.59
CA LEU D 33 14.17 -12.87 -40.01
C LEU D 33 13.21 -13.83 -39.40
N ARG D 34 12.96 -13.68 -38.11
CA ARG D 34 12.05 -14.62 -37.43
C ARG D 34 10.64 -14.41 -37.89
N ALA D 35 10.22 -13.14 -37.89
CA ALA D 35 8.84 -12.78 -38.16
C ALA D 35 8.70 -11.32 -38.35
N ARG D 36 7.63 -10.92 -39.02
CA ARG D 36 7.37 -9.53 -39.24
CA ARG D 36 7.35 -9.52 -39.16
C ARG D 36 5.91 -9.28 -39.51
N ALA D 37 5.47 -8.08 -39.21
CA ALA D 37 4.19 -7.61 -39.58
C ALA D 37 4.40 -6.53 -40.65
N GLU D 38 4.08 -6.90 -41.90
CA GLU D 38 4.28 -5.95 -43.01
CA GLU D 38 4.27 -5.96 -43.01
C GLU D 38 3.05 -5.04 -43.10
N ILE D 39 3.29 -3.77 -43.09
CA ILE D 39 2.19 -2.75 -43.08
C ILE D 39 2.25 -2.01 -44.46
N ASP D 40 1.27 -2.29 -45.27
CA ASP D 40 1.22 -1.66 -46.59
C ASP D 40 0.46 -0.34 -46.50
N LEU D 41 1.23 0.72 -46.44
CA LEU D 41 0.65 2.07 -46.33
C LEU D 41 -0.09 2.53 -47.57
N ALA D 42 0.20 1.94 -48.74
CA ALA D 42 -0.58 2.21 -49.93
C ALA D 42 -1.98 1.65 -49.80
N ALA D 43 -2.10 0.47 -49.18
CA ALA D 43 -3.39 -0.12 -48.92
C ALA D 43 -4.14 0.81 -47.94
N LEU D 44 -3.44 1.32 -46.93
CA LEU D 44 -4.10 2.22 -45.93
C LEU D 44 -4.63 3.52 -46.62
N ARG D 45 -3.80 4.07 -47.49
CA ARG D 45 -4.22 5.28 -48.28
C ARG D 45 -5.42 4.97 -49.15
N ALA D 46 -5.43 3.81 -49.84
CA ALA D 46 -6.52 3.38 -50.69
C ALA D 46 -7.79 3.19 -49.87
N ASN D 47 -7.63 2.68 -48.66
CA ASN D 47 -8.78 2.54 -47.79
C ASN D 47 -9.33 3.92 -47.37
N VAL D 48 -8.46 4.85 -47.02
CA VAL D 48 -8.90 6.19 -46.62
C VAL D 48 -9.65 6.80 -47.82
N ARG D 49 -9.14 6.65 -49.05
CA ARG D 49 -9.86 7.19 -50.25
CA ARG D 49 -9.87 7.22 -50.24
C ARG D 49 -11.22 6.57 -50.43
N ALA D 50 -11.29 5.25 -50.32
CA ALA D 50 -12.55 4.50 -50.39
C ALA D 50 -13.56 4.96 -49.30
N LEU D 51 -13.08 5.20 -48.09
CA LEU D 51 -13.94 5.65 -46.99
C LEU D 51 -14.41 7.09 -47.19
N ARG D 52 -13.53 7.95 -47.67
CA ARG D 52 -13.92 9.35 -48.00
C ARG D 52 -15.01 9.41 -49.05
N GLU D 53 -14.88 8.56 -50.07
CA GLU D 53 -15.91 8.43 -51.08
C GLU D 53 -17.23 8.00 -50.48
N ARG D 54 -17.20 7.05 -49.53
CA ARG D 54 -18.41 6.52 -48.91
CA ARG D 54 -18.43 6.52 -48.94
CA ARG D 54 -18.44 6.55 -48.94
C ARG D 54 -19.12 7.49 -47.95
N ALA D 55 -18.40 8.50 -47.49
CA ALA D 55 -18.94 9.51 -46.57
C ALA D 55 -18.65 10.91 -47.14
N PRO D 56 -19.23 11.22 -48.31
CA PRO D 56 -18.95 12.51 -48.98
C PRO D 56 -19.37 13.78 -48.21
N GLY D 57 -20.34 13.79 -47.34
CA GLY D 57 -20.53 15.04 -46.64
C GLY D 57 -19.73 15.24 -45.34
N ALA D 58 -18.80 14.35 -45.02
CA ALA D 58 -18.07 14.39 -43.73
C ALA D 58 -16.57 14.41 -43.85
N ALA D 59 -15.90 15.05 -42.88
CA ALA D 59 -14.47 14.98 -42.76
C ALA D 59 -14.19 13.56 -42.25
N LEU D 60 -12.97 13.09 -42.44
CA LEU D 60 -12.58 11.70 -41.99
C LEU D 60 -11.57 11.83 -40.94
N MET D 61 -11.81 11.15 -39.80
CA MET D 61 -10.84 11.05 -38.74
C MET D 61 -10.18 9.68 -38.90
N ALA D 62 -8.87 9.72 -38.84
CA ALA D 62 -8.07 8.51 -38.84
C ALA D 62 -7.86 8.17 -37.37
N VAL D 63 -8.45 7.06 -36.95
CA VAL D 63 -8.35 6.60 -35.58
C VAL D 63 -7.10 5.77 -35.44
N VAL D 64 -6.13 6.32 -34.73
CA VAL D 64 -4.80 5.68 -34.63
C VAL D 64 -4.42 5.30 -33.23
N LYS D 65 -5.43 5.19 -32.38
CA LYS D 65 -5.24 4.72 -31.00
C LYS D 65 -4.67 3.28 -31.04
N ALA D 66 -4.09 2.93 -29.91
CA ALA D 66 -3.59 1.56 -29.65
C ALA D 66 -2.55 1.28 -30.77
N ASP D 67 -1.64 2.24 -30.93
CA ASP D 67 -0.54 2.14 -31.88
C ASP D 67 -1.14 1.83 -33.27
N ALA D 68 -2.15 2.60 -33.66
CA ALA D 68 -2.91 2.36 -34.88
C ALA D 68 -3.40 0.93 -35.09
N TYR D 69 -4.11 0.44 -34.07
CA TYR D 69 -4.67 -0.90 -34.11
C TYR D 69 -3.54 -1.94 -34.38
N GLY D 70 -2.40 -1.69 -33.76
CA GLY D 70 -1.24 -2.61 -33.93
C GLY D 70 -0.42 -2.36 -35.21
N HIS D 71 -0.77 -1.38 -36.01
CA HIS D 71 -0.09 -1.10 -37.31
C HIS D 71 0.96 -0.01 -37.28
N GLY D 72 1.05 0.79 -36.22
CA GLY D 72 2.09 1.81 -36.05
C GLY D 72 1.43 3.22 -36.15
N ALA D 73 1.32 3.87 -35.00
CA ALA D 73 0.61 5.14 -34.91
C ALA D 73 1.09 6.25 -35.90
N ILE D 74 2.35 6.60 -35.85
CA ILE D 74 2.85 7.74 -36.64
C ILE D 74 2.83 7.41 -38.15
N PRO D 75 3.31 6.22 -38.57
CA PRO D 75 3.31 6.03 -40.03
C PRO D 75 1.91 5.98 -40.58
N CYS D 76 0.97 5.37 -39.84
CA CYS D 76 -0.36 5.25 -40.32
C CYS D 76 -1.06 6.65 -40.31
N ALA D 77 -0.81 7.43 -39.25
CA ALA D 77 -1.34 8.84 -39.18
C ALA D 77 -0.84 9.66 -40.41
N ARG D 78 0.44 9.55 -40.70
CA ARG D 78 0.99 10.29 -41.88
C ARG D 78 0.33 9.89 -43.15
N ALA D 79 0.20 8.58 -43.38
CA ALA D 79 -0.43 8.07 -44.56
C ALA D 79 -1.89 8.50 -44.68
N ALA D 80 -2.63 8.42 -43.56
CA ALA D 80 -4.01 8.78 -43.59
C ALA D 80 -4.19 10.29 -43.92
N VAL D 81 -3.34 11.12 -43.36
CA VAL D 81 -3.39 12.59 -43.58
C VAL D 81 -3.10 12.85 -45.08
N ALA D 82 -2.11 12.14 -45.64
CA ALA D 82 -1.78 12.26 -47.08
C ALA D 82 -2.95 11.87 -47.94
N ALA D 83 -3.74 10.90 -47.50
CA ALA D 83 -4.88 10.43 -48.25
C ALA D 83 -6.19 11.22 -47.98
N GLY D 84 -6.11 12.27 -47.19
CA GLY D 84 -7.24 13.20 -47.01
C GLY D 84 -7.91 13.24 -45.64
N ALA D 85 -7.43 12.46 -44.68
CA ALA D 85 -7.93 12.57 -43.32
C ALA D 85 -7.56 13.94 -42.76
N THR D 86 -8.52 14.65 -42.14
CA THR D 86 -8.23 15.95 -41.54
C THR D 86 -8.28 15.97 -40.00
N TRP D 87 -8.63 14.82 -39.40
CA TRP D 87 -8.60 14.64 -37.96
C TRP D 87 -7.83 13.32 -37.65
N LEU D 88 -7.09 13.34 -36.56
CA LEU D 88 -6.50 12.10 -36.00
C LEU D 88 -7.19 11.89 -34.64
N GLY D 89 -7.45 10.62 -34.28
CA GLY D 89 -8.09 10.26 -33.03
C GLY D 89 -7.28 9.25 -32.27
N THR D 90 -7.06 9.52 -30.99
CA THR D 90 -6.33 8.60 -30.11
C THR D 90 -7.10 8.47 -28.81
N ALA D 91 -6.74 7.46 -28.02
CA ALA D 91 -7.40 7.25 -26.71
C ALA D 91 -6.70 8.10 -25.71
N THR D 92 -5.47 7.81 -25.36
CA THR D 92 -4.80 8.52 -24.32
C THR D 92 -4.17 9.86 -24.76
N PRO D 93 -3.97 10.77 -23.81
CA PRO D 93 -3.25 12.01 -24.14
C PRO D 93 -1.85 11.75 -24.56
N GLN D 94 -1.22 10.73 -24.00
CA GLN D 94 0.13 10.44 -24.35
C GLN D 94 0.18 10.09 -25.86
N GLU D 95 -0.82 9.39 -26.35
CA GLU D 95 -0.81 8.95 -27.77
C GLU D 95 -0.90 10.19 -28.66
N ALA D 96 -1.75 11.13 -28.22
CA ALA D 96 -1.98 12.38 -28.97
C ALA D 96 -0.80 13.30 -28.91
N LEU D 97 -0.18 13.42 -27.74
CA LEU D 97 1.06 14.17 -27.61
C LEU D 97 2.20 13.61 -28.46
N ALA D 98 2.27 12.29 -28.58
CA ALA D 98 3.31 11.70 -29.41
C ALA D 98 3.11 12.06 -30.88
N LEU D 99 1.86 12.14 -31.32
CA LEU D 99 1.58 12.58 -32.69
C LEU D 99 2.01 14.03 -32.93
N ARG D 100 1.75 14.89 -31.96
CA ARG D 100 2.14 16.26 -32.07
C ARG D 100 3.63 16.44 -32.12
N ALA D 101 4.36 15.60 -31.39
CA ALA D 101 5.79 15.62 -31.30
C ALA D 101 6.49 14.96 -32.47
N ALA D 102 5.76 14.32 -33.38
CA ALA D 102 6.40 13.52 -34.45
C ALA D 102 7.28 14.42 -35.29
N GLU D 103 8.45 13.92 -35.69
CA GLU D 103 9.35 14.65 -36.59
CA GLU D 103 9.39 14.64 -36.56
C GLU D 103 9.72 13.75 -37.77
N PRO D 104 9.53 14.21 -39.02
CA PRO D 104 8.99 15.54 -39.36
C PRO D 104 7.52 15.72 -38.96
N GLY D 105 7.12 16.92 -38.71
CA GLY D 105 5.82 17.08 -38.20
C GLY D 105 4.69 16.82 -39.12
N LEU D 106 3.64 16.30 -38.55
CA LEU D 106 2.39 16.21 -39.27
C LEU D 106 1.95 17.67 -39.52
N PRO D 107 1.04 17.91 -40.46
CA PRO D 107 0.74 19.33 -40.70
C PRO D 107 0.17 19.97 -39.44
N ASP D 108 0.58 21.21 -39.16
CA ASP D 108 0.16 21.88 -37.91
C ASP D 108 -1.34 22.10 -37.83
N ASP D 109 -2.00 22.14 -38.99
CA ASP D 109 -3.44 22.30 -39.09
C ASP D 109 -4.30 21.03 -38.96
N VAL D 110 -3.70 19.84 -38.76
CA VAL D 110 -4.54 18.66 -38.54
CA VAL D 110 -4.55 18.66 -38.54
C VAL D 110 -5.03 18.73 -37.10
N ARG D 111 -6.24 18.36 -36.89
CA ARG D 111 -6.81 18.32 -35.56
C ARG D 111 -6.52 16.95 -34.95
N ILE D 112 -6.13 16.94 -33.68
CA ILE D 112 -5.83 15.69 -32.98
C ILE D 112 -6.71 15.68 -31.76
N MET D 113 -7.56 14.67 -31.67
CA MET D 113 -8.44 14.47 -30.53
C MET D 113 -8.03 13.28 -29.66
N CYS D 114 -8.13 13.44 -28.34
CA CYS D 114 -7.95 12.30 -27.41
C CYS D 114 -9.06 12.32 -26.44
N TRP D 115 -9.48 11.12 -26.05
CA TRP D 115 -10.60 10.96 -25.20
C TRP D 115 -10.50 10.18 -23.88
N LEU D 116 -9.41 9.51 -23.61
CA LEU D 116 -9.33 8.65 -22.40
C LEU D 116 -8.53 9.28 -21.36
N TRP D 117 -9.24 10.02 -20.45
CA TRP D 117 -8.60 10.82 -19.44
C TRP D 117 -8.91 10.30 -18.05
N THR D 118 -7.95 10.45 -17.15
CA THR D 118 -8.23 10.21 -15.71
C THR D 118 -7.83 11.43 -14.91
N PRO D 119 -8.32 11.51 -13.65
CA PRO D 119 -7.96 12.68 -12.87
C PRO D 119 -6.47 12.90 -12.67
N GLY D 120 -6.02 14.13 -12.91
CA GLY D 120 -4.61 14.46 -12.72
C GLY D 120 -3.77 14.30 -13.97
N GLY D 121 -4.41 13.95 -15.06
CA GLY D 121 -3.69 13.78 -16.36
C GLY D 121 -3.11 15.08 -16.86
N PRO D 122 -2.38 15.03 -17.98
CA PRO D 122 -1.58 16.15 -18.46
C PRO D 122 -2.43 17.18 -19.26
N TRP D 123 -3.46 17.73 -18.61
CA TRP D 123 -4.40 18.62 -19.34
C TRP D 123 -3.71 19.88 -19.88
N ARG D 124 -2.83 20.44 -19.07
CA ARG D 124 -2.10 21.64 -19.46
C ARG D 124 -1.21 21.36 -20.70
N GLU D 125 -0.44 20.27 -20.67
CA GLU D 125 0.34 19.88 -21.82
C GLU D 125 -0.55 19.74 -23.07
N ALA D 126 -1.73 19.16 -22.89
CA ALA D 126 -2.64 18.97 -24.03
C ALA D 126 -3.13 20.26 -24.56
N VAL D 127 -3.48 21.17 -23.64
CA VAL D 127 -4.00 22.48 -24.05
C VAL D 127 -2.90 23.25 -24.78
N GLU D 128 -1.67 23.20 -24.28
CA GLU D 128 -0.53 23.89 -24.94
C GLU D 128 -0.20 23.29 -26.30
N ALA D 129 -0.45 21.99 -26.48
CA ALA D 129 -0.31 21.30 -27.77
C ALA D 129 -1.58 21.40 -28.70
N ARG D 130 -2.55 22.22 -28.31
CA ARG D 130 -3.77 22.46 -29.11
CA ARG D 130 -3.80 22.46 -29.05
C ARG D 130 -4.50 21.18 -29.47
N LEU D 131 -4.56 20.26 -28.54
CA LEU D 131 -5.36 19.06 -28.78
C LEU D 131 -6.81 19.32 -28.54
N ASP D 132 -7.67 18.64 -29.29
CA ASP D 132 -9.08 18.52 -28.89
C ASP D 132 -9.16 17.48 -27.79
N VAL D 133 -9.69 17.86 -26.63
CA VAL D 133 -9.76 16.92 -25.51
C VAL D 133 -11.25 16.65 -25.26
N SER D 134 -11.61 15.38 -25.11
CA SER D 134 -12.96 14.99 -24.77
C SER D 134 -13.21 15.11 -23.27
N VAL D 135 -14.42 15.56 -22.96
CA VAL D 135 -14.87 15.78 -21.58
C VAL D 135 -16.26 15.16 -21.49
N SER D 136 -16.42 14.26 -20.49
CA SER D 136 -17.66 13.53 -20.26
C SER D 136 -18.25 13.84 -18.85
N ALA D 137 -17.54 14.60 -18.04
CA ALA D 137 -17.85 14.73 -16.62
C ALA D 137 -17.36 16.04 -16.05
N MET D 138 -18.05 16.47 -14.96
CA MET D 138 -17.69 17.71 -14.29
CA MET D 138 -17.71 17.68 -14.23
C MET D 138 -16.24 17.71 -13.81
N TRP D 139 -15.74 16.58 -13.30
CA TRP D 139 -14.38 16.56 -12.79
C TRP D 139 -13.41 16.97 -13.90
N ALA D 140 -13.65 16.49 -15.12
CA ALA D 140 -12.74 16.77 -16.26
C ALA D 140 -12.90 18.21 -16.76
N MET D 141 -14.14 18.67 -16.82
CA MET D 141 -14.42 20.10 -17.07
C MET D 141 -13.64 21.02 -16.10
N GLU D 142 -13.70 20.72 -14.81
CA GLU D 142 -12.92 21.46 -13.83
C GLU D 142 -11.42 21.38 -14.05
N GLU D 143 -10.90 20.18 -14.36
CA GLU D 143 -9.45 20.04 -14.54
C GLU D 143 -9.00 20.75 -15.79
N VAL D 144 -9.76 20.68 -16.86
CA VAL D 144 -9.29 21.30 -18.11
C VAL D 144 -9.36 22.84 -18.01
N THR D 145 -10.42 23.31 -17.38
CA THR D 145 -10.60 24.74 -17.17
C THR D 145 -9.43 25.28 -16.33
N GLY D 146 -9.07 24.58 -15.26
CA GLY D 146 -7.93 24.95 -14.41
C GLY D 146 -6.60 24.94 -15.17
N ALA D 147 -6.43 23.95 -16.06
CA ALA D 147 -5.23 23.89 -16.88
C ALA D 147 -5.18 25.02 -17.92
N ALA D 148 -6.29 25.32 -18.54
CA ALA D 148 -6.35 26.45 -19.50
C ALA D 148 -6.01 27.80 -18.79
N ARG D 149 -6.57 27.98 -17.59
CA ARG D 149 -6.31 29.14 -16.79
C ARG D 149 -4.81 29.24 -16.51
N ALA D 150 -4.18 28.14 -16.08
CA ALA D 150 -2.74 28.17 -15.74
C ALA D 150 -1.85 28.33 -16.98
N ALA D 151 -2.29 27.84 -18.13
CA ALA D 151 -1.52 27.97 -19.36
C ALA D 151 -1.69 29.34 -20.01
N GLY D 152 -2.77 30.04 -19.69
CA GLY D 152 -3.11 31.27 -20.40
C GLY D 152 -3.49 31.09 -21.88
N VAL D 153 -3.87 29.85 -22.29
CA VAL D 153 -4.34 29.57 -23.68
C VAL D 153 -5.65 28.82 -23.56
N PRO D 154 -6.64 29.10 -24.45
CA PRO D 154 -7.94 28.44 -24.35
C PRO D 154 -7.86 26.98 -24.78
N ALA D 155 -8.68 26.13 -24.16
CA ALA D 155 -8.76 24.71 -24.55
C ALA D 155 -9.79 24.50 -25.67
N ARG D 156 -9.64 23.40 -26.39
CA ARG D 156 -10.59 22.92 -27.40
C ARG D 156 -11.21 21.71 -26.81
N VAL D 157 -12.49 21.80 -26.50
CA VAL D 157 -13.17 20.73 -25.77
C VAL D 157 -14.25 20.10 -26.63
N GLN D 158 -14.30 18.77 -26.60
CA GLN D 158 -15.42 18.05 -27.17
C GLN D 158 -16.22 17.37 -26.12
N LEU D 159 -17.51 17.73 -26.01
CA LEU D 159 -18.39 17.07 -25.03
C LEU D 159 -18.91 15.75 -25.56
N KCX D 160 -18.72 14.69 -24.77
CA KCX D 160 -19.18 13.38 -25.16
CB KCX D 160 -18.18 12.28 -24.76
CG KCX D 160 -18.52 10.95 -25.51
CD KCX D 160 -17.54 9.80 -25.18
CE KCX D 160 -17.88 8.55 -26.02
NZ KCX D 160 -17.55 7.32 -25.31
C KCX D 160 -20.47 13.08 -24.52
O KCX D 160 -20.59 13.20 -23.27
CX KCX D 160 -16.68 6.37 -25.69
OQ1 KCX D 160 -16.05 6.41 -26.74
OQ2 KCX D 160 -16.46 5.31 -24.89
N ALA D 161 -21.42 12.69 -25.36
CA ALA D 161 -22.74 12.29 -24.90
C ALA D 161 -22.87 10.80 -24.80
N ASP D 162 -23.38 10.31 -23.67
CA ASP D 162 -23.72 8.90 -23.56
C ASP D 162 -25.11 8.76 -24.11
N THR D 163 -25.21 8.33 -25.36
CA THR D 163 -26.47 8.15 -26.06
C THR D 163 -27.03 6.77 -26.00
N GLY D 164 -26.39 5.90 -25.24
CA GLY D 164 -26.90 4.53 -25.11
C GLY D 164 -25.81 3.46 -25.01
N LEU D 165 -24.55 3.81 -25.29
CA LEU D 165 -23.46 2.83 -25.15
C LEU D 165 -23.15 2.46 -23.70
N GLY D 166 -23.32 3.40 -22.79
CA GLY D 166 -23.11 3.14 -21.39
C GLY D 166 -21.65 3.00 -21.00
N ARG D 167 -20.76 3.62 -21.78
CA ARG D 167 -19.35 3.58 -21.48
C ARG D 167 -18.87 4.97 -21.05
N GLY D 168 -18.17 5.69 -21.92
CA GLY D 168 -17.79 7.03 -21.65
C GLY D 168 -19.05 7.92 -21.82
N GLY D 169 -18.87 9.19 -21.71
CA GLY D 169 -19.98 10.01 -22.14
C GLY D 169 -20.87 10.39 -20.97
N CYS D 170 -21.36 11.59 -21.08
CA CYS D 170 -22.22 12.22 -20.09
C CYS D 170 -23.67 11.75 -20.33
N GLN D 171 -24.35 11.39 -19.26
CA GLN D 171 -25.75 10.95 -19.38
C GLN D 171 -26.69 12.11 -19.74
N PRO D 172 -27.80 11.81 -20.41
CA PRO D 172 -28.76 12.89 -20.69
C PRO D 172 -29.42 13.28 -19.38
N GLY D 173 -30.05 14.45 -19.39
CA GLY D 173 -30.78 14.92 -18.24
C GLY D 173 -29.89 15.87 -17.51
N ALA D 174 -29.91 15.76 -16.20
CA ALA D 174 -29.29 16.75 -15.34
C ALA D 174 -27.78 16.80 -15.52
N ASP D 175 -27.15 15.62 -15.68
CA ASP D 175 -25.70 15.59 -15.92
C ASP D 175 -25.34 16.41 -17.17
N TRP D 176 -26.07 16.22 -18.25
CA TRP D 176 -25.78 16.97 -19.50
C TRP D 176 -26.07 18.48 -19.34
N GLU D 177 -27.21 18.75 -18.71
CA GLU D 177 -27.58 20.12 -18.39
C GLU D 177 -26.47 20.82 -17.63
N ARG D 178 -25.94 20.16 -16.60
CA ARG D 178 -24.86 20.74 -15.79
C ARG D 178 -23.58 20.91 -16.62
N LEU D 179 -23.26 19.90 -17.41
CA LEU D 179 -22.02 19.94 -18.19
C LEU D 179 -22.05 21.01 -19.31
N VAL D 180 -23.13 21.08 -20.03
CA VAL D 180 -23.37 22.16 -20.99
C VAL D 180 -23.27 23.55 -20.31
N GLY D 181 -23.94 23.70 -19.17
CA GLY D 181 -23.87 24.96 -18.43
C GLY D 181 -22.47 25.35 -18.00
N ALA D 182 -21.71 24.38 -17.47
CA ALA D 182 -20.34 24.66 -17.06
C ALA D 182 -19.47 25.06 -18.28
N ALA D 183 -19.70 24.39 -19.42
CA ALA D 183 -18.98 24.69 -20.65
C ALA D 183 -19.24 26.13 -21.10
N LEU D 184 -20.50 26.53 -21.02
CA LEU D 184 -20.89 27.89 -21.38
C LEU D 184 -20.22 28.93 -20.48
N ARG D 185 -20.16 28.67 -19.18
CA ARG D 185 -19.46 29.60 -18.26
C ARG D 185 -17.97 29.68 -18.55
N ALA D 186 -17.35 28.54 -18.87
CA ALA D 186 -15.95 28.54 -19.27
C ALA D 186 -15.71 29.31 -20.60
N GLU D 187 -16.64 29.19 -21.55
CA GLU D 187 -16.56 29.92 -22.81
C GLU D 187 -16.67 31.41 -22.56
N GLU D 188 -17.61 31.75 -21.67
CA GLU D 188 -17.79 33.14 -21.29
C GLU D 188 -16.50 33.72 -20.68
N GLU D 189 -15.79 32.96 -19.84
CA GLU D 189 -14.49 33.42 -19.30
C GLU D 189 -13.29 33.36 -20.28
N GLY D 190 -13.51 32.96 -21.54
CA GLY D 190 -12.41 32.82 -22.52
C GLY D 190 -11.42 31.65 -22.27
N LEU D 191 -11.84 30.67 -21.49
CA LEU D 191 -10.98 29.55 -21.08
C LEU D 191 -11.04 28.35 -22.02
N LEU D 192 -12.13 28.22 -22.79
CA LEU D 192 -12.22 27.17 -23.78
C LEU D 192 -13.28 27.49 -24.80
N ARG D 193 -13.33 26.64 -25.79
CA ARG D 193 -14.33 26.65 -26.78
C ARG D 193 -14.77 25.20 -26.89
N VAL D 194 -16.07 24.93 -26.93
CA VAL D 194 -16.57 23.61 -27.25
C VAL D 194 -16.55 23.45 -28.74
N THR D 195 -15.57 22.65 -29.20
CA THR D 195 -15.34 22.45 -30.63
C THR D 195 -16.12 21.26 -31.19
N GLY D 196 -16.64 20.38 -30.33
CA GLY D 196 -17.43 19.24 -30.82
C GLY D 196 -18.38 18.63 -29.81
N LEU D 197 -19.37 17.92 -30.33
CA LEU D 197 -20.31 17.14 -29.56
C LEU D 197 -20.30 15.77 -30.24
N TRP D 198 -20.09 14.73 -29.45
CA TRP D 198 -19.94 13.42 -30.04
C TRP D 198 -20.43 12.28 -29.20
N SER D 199 -20.55 11.14 -29.84
CA SER D 199 -20.92 9.92 -29.15
C SER D 199 -20.39 8.69 -29.89
N HIS D 200 -20.82 7.50 -29.50
CA HIS D 200 -20.30 6.23 -30.06
C HIS D 200 -21.38 5.18 -29.97
N PHE D 201 -21.56 4.40 -31.05
CA PHE D 201 -22.57 3.33 -31.13
C PHE D 201 -22.21 2.01 -30.44
N ALA D 202 -23.23 1.35 -29.89
CA ALA D 202 -23.04 0.03 -29.26
C ALA D 202 -23.10 -1.11 -30.24
N CYS D 203 -24.04 -1.03 -31.16
CA CYS D 203 -24.40 -2.18 -32.01
C CYS D 203 -24.42 -1.92 -33.53
N ALA D 204 -23.65 -0.94 -33.99
CA ALA D 204 -23.70 -0.56 -35.43
C ALA D 204 -23.22 -1.67 -36.38
N ASP D 205 -22.47 -2.65 -35.84
CA ASP D 205 -22.01 -3.81 -36.62
C ASP D 205 -23.08 -4.85 -36.84
N GLU D 206 -24.26 -4.68 -36.21
CA GLU D 206 -25.44 -5.52 -36.41
C GLU D 206 -26.55 -4.69 -37.11
N PRO D 207 -26.60 -4.71 -38.44
CA PRO D 207 -27.50 -3.77 -39.14
C PRO D 207 -28.95 -3.99 -38.73
N GLY D 208 -29.66 -2.89 -38.53
CA GLY D 208 -31.04 -2.91 -38.02
C GLY D 208 -31.24 -3.16 -36.54
N HIS D 209 -30.16 -3.33 -35.76
CA HIS D 209 -30.31 -3.44 -34.31
C HIS D 209 -31.04 -2.18 -33.77
N PRO D 210 -32.10 -2.35 -32.96
CA PRO D 210 -32.93 -1.18 -32.57
C PRO D 210 -32.16 -0.10 -31.81
N SER D 211 -31.10 -0.51 -31.09
CA SER D 211 -30.28 0.46 -30.36
C SER D 211 -29.66 1.52 -31.26
N ILE D 212 -29.47 1.23 -32.55
CA ILE D 212 -28.81 2.17 -33.45
C ILE D 212 -29.69 3.43 -33.68
N ALA D 213 -30.91 3.19 -34.12
CA ALA D 213 -31.91 4.31 -34.19
C ALA D 213 -32.12 5.05 -32.87
N ALA D 214 -32.15 4.29 -31.77
CA ALA D 214 -32.33 4.89 -30.45
C ALA D 214 -31.21 5.81 -30.07
N GLN D 215 -29.97 5.37 -30.37
CA GLN D 215 -28.85 6.24 -30.10
CA GLN D 215 -28.77 6.19 -30.17
C GLN D 215 -28.84 7.44 -31.02
N LEU D 216 -29.19 7.28 -32.27
CA LEU D 216 -29.19 8.47 -33.19
C LEU D 216 -30.22 9.51 -32.73
N THR D 217 -31.37 9.03 -32.28
CA THR D 217 -32.43 9.95 -31.78
C THR D 217 -31.93 10.73 -30.57
N ARG D 218 -31.35 10.00 -29.60
CA ARG D 218 -30.83 10.65 -28.41
CA ARG D 218 -30.85 10.62 -28.41
C ARG D 218 -29.68 11.59 -28.75
N PHE D 219 -28.81 11.18 -29.69
CA PHE D 219 -27.72 12.07 -30.14
C PHE D 219 -28.26 13.40 -30.69
N ARG D 220 -29.27 13.31 -31.55
CA ARG D 220 -29.93 14.52 -32.13
C ARG D 220 -30.57 15.40 -31.02
N GLU D 221 -31.23 14.76 -30.06
CA GLU D 221 -31.82 15.45 -28.91
C GLU D 221 -30.78 16.15 -28.06
N MET D 222 -29.71 15.44 -27.67
CA MET D 222 -28.72 16.02 -26.80
CA MET D 222 -28.69 16.01 -26.80
C MET D 222 -27.92 17.15 -27.48
N THR D 223 -27.60 16.98 -28.77
CA THR D 223 -26.84 18.01 -29.48
C THR D 223 -27.72 19.25 -29.76
N ALA D 224 -29.00 19.02 -30.08
CA ALA D 224 -29.99 20.14 -30.23
C ALA D 224 -30.08 20.97 -28.95
N TYR D 225 -30.21 20.29 -27.82
CA TYR D 225 -30.20 20.92 -26.51
C TYR D 225 -28.94 21.76 -26.27
N ALA D 226 -27.75 21.18 -26.52
CA ALA D 226 -26.49 21.93 -26.34
C ALA D 226 -26.40 23.18 -27.21
N GLU D 227 -26.89 23.07 -28.44
CA GLU D 227 -26.85 24.20 -29.37
C GLU D 227 -27.89 25.30 -29.00
N GLN D 228 -29.09 24.89 -28.61
CA GLN D 228 -30.09 25.80 -28.04
C GLN D 228 -29.59 26.60 -26.88
N ARG D 229 -28.85 25.95 -25.97
CA ARG D 229 -28.26 26.65 -24.84
C ARG D 229 -27.13 27.61 -25.26
N GLY D 230 -26.59 27.46 -26.46
CA GLY D 230 -25.60 28.41 -26.98
C GLY D 230 -24.28 27.85 -27.51
N LEU D 231 -24.04 26.54 -27.33
CA LEU D 231 -22.80 25.95 -27.84
C LEU D 231 -22.82 25.90 -29.38
N ARG D 232 -21.65 26.13 -29.97
CA ARG D 232 -21.49 26.21 -31.42
C ARG D 232 -20.32 25.35 -31.88
N PRO D 233 -20.52 24.02 -31.91
CA PRO D 233 -19.39 23.16 -32.22
C PRO D 233 -19.03 23.21 -33.69
N GLU D 234 -17.76 23.00 -34.02
CA GLU D 234 -17.34 22.81 -35.42
C GLU D 234 -17.83 21.48 -35.95
N VAL D 235 -17.80 20.43 -35.11
CA VAL D 235 -18.20 19.09 -35.55
C VAL D 235 -19.14 18.36 -34.58
N ARG D 236 -20.02 17.57 -35.18
CA ARG D 236 -20.88 16.67 -34.49
C ARG D 236 -20.49 15.30 -35.08
N HIS D 237 -20.27 14.26 -34.27
CA HIS D 237 -19.91 12.94 -34.82
C HIS D 237 -20.30 11.78 -33.92
N ILE D 238 -20.68 10.71 -34.54
CA ILE D 238 -20.99 9.47 -33.89
C ILE D 238 -20.62 8.17 -34.66
N ALA D 239 -20.16 8.23 -35.91
CA ALA D 239 -20.05 7.03 -36.74
C ALA D 239 -18.66 6.39 -36.68
N ASN D 240 -18.66 5.13 -36.27
CA ASN D 240 -17.47 4.26 -36.32
C ASN D 240 -17.48 3.57 -37.67
N SER D 241 -16.65 2.53 -37.87
CA SER D 241 -16.60 1.83 -39.18
C SER D 241 -17.89 1.25 -39.65
N PRO D 242 -18.55 0.40 -38.86
CA PRO D 242 -19.74 -0.20 -39.35
C PRO D 242 -20.86 0.84 -39.65
N ALA D 243 -20.97 1.89 -38.85
CA ALA D 243 -21.89 3.03 -39.17
C ALA D 243 -21.46 3.81 -40.46
N THR D 244 -20.16 4.11 -40.60
CA THR D 244 -19.66 4.77 -41.78
C THR D 244 -20.05 4.00 -43.05
N LEU D 245 -19.93 2.67 -43.01
CA LEU D 245 -20.16 1.85 -44.16
C LEU D 245 -21.62 1.59 -44.48
N THR D 246 -22.50 1.68 -43.48
CA THR D 246 -23.90 1.26 -43.64
C THR D 246 -24.96 2.33 -43.32
N LEU D 247 -24.59 3.47 -42.74
CA LEU D 247 -25.55 4.45 -42.17
C LEU D 247 -25.23 5.87 -42.55
N PRO D 248 -25.54 6.25 -43.80
CA PRO D 248 -25.28 7.65 -44.20
C PRO D 248 -25.93 8.73 -43.31
N ASP D 249 -27.07 8.43 -42.68
CA ASP D 249 -27.73 9.38 -41.77
C ASP D 249 -26.91 9.65 -40.51
N ALA D 250 -25.92 8.78 -40.22
CA ALA D 250 -25.03 8.92 -39.08
C ALA D 250 -23.69 9.58 -39.38
N HIS D 251 -23.50 10.07 -40.62
CA HIS D 251 -22.23 10.72 -40.97
C HIS D 251 -21.99 12.07 -40.37
N PHE D 252 -23.01 12.91 -40.28
CA PHE D 252 -22.81 14.21 -39.71
C PHE D 252 -21.63 14.97 -40.26
N ASP D 253 -20.82 15.59 -39.44
CA ASP D 253 -19.74 16.40 -39.95
C ASP D 253 -18.39 15.64 -40.07
N LEU D 254 -18.32 14.45 -39.47
CA LEU D 254 -17.06 13.77 -39.21
C LEU D 254 -17.35 12.31 -38.99
N VAL D 255 -16.59 11.43 -39.66
CA VAL D 255 -16.71 9.98 -39.46
C VAL D 255 -15.40 9.39 -38.92
N ARG D 256 -15.49 8.32 -38.13
CA ARG D 256 -14.30 7.78 -37.43
C ARG D 256 -14.16 6.28 -37.75
N PRO D 257 -13.87 5.93 -39.02
CA PRO D 257 -13.84 4.54 -39.42
C PRO D 257 -12.47 3.86 -39.14
N GLY D 258 -12.25 3.42 -37.88
CA GLY D 258 -11.01 2.84 -37.45
C GLY D 258 -10.63 1.53 -38.15
N ILE D 259 -11.32 0.44 -37.83
CA ILE D 259 -10.97 -0.90 -38.36
C ILE D 259 -10.97 -0.95 -39.90
N ALA D 260 -11.93 -0.27 -40.53
CA ALA D 260 -11.98 -0.19 -41.97
C ALA D 260 -10.76 0.50 -42.59
N MET D 261 -10.20 1.49 -41.95
CA MET D 261 -9.02 2.19 -42.45
C MET D 261 -7.86 1.15 -42.56
N TYR D 262 -7.87 0.17 -41.66
CA TYR D 262 -6.84 -0.90 -41.73
C TYR D 262 -7.26 -2.01 -42.65
N GLY D 263 -8.35 -1.83 -43.39
CA GLY D 263 -8.79 -2.75 -44.38
C GLY D 263 -9.50 -3.98 -43.97
N VAL D 264 -9.96 -3.97 -42.72
CA VAL D 264 -10.58 -5.14 -42.13
C VAL D 264 -12.07 -4.76 -41.90
N SER D 265 -12.92 -5.66 -42.26
CA SER D 265 -14.35 -5.40 -42.11
C SER D 265 -14.72 -5.51 -40.63
N PRO D 266 -15.58 -4.64 -40.15
CA PRO D 266 -16.02 -4.73 -38.75
C PRO D 266 -16.71 -6.03 -38.39
N SER D 267 -17.41 -6.64 -39.33
CA SER D 267 -17.95 -7.99 -39.12
C SER D 267 -18.37 -8.64 -40.41
N PRO D 268 -18.36 -9.97 -40.49
CA PRO D 268 -18.92 -10.63 -41.68
C PRO D 268 -20.38 -10.23 -41.97
N GLU D 269 -21.14 -9.89 -40.93
CA GLU D 269 -22.51 -9.39 -41.09
C GLU D 269 -22.55 -8.07 -41.90
N ILE D 270 -21.59 -7.18 -41.67
CA ILE D 270 -21.42 -5.94 -42.46
C ILE D 270 -20.90 -6.24 -43.90
N GLY D 271 -19.89 -7.10 -44.05
CA GLY D 271 -19.43 -7.60 -45.35
C GLY D 271 -17.92 -7.93 -45.32
N THR D 272 -17.34 -8.14 -46.49
CA THR D 272 -15.90 -8.38 -46.67
C THR D 272 -15.22 -7.05 -46.99
N PRO D 273 -13.89 -6.99 -46.84
CA PRO D 273 -13.20 -5.78 -47.25
C PRO D 273 -13.46 -5.43 -48.70
N ALA D 274 -13.44 -6.42 -49.57
CA ALA D 274 -13.66 -6.24 -51.02
C ALA D 274 -15.03 -5.61 -51.30
N ASP D 275 -16.06 -5.96 -50.53
CA ASP D 275 -17.40 -5.30 -50.69
C ASP D 275 -17.34 -3.79 -50.60
N PHE D 276 -16.41 -3.25 -49.81
CA PHE D 276 -16.29 -1.83 -49.59
C PHE D 276 -15.09 -1.17 -50.26
N GLY D 277 -14.44 -1.86 -51.17
CA GLY D 277 -13.24 -1.34 -51.85
C GLY D 277 -12.01 -1.26 -50.95
N LEU D 278 -11.97 -2.12 -49.92
CA LEU D 278 -10.94 -2.07 -48.90
C LEU D 278 -9.94 -3.22 -49.11
N ARG D 279 -8.75 -3.01 -48.59
CA ARG D 279 -7.72 -4.07 -48.62
C ARG D 279 -6.98 -4.09 -47.26
N PRO D 280 -6.90 -5.30 -46.61
CA PRO D 280 -6.15 -5.42 -45.32
C PRO D 280 -4.74 -4.87 -45.42
N VAL D 281 -4.37 -4.11 -44.45
CA VAL D 281 -3.11 -3.40 -44.36
C VAL D 281 -1.97 -4.26 -43.82
N MET D 282 -2.30 -5.16 -42.89
CA MET D 282 -1.27 -5.96 -42.22
C MET D 282 -1.16 -7.38 -42.80
N THR D 283 0.08 -7.79 -43.05
CA THR D 283 0.44 -9.17 -43.39
C THR D 283 1.40 -9.60 -42.27
N LEU D 284 1.03 -10.69 -41.62
CA LEU D 284 1.86 -11.29 -40.58
C LEU D 284 2.48 -12.62 -41.06
N ALA D 285 3.81 -12.69 -41.02
CA ALA D 285 4.53 -13.83 -41.54
C ALA D 285 5.68 -14.16 -40.69
N ALA D 286 6.20 -15.41 -40.80
CA ALA D 286 7.33 -15.82 -40.07
C ALA D 286 8.15 -16.77 -40.94
N SER D 287 9.33 -17.06 -40.47
CA SER D 287 10.26 -17.98 -41.14
C SER D 287 10.34 -19.26 -40.34
N LEU D 288 10.15 -20.42 -40.99
CA LEU D 288 10.15 -21.69 -40.24
C LEU D 288 11.47 -21.87 -39.52
N ALA D 289 11.43 -22.30 -38.27
CA ALA D 289 12.64 -22.52 -37.43
C ALA D 289 13.12 -23.95 -37.53
N LEU D 290 12.27 -24.87 -37.93
CA LEU D 290 12.59 -26.31 -37.92
C LEU D 290 11.61 -27.03 -38.82
N VAL D 291 12.11 -28.01 -39.59
CA VAL D 291 11.27 -28.89 -40.32
C VAL D 291 11.84 -30.27 -40.07
N LYS D 292 11.02 -31.16 -39.50
CA LYS D 292 11.59 -32.45 -39.12
C LYS D 292 10.60 -33.54 -39.39
N GLN D 293 11.17 -34.75 -39.65
CA GLN D 293 10.32 -35.92 -39.76
C GLN D 293 10.13 -36.59 -38.37
N VAL D 294 8.90 -37.04 -38.14
CA VAL D 294 8.52 -37.70 -36.93
C VAL D 294 7.69 -38.90 -37.24
N PRO D 295 7.72 -39.89 -36.38
CA PRO D 295 6.89 -41.04 -36.62
C PRO D 295 5.47 -40.78 -36.23
N GLY D 296 4.63 -41.71 -36.56
CA GLY D 296 3.30 -41.78 -36.02
C GLY D 296 3.27 -41.90 -34.48
N GLY D 297 2.17 -41.55 -33.89
CA GLY D 297 1.95 -41.67 -32.46
C GLY D 297 2.75 -40.67 -31.63
N HIS D 298 3.25 -39.60 -32.27
CA HIS D 298 4.08 -38.58 -31.57
C HIS D 298 3.13 -37.48 -31.14
N GLY D 299 3.02 -37.25 -29.83
CA GLY D 299 2.25 -36.08 -29.33
C GLY D 299 2.89 -34.81 -29.82
N VAL D 300 2.11 -33.69 -29.88
CA VAL D 300 2.73 -32.41 -30.25
CA VAL D 300 2.64 -32.41 -30.34
C VAL D 300 2.16 -31.31 -29.37
N SER D 301 3.12 -30.61 -28.78
CA SER D 301 2.88 -29.47 -27.93
C SER D 301 2.21 -29.77 -26.59
N TYR D 302 1.97 -28.75 -25.78
CA TYR D 302 1.48 -29.00 -24.43
C TYR D 302 0.17 -29.70 -24.35
N GLY D 303 0.08 -30.64 -23.40
CA GLY D 303 -1.11 -31.43 -23.25
C GLY D 303 -1.34 -32.49 -24.32
N HIS D 304 -0.48 -32.55 -25.33
CA HIS D 304 -0.62 -33.54 -26.40
C HIS D 304 -2.02 -33.55 -26.91
N HIS D 305 -2.51 -32.39 -27.29
CA HIS D 305 -3.88 -32.28 -27.87
C HIS D 305 -3.88 -32.66 -29.36
N TYR D 306 -2.72 -32.87 -29.94
CA TYR D 306 -2.58 -33.50 -31.26
C TYR D 306 -1.57 -34.64 -31.14
N THR D 307 -1.87 -35.70 -31.83
CA THR D 307 -0.93 -36.81 -32.05
C THR D 307 -0.84 -37.13 -33.54
N THR D 308 0.37 -37.27 -34.02
CA THR D 308 0.63 -37.54 -35.44
C THR D 308 -0.04 -38.90 -35.77
N PRO D 309 -0.76 -38.95 -36.90
CA PRO D 309 -1.52 -40.19 -37.20
C PRO D 309 -0.63 -41.23 -37.83
N GLY D 310 0.46 -40.82 -38.43
CA GLY D 310 1.42 -41.64 -39.06
C GLY D 310 2.67 -40.87 -39.23
N GLU D 311 3.65 -41.45 -39.89
CA GLU D 311 4.92 -40.79 -40.17
C GLU D 311 4.63 -39.47 -40.98
N THR D 312 5.22 -38.37 -40.55
CA THR D 312 4.89 -37.04 -41.15
C THR D 312 6.04 -36.08 -40.92
N THR D 313 5.86 -34.82 -41.35
CA THR D 313 6.84 -33.80 -41.13
C THR D 313 6.10 -32.68 -40.33
N LEU D 314 6.85 -32.15 -39.42
CA LEU D 314 6.35 -31.00 -38.59
C LEU D 314 7.17 -29.77 -38.96
N GLY D 315 6.48 -28.60 -38.96
CA GLY D 315 7.13 -27.35 -39.12
C GLY D 315 6.92 -26.51 -37.89
N LEU D 316 7.98 -25.87 -37.46
CA LEU D 316 7.93 -24.99 -36.23
C LEU D 316 7.85 -23.56 -36.67
N VAL D 317 6.74 -22.93 -36.33
CA VAL D 317 6.53 -21.50 -36.67
C VAL D 317 6.89 -20.71 -35.41
N PRO D 318 7.86 -19.82 -35.49
CA PRO D 318 8.43 -19.18 -34.30
C PRO D 318 7.67 -17.89 -33.86
N LEU D 319 6.39 -18.02 -33.76
CA LEU D 319 5.50 -17.00 -33.15
C LEU D 319 4.61 -17.71 -32.17
N GLY D 320 4.33 -17.06 -31.04
CA GLY D 320 3.47 -17.67 -30.02
C GLY D 320 2.57 -16.61 -29.38
N TYR D 321 1.91 -16.98 -28.28
CA TYR D 321 0.98 -16.03 -27.68
C TYR D 321 1.60 -14.78 -27.15
N ALA D 322 2.88 -14.80 -26.77
CA ALA D 322 3.58 -13.53 -26.39
C ALA D 322 3.67 -12.59 -27.56
N ASP D 323 3.66 -13.14 -28.79
CA ASP D 323 3.66 -12.33 -30.02
C ASP D 323 2.27 -11.96 -30.45
N GLY D 324 1.21 -12.32 -29.71
CA GLY D 324 -0.13 -12.11 -30.14
C GLY D 324 -0.84 -13.14 -30.98
N ILE D 325 -0.23 -14.33 -31.09
CA ILE D 325 -0.91 -15.45 -31.63
C ILE D 325 -1.83 -16.00 -30.52
N PRO D 326 -3.13 -15.79 -30.63
CA PRO D 326 -4.02 -16.16 -29.49
C PRO D 326 -4.01 -17.63 -29.16
N ARG D 327 -3.82 -17.92 -27.88
CA ARG D 327 -3.85 -19.28 -27.41
C ARG D 327 -5.14 -19.96 -27.74
N HIS D 328 -6.26 -19.18 -27.80
CA HIS D 328 -7.51 -19.74 -28.19
C HIS D 328 -7.56 -20.37 -29.62
N ALA D 329 -6.62 -20.03 -30.50
CA ALA D 329 -6.53 -20.61 -31.80
C ALA D 329 -5.79 -21.95 -31.87
N SER D 330 -5.47 -22.49 -30.65
CA SER D 330 -4.80 -23.78 -30.58
C SER D 330 -5.67 -24.80 -31.36
N SER D 331 -5.00 -25.67 -32.09
CA SER D 331 -5.63 -26.66 -32.93
C SER D 331 -6.45 -26.12 -34.08
N SER D 332 -6.46 -24.81 -34.31
CA SER D 332 -7.33 -24.27 -35.41
C SER D 332 -6.73 -23.18 -36.28
N GLY D 333 -5.76 -22.43 -35.78
CA GLY D 333 -5.30 -21.26 -36.51
C GLY D 333 -4.74 -21.67 -37.87
N PRO D 334 -5.06 -20.85 -38.91
CA PRO D 334 -4.61 -21.27 -40.26
C PRO D 334 -3.35 -20.54 -40.66
N VAL D 335 -2.49 -21.21 -41.43
CA VAL D 335 -1.18 -20.66 -41.83
CA VAL D 335 -1.23 -20.60 -41.87
C VAL D 335 -0.80 -21.23 -43.20
N LEU D 336 -0.42 -20.36 -44.12
CA LEU D 336 0.05 -20.78 -45.45
C LEU D 336 1.51 -21.14 -45.38
N VAL D 337 1.85 -22.38 -45.68
CA VAL D 337 3.21 -22.80 -45.70
C VAL D 337 3.44 -23.78 -46.92
N ASP D 338 4.46 -23.50 -47.70
CA ASP D 338 4.88 -24.38 -48.82
C ASP D 338 3.69 -24.73 -49.72
N GLY D 339 2.95 -23.70 -50.12
CA GLY D 339 1.84 -23.83 -51.04
C GLY D 339 0.49 -24.35 -50.57
N LYS D 340 0.29 -24.65 -49.28
CA LYS D 340 -0.98 -25.13 -48.77
C LYS D 340 -1.30 -24.47 -47.41
N TRP D 341 -2.57 -24.38 -47.07
CA TRP D 341 -2.97 -23.95 -45.76
C TRP D 341 -2.75 -25.11 -44.82
N ARG D 342 -2.10 -24.81 -43.71
CA ARG D 342 -1.90 -25.69 -42.61
C ARG D 342 -2.70 -25.15 -41.43
N THR D 343 -2.94 -25.98 -40.44
CA THR D 343 -3.56 -25.56 -39.19
C THR D 343 -2.62 -25.89 -38.03
N VAL D 344 -2.71 -25.06 -37.00
CA VAL D 344 -1.97 -25.26 -35.79
C VAL D 344 -2.23 -26.66 -35.27
N ALA D 345 -1.14 -27.36 -34.93
CA ALA D 345 -1.22 -28.70 -34.35
C ALA D 345 -1.10 -28.59 -32.83
N GLY D 346 -2.22 -28.78 -32.14
CA GLY D 346 -2.24 -28.67 -30.66
C GLY D 346 -2.05 -27.28 -30.14
N ARG D 347 -1.54 -27.20 -28.94
CA ARG D 347 -1.39 -25.94 -28.25
C ARG D 347 -0.33 -24.94 -28.74
N ILE D 348 -0.74 -23.70 -28.81
CA ILE D 348 0.16 -22.62 -29.13
C ILE D 348 0.92 -22.36 -27.85
N ALA D 349 2.22 -22.25 -27.95
CA ALA D 349 3.08 -21.93 -26.81
C ALA D 349 3.35 -20.43 -26.76
N MET D 350 4.15 -20.00 -25.79
CA MET D 350 4.42 -18.58 -25.61
C MET D 350 5.17 -17.97 -26.83
N ASP D 351 6.03 -18.77 -27.48
CA ASP D 351 6.94 -18.23 -28.50
C ASP D 351 6.86 -18.97 -29.87
N GLN D 352 6.04 -19.99 -29.95
CA GLN D 352 6.05 -20.88 -31.12
C GLN D 352 4.85 -21.73 -31.17
N PHE D 353 4.59 -22.31 -32.35
CA PHE D 353 3.60 -23.34 -32.48
C PHE D 353 4.05 -24.22 -33.65
N VAL D 354 3.41 -25.37 -33.75
CA VAL D 354 3.72 -26.40 -34.74
C VAL D 354 2.61 -26.54 -35.74
N VAL D 355 2.96 -26.91 -36.99
CA VAL D 355 1.99 -27.39 -37.93
C VAL D 355 2.47 -28.77 -38.48
N ASP D 356 1.50 -29.60 -38.75
CA ASP D 356 1.76 -30.91 -39.43
C ASP D 356 1.81 -30.61 -40.93
N LEU D 357 2.98 -30.80 -41.53
CA LEU D 357 3.20 -30.52 -42.95
C LEU D 357 2.90 -31.73 -43.84
N GLY D 358 2.44 -32.83 -43.24
CA GLY D 358 1.88 -34.00 -44.02
C GLY D 358 2.92 -34.65 -44.92
N GLY D 359 4.20 -34.48 -44.63
CA GLY D 359 5.29 -35.06 -45.43
C GLY D 359 6.04 -34.04 -46.25
N ASP D 360 5.49 -32.85 -46.44
CA ASP D 360 6.19 -31.82 -47.24
C ASP D 360 7.46 -31.44 -46.50
N ARG D 361 8.47 -31.05 -47.25
CA ARG D 361 9.75 -30.70 -46.73
C ARG D 361 10.23 -29.35 -47.25
N PRO D 362 9.53 -28.27 -46.86
CA PRO D 362 10.10 -26.97 -47.11
C PRO D 362 11.42 -26.83 -46.39
N GLU D 363 12.23 -25.90 -46.82
CA GLU D 363 13.50 -25.57 -46.22
C GLU D 363 13.24 -24.82 -44.92
N PRO D 364 14.09 -25.04 -43.91
CA PRO D 364 14.09 -24.11 -42.78
C PRO D 364 14.26 -22.70 -43.29
N GLY D 365 13.56 -21.77 -42.66
CA GLY D 365 13.57 -20.44 -43.12
C GLY D 365 12.52 -20.13 -44.16
N ALA D 366 11.72 -21.12 -44.56
CA ALA D 366 10.68 -20.91 -45.57
C ALA D 366 9.60 -20.06 -44.96
N GLU D 367 8.99 -19.25 -45.78
CA GLU D 367 7.92 -18.34 -45.30
C GLU D 367 6.62 -19.06 -44.87
N ALA D 368 6.10 -18.70 -43.70
CA ALA D 368 4.79 -19.12 -43.22
C ALA D 368 3.96 -17.86 -43.13
N VAL D 369 2.89 -17.76 -43.88
CA VAL D 369 2.09 -16.53 -43.88
C VAL D 369 0.82 -16.77 -43.06
N LEU D 370 0.74 -16.09 -41.91
CA LEU D 370 -0.36 -16.33 -41.00
C LEU D 370 -1.63 -15.62 -41.47
N PHE D 371 -1.48 -14.39 -41.88
CA PHE D 371 -2.59 -13.66 -42.47
C PHE D 371 -2.12 -12.49 -43.28
N GLY D 372 -3.04 -12.04 -44.14
CA GLY D 372 -2.81 -10.88 -45.01
C GLY D 372 -4.09 -10.54 -45.76
N PRO D 373 -3.93 -9.86 -46.90
CA PRO D 373 -5.12 -9.40 -47.63
C PRO D 373 -5.83 -10.58 -48.33
N GLY D 374 -5.10 -11.64 -48.66
CA GLY D 374 -5.70 -12.94 -49.07
C GLY D 374 -5.50 -13.29 -50.51
N ASP D 375 -4.95 -12.35 -51.28
CA ASP D 375 -4.81 -12.59 -52.73
C ASP D 375 -3.68 -13.53 -53.10
N ARG D 376 -2.75 -13.82 -52.17
CA ARG D 376 -1.73 -14.83 -52.41
CA ARG D 376 -1.72 -14.82 -52.40
C ARG D 376 -2.13 -16.20 -51.81
N GLY D 377 -3.42 -16.41 -51.59
CA GLY D 377 -3.92 -17.67 -51.03
C GLY D 377 -3.70 -17.81 -49.52
N GLU D 378 -3.33 -16.74 -48.86
CA GLU D 378 -3.06 -16.81 -47.39
C GLU D 378 -4.37 -16.56 -46.65
N PRO D 379 -4.43 -16.88 -45.33
CA PRO D 379 -5.60 -16.55 -44.55
C PRO D 379 -5.68 -15.06 -44.29
N THR D 380 -6.84 -14.59 -43.79
CA THR D 380 -6.99 -13.23 -43.35
C THR D 380 -7.07 -13.12 -41.82
N ALA D 381 -7.00 -11.93 -41.31
CA ALA D 381 -7.20 -11.66 -39.87
C ALA D 381 -8.56 -12.17 -39.41
N GLU D 382 -9.57 -12.09 -40.28
CA GLU D 382 -10.88 -12.64 -39.96
C GLU D 382 -10.88 -14.14 -39.79
N ASP D 383 -10.15 -14.90 -40.62
CA ASP D 383 -9.97 -16.33 -40.40
C ASP D 383 -9.34 -16.66 -38.99
N TRP D 384 -8.40 -15.84 -38.57
CA TRP D 384 -7.83 -16.01 -37.22
C TRP D 384 -8.84 -15.65 -36.11
N ALA D 385 -9.59 -14.57 -36.33
CA ALA D 385 -10.65 -14.22 -35.37
C ALA D 385 -11.63 -15.39 -35.17
N GLN D 386 -12.07 -16.00 -36.26
CA GLN D 386 -12.99 -17.13 -36.14
C GLN D 386 -12.31 -18.31 -35.43
N ALA D 387 -11.08 -18.60 -35.78
CA ALA D 387 -10.31 -19.69 -35.13
C ALA D 387 -10.13 -19.45 -33.62
N ALA D 388 -9.99 -18.20 -33.22
CA ALA D 388 -9.78 -17.81 -31.86
C ALA D 388 -11.04 -17.42 -31.07
N GLY D 389 -12.21 -17.57 -31.68
CA GLY D 389 -13.45 -17.12 -31.01
C GLY D 389 -13.52 -15.64 -30.67
N THR D 390 -12.95 -14.78 -31.53
CA THR D 390 -12.91 -13.36 -31.23
C THR D 390 -13.26 -12.55 -32.50
N ILE D 391 -12.86 -11.30 -32.48
CA ILE D 391 -13.12 -10.38 -33.57
C ILE D 391 -11.76 -9.97 -34.14
N ALA D 392 -11.77 -9.62 -35.42
CA ALA D 392 -10.52 -9.24 -36.14
C ALA D 392 -9.86 -8.04 -35.58
N TYR D 393 -10.62 -7.12 -34.96
CA TYR D 393 -10.01 -6.03 -34.22
C TYR D 393 -8.95 -6.52 -33.23
N GLU D 394 -9.26 -7.57 -32.46
CA GLU D 394 -8.40 -8.03 -31.40
C GLU D 394 -7.15 -8.72 -31.98
N ILE D 395 -7.34 -9.42 -33.06
CA ILE D 395 -6.23 -10.13 -33.76
C ILE D 395 -5.18 -9.11 -34.17
N VAL D 396 -5.56 -8.07 -34.92
CA VAL D 396 -4.53 -7.14 -35.44
C VAL D 396 -3.96 -6.26 -34.35
N THR D 397 -4.82 -5.86 -33.38
CA THR D 397 -4.41 -4.90 -32.38
C THR D 397 -3.43 -5.44 -31.35
N ARG D 398 -3.51 -6.75 -31.09
CA ARG D 398 -2.69 -7.37 -30.07
C ARG D 398 -1.48 -8.09 -30.59
N ILE D 399 -1.14 -7.86 -31.87
CA ILE D 399 0.14 -8.37 -32.37
C ILE D 399 1.24 -7.70 -31.55
N GLY D 400 2.08 -8.53 -30.97
CA GLY D 400 2.99 -8.12 -29.90
C GLY D 400 4.11 -7.19 -30.33
N SER D 401 4.68 -6.50 -29.38
CA SER D 401 5.80 -5.59 -29.68
C SER D 401 7.10 -6.35 -30.05
N ARG D 402 7.17 -7.62 -29.75
CA ARG D 402 8.26 -8.44 -30.19
C ARG D 402 8.27 -8.73 -31.72
N VAL D 403 7.17 -8.42 -32.42
CA VAL D 403 7.05 -8.64 -33.87
C VAL D 403 7.38 -7.28 -34.50
N PRO D 404 8.48 -7.21 -35.23
CA PRO D 404 8.79 -5.91 -35.86
C PRO D 404 7.85 -5.58 -36.96
N ARG D 405 7.49 -4.31 -37.09
CA ARG D 405 6.71 -3.80 -38.21
C ARG D 405 7.67 -3.38 -39.31
N VAL D 406 7.29 -3.70 -40.52
CA VAL D 406 8.02 -3.30 -41.75
C VAL D 406 7.05 -2.53 -42.63
N TYR D 407 7.35 -1.28 -42.88
CA TYR D 407 6.48 -0.42 -43.65
C TYR D 407 6.81 -0.43 -45.14
N VAL D 408 5.81 -0.69 -45.95
CA VAL D 408 5.98 -0.66 -47.38
C VAL D 408 5.16 0.48 -47.96
N ASN D 409 5.63 1.02 -49.09
CA ASN D 409 4.89 2.07 -49.81
C ASN D 409 4.60 3.34 -48.97
N GLU D 410 5.54 3.71 -48.13
CA GLU D 410 5.47 4.90 -47.31
C GLU D 410 5.30 6.17 -48.15
N1 PLP E . 13.99 -7.20 21.65
C2 PLP E . 13.64 -6.80 22.88
C2A PLP E . 14.04 -7.58 24.08
C3 PLP E . 12.84 -5.63 23.08
O3 PLP E . 12.48 -5.26 24.30
C4 PLP E . 12.45 -4.90 21.88
C4A PLP E . 11.59 -3.73 22.10
C5 PLP E . 12.93 -5.42 20.54
C6 PLP E . 13.74 -6.55 20.51
C5A PLP E . 12.72 -4.72 19.22
O4P PLP E . 13.52 -3.49 19.26
P PLP E . 13.51 -2.63 17.87
O1P PLP E . 13.57 -3.64 16.77
O2P PLP E . 14.54 -1.57 18.01
O3P PLP E . 12.06 -2.06 17.78
C1 PPI F . -5.61 22.58 27.77
C2 PPI F . -5.70 22.93 29.25
C3 PPI F . -5.63 21.59 29.92
O1 PPI F . -4.50 22.17 27.44
O2 PPI F . -6.61 22.67 27.01
NA NA G . 9.34 -7.62 15.01
NA NA H . 22.90 -6.81 27.12
N NO3 I . 1.94 -11.83 2.98
O1 NO3 I . 3.14 -11.83 3.06
O2 NO3 I . 1.28 -12.83 3.65
O3 NO3 I . 1.23 -10.85 2.30
C1 PPI J . 12.75 -0.64 23.50
C2 PPI J . 12.19 -0.75 22.10
C3 PPI J . 13.35 -1.34 21.35
O1 PPI J . 12.91 -1.61 24.28
O2 PPI J . 13.07 0.48 23.80
N1 PLP K . -11.41 25.05 30.07
C2 PLP K . -11.21 24.47 28.85
C2A PLP K . -11.90 24.91 27.59
C3 PLP K . -10.28 23.40 28.64
O3 PLP K . -10.05 22.86 27.42
C4 PLP K . -9.55 22.92 29.81
C4A PLP K . -8.64 21.77 29.48
C5 PLP K . -9.81 23.64 31.13
C6 PLP K . -10.72 24.74 31.17
C5A PLP K . -9.11 23.36 32.42
O4P PLP K . -7.73 23.90 32.29
P PLP K . -6.83 23.81 33.55
O1P PLP K . -6.45 22.23 33.64
O2P PLP K . -7.60 24.26 34.70
O3P PLP K . -5.61 24.59 33.15
NA NA L . 17.78 3.71 31.71
NA NA M . -10.03 32.98 23.78
C1 PPI N . -19.55 43.66 17.93
C2 PPI N . -19.54 42.18 18.14
C3 PPI N . -18.36 41.85 19.00
O1 PPI N . -18.75 44.13 17.09
O2 PPI N . -20.30 44.33 18.66
C1 PPI O . -13.56 0.77 39.55
C2 PPI O . -12.43 -0.08 40.10
C3 PPI O . -12.43 -0.02 41.62
O1 PPI O . -13.33 1.91 39.11
O2 PPI O . -14.73 0.31 39.55
C1 PPI P . -24.83 39.05 33.57
C2 PPI P . -25.49 37.68 33.41
C3 PPI P . -25.77 37.08 34.80
O1 PPI P . -24.50 39.77 32.60
O2 PPI P . -24.60 39.52 34.73
N NO3 Q . -16.51 15.23 50.12
O1 NO3 Q . -16.22 16.40 50.11
O2 NO3 Q . -17.69 14.92 49.49
O3 NO3 Q . -15.74 14.22 50.76
N1 PLP R . 11.96 -24.05 -20.80
C2 PLP R . 11.78 -23.61 -22.07
C2A PLP R . 12.49 -24.10 -23.26
C3 PLP R . 10.85 -22.56 -22.36
O3 PLP R . 10.69 -22.10 -23.65
C4 PLP R . 10.09 -22.04 -21.23
C4A PLP R . 9.16 -20.94 -21.57
C5 PLP R . 10.32 -22.61 -19.86
C6 PLP R . 11.28 -23.64 -19.73
C5A PLP R . 9.57 -22.17 -18.63
O4P PLP R . 8.27 -22.83 -18.60
P PLP R . 7.39 -22.54 -17.28
O1P PLP R . 6.26 -23.43 -17.53
O2P PLP R . 7.04 -21.05 -17.32
O3P PLP R . 8.28 -22.89 -16.07
C1 PPI S . -13.29 -1.16 -29.91
C2 PPI S . -12.76 -0.48 -31.13
C3 PPI S . -13.97 0.09 -31.80
O1 PPI S . -13.58 -2.36 -30.02
O2 PPI S . -13.42 -0.51 -28.87
NA NA T . 15.95 -30.27 -15.13
C1 PPI U . 6.03 -21.64 -23.16
C2 PPI U . 6.09 -21.06 -21.76
C3 PPI U . 6.47 -22.27 -20.95
O1 PPI U . 7.03 -22.04 -23.84
O2 PPI U . 4.87 -21.71 -23.53
N1 PLP V . -14.59 6.20 -32.04
C2 PLP V . -14.17 5.92 -30.76
C2A PLP V . -14.49 6.76 -29.55
C3 PLP V . -13.37 4.74 -30.47
O3 PLP V . -13.00 4.45 -29.21
C4 PLP V . -13.05 3.85 -31.62
C4A PLP V . -12.20 2.65 -31.38
C5 PLP V . -13.55 4.29 -32.97
C6 PLP V . -14.32 5.45 -33.11
C5A PLP V . -13.27 3.43 -34.16
O4P PLP V . -14.09 2.22 -34.06
P PLP V . -14.04 1.31 -35.35
O1P PLP V . -14.29 2.18 -36.57
O2P PLP V . -12.59 0.62 -35.32
O3P PLP V . -15.07 0.30 -35.44
C1 PPI W . -3.89 -30.16 -37.16
C2 PPI W . -2.42 -30.45 -37.35
C3 PPI W . -1.61 -29.43 -38.18
O1 PPI W . -4.68 -30.94 -37.80
O2 PPI W . -4.27 -29.17 -36.40
#